data_9COL
# 
_entry.id   9COL 
# 
_audit_conform.dict_name       mmcif_pdbx.dic 
_audit_conform.dict_version    5.404 
_audit_conform.dict_location   http://mmcif.pdb.org/dictionaries/ascii/mmcif_pdbx.dic 
# 
loop_
_database_2.database_id 
_database_2.database_code 
_database_2.pdbx_database_accession 
_database_2.pdbx_DOI 
PDB   9COL         pdb_00009col 10.2210/pdb9col/pdb 
WWPDB D_1000285999 ?            ?                   
# 
_pdbx_audit_revision_history.ordinal             1 
_pdbx_audit_revision_history.data_content_type   'Structure model' 
_pdbx_audit_revision_history.major_revision      1 
_pdbx_audit_revision_history.minor_revision      0 
_pdbx_audit_revision_history.revision_date       2025-07-23 
_pdbx_audit_revision_history.part_number         ? 
# 
_pdbx_audit_revision_details.ordinal             1 
_pdbx_audit_revision_details.revision_ordinal    1 
_pdbx_audit_revision_details.data_content_type   'Structure model' 
_pdbx_audit_revision_details.provider            repository 
_pdbx_audit_revision_details.type                'Initial release' 
_pdbx_audit_revision_details.description         ? 
_pdbx_audit_revision_details.details             ? 
# 
_pdbx_database_status.status_code                     REL 
_pdbx_database_status.status_code_sf                  REL 
_pdbx_database_status.status_code_mr                  ? 
_pdbx_database_status.entry_id                        9COL 
_pdbx_database_status.recvd_initial_deposition_date   2024-07-16 
_pdbx_database_status.SG_entry                        N 
_pdbx_database_status.deposit_site                    RCSB 
_pdbx_database_status.process_site                    RCSB 
_pdbx_database_status.status_code_cs                  ? 
_pdbx_database_status.status_code_nmr_data            ? 
_pdbx_database_status.methods_development_category    ? 
_pdbx_database_status.pdb_format_compatible           N 
# 
_pdbx_contact_author.id                 3 
_pdbx_contact_author.email              rs17@nyu.edu 
_pdbx_contact_author.name_first         Ruojie 
_pdbx_contact_author.name_last          Sha 
_pdbx_contact_author.name_mi            ? 
_pdbx_contact_author.role               'principal investigator/group leader' 
_pdbx_contact_author.identifier_ORCID   0000-0002-0807-734X 
# 
loop_
_audit_author.name 
_audit_author.pdbx_ordinal 
_audit_author.identifier_ORCID 
'Vecchioni, S.' 1 0000-0001-8243-650X 
'Woloszyn, K.'  2 0000-0003-1200-583X 
'Sha, R.'       3 0000-0002-0807-734X 
'Ohayon, Y.P.'  4 0000-0001-7500-4282 
# 
_citation.abstract                  ? 
_citation.abstract_id_CAS           ? 
_citation.book_id_ISBN              ? 
_citation.book_publisher            ? 
_citation.book_publisher_city       ? 
_citation.book_title                ? 
_citation.coordinate_linkage        ? 
_citation.country                   ? 
_citation.database_id_Medline       ? 
_citation.details                   ? 
_citation.id                        primary 
_citation.journal_abbrev            'To Be Published' 
_citation.journal_id_ASTM           ? 
_citation.journal_id_CSD            0353 
_citation.journal_id_ISSN           ? 
_citation.journal_full              ? 
_citation.journal_issue             ? 
_citation.journal_volume            ? 
_citation.language                  ? 
_citation.page_first                ? 
_citation.page_last                 ? 
_citation.title                     '2,6-diaminoourine metal base pairs' 
_citation.year                      ? 
_citation.database_id_CSD           ? 
_citation.pdbx_database_id_DOI      ? 
_citation.pdbx_database_id_PubMed   ? 
_citation.pdbx_database_id_patent   ? 
_citation.unpublished_flag          ? 
# 
loop_
_citation_author.citation_id 
_citation_author.name 
_citation_author.ordinal 
_citation_author.identifier_ORCID 
primary 'Woloszyn, K.'  1 ? 
primary 'Vecchioni, S.' 2 ? 
primary 'Sha, R.'       3 ? 
primary 'Ohayon, Y.P.'  4 ? 
# 
loop_
_entity.id 
_entity.type 
_entity.src_method 
_entity.pdbx_description 
_entity.formula_weight 
_entity.pdbx_number_of_molecules 
_entity.pdbx_ec 
_entity.pdbx_mutation 
_entity.pdbx_fragment 
_entity.details 
1 polymer     syn 
;DNA (5'-D(*GP*AP*GP*CP*AP*GP*CP*CP*TP*GP*TP*(1AP)P*TP*GP*GP*AP*CP*AP*TP*CP*A)-3')
;
6487.212 1 ? ? ? ? 
2 polymer     syn 
;DNA (5'-D(P*CP*CP*A)-3')
;
2082.467 1 ? ? ? ? 
3 polymer     syn 
;DNA (5'-D(P*GP*GP*CP*TP*GP*CP*T)-3')
;
2129.409 1 ? ? ? ? 
4 polymer     syn 
;DNA (5'-D(P*CP*TP*GP*AP*TP*GP*T)-3')
;
2128.421 1 ? ? ? ? 
5 non-polymer syn 'GOLD ION'                                                                          196.967  2 ? ? ? ? 
# 
loop_
_entity_poly.entity_id 
_entity_poly.type 
_entity_poly.nstd_linkage 
_entity_poly.nstd_monomer 
_entity_poly.pdbx_seq_one_letter_code 
_entity_poly.pdbx_seq_one_letter_code_can 
_entity_poly.pdbx_strand_id 
_entity_poly.pdbx_target_identifier 
1 polydeoxyribonucleotide no yes 
;(DG)(DA)(DG)(DC)(DA)(DG)(DC)(DC)(DT)(DG)(DT)(1AP)(DT)(DG)(DG)(DA)(DC)(DA)(DT)
(DC)(DA)
;
GAGCAGCCTGTATGGACATCA A ? 
2 polydeoxyribonucleotide no yes '(DC)(DC)(DA)(A1AAZ)(DA)(DC)(DA)'                                                        CCAXACA 
B ? 
3 polydeoxyribonucleotide no no  '(DG)(DG)(DC)(DT)(DG)(DC)(DT)'                                                           GGCTGCT 
C ? 
4 polydeoxyribonucleotide no no  '(DC)(DT)(DG)(DA)(DT)(DG)(DT)'                                                           CTGATGT 
D ? 
# 
_pdbx_entity_nonpoly.entity_id   5 
_pdbx_entity_nonpoly.name        'GOLD ION' 
_pdbx_entity_nonpoly.comp_id     AU 
# 
loop_
_entity_poly_seq.entity_id 
_entity_poly_seq.num 
_entity_poly_seq.mon_id 
_entity_poly_seq.hetero 
1 1  DG    n 
1 2  DA    n 
1 3  DG    n 
1 4  DC    n 
1 5  DA    n 
1 6  DG    n 
1 7  DC    n 
1 8  DC    n 
1 9  DT    n 
1 10 DG    n 
1 11 DT    n 
1 12 1AP   n 
1 13 DT    n 
1 14 DG    n 
1 15 DG    n 
1 16 DA    n 
1 17 DC    n 
1 18 DA    n 
1 19 DT    n 
1 20 DC    n 
1 21 DA    n 
2 1  DC    n 
2 2  DC    n 
2 3  DA    n 
2 4  A1AAZ n 
2 5  DA    n 
2 6  DC    n 
2 7  DA    n 
3 1  DG    n 
3 2  DG    n 
3 3  DC    n 
3 4  DT    n 
3 5  DG    n 
3 6  DC    n 
3 7  DT    n 
4 1  DC    n 
4 2  DT    n 
4 3  DG    n 
4 4  DA    n 
4 5  DT    n 
4 6  DG    n 
4 7  DT    n 
# 
loop_
_pdbx_entity_src_syn.entity_id 
_pdbx_entity_src_syn.pdbx_src_id 
_pdbx_entity_src_syn.pdbx_alt_source_flag 
_pdbx_entity_src_syn.pdbx_beg_seq_num 
_pdbx_entity_src_syn.pdbx_end_seq_num 
_pdbx_entity_src_syn.organism_scientific 
_pdbx_entity_src_syn.organism_common_name 
_pdbx_entity_src_syn.ncbi_taxonomy_id 
_pdbx_entity_src_syn.details 
1 1 sample 1 21 'synthetic construct' ? 32630 ? 
2 1 sample 1 7  'synthetic construct' ? 32630 ? 
3 1 sample 1 7  'synthetic construct' ? 32630 ? 
4 1 sample 1 7  'synthetic construct' ? 32630 ? 
# 
loop_
_chem_comp.id 
_chem_comp.type 
_chem_comp.mon_nstd_flag 
_chem_comp.name 
_chem_comp.pdbx_synonyms 
_chem_comp.formula 
_chem_comp.formula_weight 
1AP   'DNA linking' n '2,6-DIAMINOPURINE NUCLEOTIDE'       ? 'C10 H15 N6 O6 P'   346.236 
A1AAZ 'DNA linking' n 2-thio-thymidine                     ? 'C10 H15 N2 O7 P S' 338.274 
AU    non-polymer   . 'GOLD ION'                           ? 'Au 1'              196.967 
DA    'DNA linking' y "2'-DEOXYADENOSINE-5'-MONOPHOSPHATE" ? 'C10 H14 N5 O6 P'   331.222 
DC    'DNA linking' y "2'-DEOXYCYTIDINE-5'-MONOPHOSPHATE"  ? 'C9 H14 N3 O7 P'    307.197 
DG    'DNA linking' y "2'-DEOXYGUANOSINE-5'-MONOPHOSPHATE" ? 'C10 H14 N5 O7 P'   347.221 
DT    'DNA linking' y "THYMIDINE-5'-MONOPHOSPHATE"         ? 'C10 H15 N2 O8 P'   322.208 
# 
loop_
_pdbx_poly_seq_scheme.asym_id 
_pdbx_poly_seq_scheme.entity_id 
_pdbx_poly_seq_scheme.seq_id 
_pdbx_poly_seq_scheme.mon_id 
_pdbx_poly_seq_scheme.ndb_seq_num 
_pdbx_poly_seq_scheme.pdb_seq_num 
_pdbx_poly_seq_scheme.auth_seq_num 
_pdbx_poly_seq_scheme.pdb_mon_id 
_pdbx_poly_seq_scheme.auth_mon_id 
_pdbx_poly_seq_scheme.pdb_strand_id 
_pdbx_poly_seq_scheme.pdb_ins_code 
_pdbx_poly_seq_scheme.hetero 
A 1 1  DG    1  1  1  DG    DG  A . n 
A 1 2  DA    2  2  2  DA    DA  A . n 
A 1 3  DG    3  3  3  DG    DG  A . n 
A 1 4  DC    4  4  4  DC    DC  A . n 
A 1 5  DA    5  5  5  DA    DA  A . n 
A 1 6  DG    6  6  6  DG    DG  A . n 
A 1 7  DC    7  7  7  DC    DC  A . n 
A 1 8  DC    8  8  8  DC    DC  A . n 
A 1 9  DT    9  9  9  DT    DT  A . n 
A 1 10 DG    10 10 10 DG    DG  A . n 
A 1 11 DT    11 11 11 DT    DT  A . n 
A 1 12 1AP   12 12 12 1AP   1AP A . n 
A 1 13 DT    13 13 13 DT    DT  A . n 
A 1 14 DG    14 14 14 DG    DG  A . n 
A 1 15 DG    15 15 15 DG    DG  A . n 
A 1 16 DA    16 16 16 DA    DA  A . n 
A 1 17 DC    17 17 17 DC    DC  A . n 
A 1 18 DA    18 18 18 DA    DA  A . n 
A 1 19 DT    19 19 19 DT    DT  A . n 
A 1 20 DC    20 20 20 DC    DC  A . n 
A 1 21 DA    21 21 21 DA    DA  A . n 
B 2 1  DC    1  1  1  DC    DC  B . n 
B 2 2  DC    2  2  2  DC    DC  B . n 
B 2 3  DA    3  3  3  DA    DA  B . n 
B 2 4  A1AAZ 4  4  4  A1AAZ DF  B . n 
B 2 5  DA    5  5  5  DA    DA  B . n 
B 2 6  DC    6  6  6  DC    DC  B . n 
B 2 7  DA    7  7  7  DA    DA  B . n 
C 3 1  DG    1  8  8  DG    DG  C . n 
C 3 2  DG    2  9  9  DG    DG  C . n 
C 3 3  DC    3  10 10 DC    DC  C . n 
C 3 4  DT    4  11 11 DT    DT  C . n 
C 3 5  DG    5  12 12 DG    DG  C . n 
C 3 6  DC    6  13 13 DC    DC  C . n 
C 3 7  DT    7  14 14 DT    DT  C . n 
D 4 1  DC    1  1  1  DC    DC  D . n 
D 4 2  DT    2  2  2  DT    DT  D . n 
D 4 3  DG    3  3  3  DG    DG  D . n 
D 4 4  DA    4  4  4  DA    DA  D . n 
D 4 5  DT    5  5  5  DT    DT  D . n 
D 4 6  DG    6  6  6  DG    DG  D . n 
D 4 7  DT    7  7  7  DT    DT  D . n 
# 
loop_
_pdbx_entity_instance_feature.ordinal 
_pdbx_entity_instance_feature.comp_id 
_pdbx_entity_instance_feature.asym_id 
_pdbx_entity_instance_feature.seq_num 
_pdbx_entity_instance_feature.auth_comp_id 
_pdbx_entity_instance_feature.auth_asym_id 
_pdbx_entity_instance_feature.auth_seq_num 
_pdbx_entity_instance_feature.feature_type 
_pdbx_entity_instance_feature.details 
1 1AP   ? ? 1AP   ? ? 'SUBJECT OF INVESTIGATION' ? 
2 AU    ? ? AU    ? ? 'SUBJECT OF INVESTIGATION' ? 
3 A1AAZ ? ? A1AAZ ? ? 'SUBJECT OF INVESTIGATION' ? 
# 
loop_
_pdbx_nonpoly_scheme.asym_id 
_pdbx_nonpoly_scheme.entity_id 
_pdbx_nonpoly_scheme.mon_id 
_pdbx_nonpoly_scheme.ndb_seq_num 
_pdbx_nonpoly_scheme.pdb_seq_num 
_pdbx_nonpoly_scheme.auth_seq_num 
_pdbx_nonpoly_scheme.pdb_mon_id 
_pdbx_nonpoly_scheme.auth_mon_id 
_pdbx_nonpoly_scheme.pdb_strand_id 
_pdbx_nonpoly_scheme.pdb_ins_code 
E 5 AU 1 101 101 AU AU A . 
F 5 AU 1 101 1   AU AU B . 
# 
loop_
_software.citation_id 
_software.classification 
_software.compiler_name 
_software.compiler_version 
_software.contact_author 
_software.contact_author_email 
_software.date 
_software.description 
_software.dependencies 
_software.hardware 
_software.language 
_software.location 
_software.mods 
_software.name 
_software.os 
_software.os_version 
_software.type 
_software.version 
_software.pdbx_ordinal 
? refinement       ? ? ? ? ? ? ? ? ? ? ? PHENIX    ? ? ? 1.20.1_4487 1 
? 'data reduction' ? ? ? ? ? ? ? ? ? ? ? autoPROC  ? ? ? .           2 
? 'data scaling'   ? ? ? ? ? ? ? ? ? ? ? STARANISO ? ? ? .           3 
? phasing          ? ? ? ? ? ? ? ? ? ? ? AutoSol   ? ? ? .           4 
# 
_cell.angle_alpha                  90.000 
_cell.angle_alpha_esd              ? 
_cell.angle_beta                   90.000 
_cell.angle_beta_esd               ? 
_cell.angle_gamma                  120.000 
_cell.angle_gamma_esd              ? 
_cell.entry_id                     9COL 
_cell.details                      ? 
_cell.formula_units_Z              ? 
_cell.length_a                     106.243 
_cell.length_a_esd                 ? 
_cell.length_b                     106.243 
_cell.length_b_esd                 ? 
_cell.length_c                     92.916 
_cell.length_c_esd                 ? 
_cell.volume                       908284.259 
_cell.volume_esd                   ? 
_cell.Z_PDB                        9 
_cell.reciprocal_angle_alpha       ? 
_cell.reciprocal_angle_beta        ? 
_cell.reciprocal_angle_gamma       ? 
_cell.reciprocal_angle_alpha_esd   ? 
_cell.reciprocal_angle_beta_esd    ? 
_cell.reciprocal_angle_gamma_esd   ? 
_cell.reciprocal_length_a          ? 
_cell.reciprocal_length_b          ? 
_cell.reciprocal_length_c          ? 
_cell.reciprocal_length_a_esd      ? 
_cell.reciprocal_length_b_esd      ? 
_cell.reciprocal_length_c_esd      ? 
_cell.pdbx_unique_axis             ? 
_cell.pdbx_esd_method              ? 
# 
_symmetry.entry_id                         9COL 
_symmetry.cell_setting                     ? 
_symmetry.Int_Tables_number                146 
_symmetry.space_group_name_Hall            'H 3' 
_symmetry.space_group_name_H-M             'H 3' 
_symmetry.pdbx_full_space_group_name_H-M   ? 
# 
_exptl.absorpt_coefficient_mu     ? 
_exptl.absorpt_correction_T_max   ? 
_exptl.absorpt_correction_T_min   ? 
_exptl.absorpt_correction_type    ? 
_exptl.absorpt_process_details    ? 
_exptl.entry_id                   9COL 
_exptl.crystals_number            1 
_exptl.details                    ? 
_exptl.method                     'X-RAY DIFFRACTION' 
_exptl.method_details             ? 
# 
_exptl_crystal.colour                       ? 
_exptl_crystal.density_diffrn               ? 
_exptl_crystal.density_Matthews             7.87 
_exptl_crystal.density_method               ? 
_exptl_crystal.density_percent_sol          84.37 
_exptl_crystal.description                  ? 
_exptl_crystal.F_000                        ? 
_exptl_crystal.id                           1 
_exptl_crystal.preparation                  ? 
_exptl_crystal.size_max                     ? 
_exptl_crystal.size_mid                     ? 
_exptl_crystal.size_min                     ? 
_exptl_crystal.size_rad                     ? 
_exptl_crystal.colour_lustre                ? 
_exptl_crystal.colour_modifier              ? 
_exptl_crystal.colour_primary               ? 
_exptl_crystal.density_meas                 ? 
_exptl_crystal.density_meas_esd             ? 
_exptl_crystal.density_meas_gt              ? 
_exptl_crystal.density_meas_lt              ? 
_exptl_crystal.density_meas_temp            ? 
_exptl_crystal.density_meas_temp_esd        ? 
_exptl_crystal.density_meas_temp_gt         ? 
_exptl_crystal.density_meas_temp_lt         ? 
_exptl_crystal.pdbx_crystal_image_url       ? 
_exptl_crystal.pdbx_crystal_image_format    ? 
_exptl_crystal.pdbx_mosaicity               ? 
_exptl_crystal.pdbx_mosaicity_esd           ? 
_exptl_crystal.pdbx_mosaic_method           ? 
_exptl_crystal.pdbx_mosaic_block_size       ? 
_exptl_crystal.pdbx_mosaic_block_size_esd   ? 
# 
_exptl_crystal_grow.apparatus       ? 
_exptl_crystal_grow.atmosphere      ? 
_exptl_crystal_grow.crystal_id      1 
_exptl_crystal_grow.details         ? 
_exptl_crystal_grow.method          'VAPOR DIFFUSION, HANGING DROP' 
_exptl_crystal_grow.method_ref      ? 
_exptl_crystal_grow.pH              8 
_exptl_crystal_grow.pressure        ? 
_exptl_crystal_grow.pressure_esd    ? 
_exptl_crystal_grow.seeding         ? 
_exptl_crystal_grow.seeding_ref     ? 
_exptl_crystal_grow.temp_details    '338-293 degrees C at 0.4 degrees C/hr' 
_exptl_crystal_grow.temp_esd        ? 
_exptl_crystal_grow.time            ? 
_exptl_crystal_grow.pdbx_details    '100 mM MOPS, 1.25 M magnesium sulfate' 
_exptl_crystal_grow.pdbx_pH_range   ? 
_exptl_crystal_grow.temp            293 
# 
_diffrn.ambient_environment              ? 
_diffrn.ambient_temp                     100 
_diffrn.ambient_temp_details             ? 
_diffrn.ambient_temp_esd                 ? 
_diffrn.crystal_id                       1 
_diffrn.crystal_support                  ? 
_diffrn.crystal_treatment                ? 
_diffrn.details                          ? 
_diffrn.id                               1 
_diffrn.ambient_pressure                 ? 
_diffrn.ambient_pressure_esd             ? 
_diffrn.ambient_pressure_gt              ? 
_diffrn.ambient_pressure_lt              ? 
_diffrn.ambient_temp_gt                  ? 
_diffrn.ambient_temp_lt                  ? 
_diffrn.pdbx_serial_crystal_experiment   N 
# 
_diffrn_detector.details                      ? 
_diffrn_detector.detector                     PIXEL 
_diffrn_detector.diffrn_id                    1 
_diffrn_detector.type                         'DECTRIS EIGER2 X 9M' 
_diffrn_detector.area_resol_mean              ? 
_diffrn_detector.dtime                        ? 
_diffrn_detector.pdbx_frames_total            ? 
_diffrn_detector.pdbx_collection_time_total   ? 
_diffrn_detector.pdbx_collection_date         2024-06-02 
_diffrn_detector.pdbx_frequency               ? 
_diffrn_detector.id                           ? 
_diffrn_detector.number_of_axes               ? 
# 
_diffrn_radiation.collimation                      ? 
_diffrn_radiation.diffrn_id                        1 
_diffrn_radiation.filter_edge                      ? 
_diffrn_radiation.inhomogeneity                    ? 
_diffrn_radiation.monochromator                    ? 
_diffrn_radiation.polarisn_norm                    ? 
_diffrn_radiation.polarisn_ratio                   ? 
_diffrn_radiation.probe                            ? 
_diffrn_radiation.type                             ? 
_diffrn_radiation.xray_symbol                      ? 
_diffrn_radiation.wavelength_id                    1 
_diffrn_radiation.pdbx_monochromatic_or_laue_m_l   M 
_diffrn_radiation.pdbx_wavelength_list             ? 
_diffrn_radiation.pdbx_wavelength                  ? 
_diffrn_radiation.pdbx_diffrn_protocol             'SINGLE WAVELENGTH' 
_diffrn_radiation.pdbx_analyzer                    ? 
_diffrn_radiation.pdbx_scattering_type             x-ray 
# 
_diffrn_radiation_wavelength.id           1 
_diffrn_radiation_wavelength.wavelength   0.92 
_diffrn_radiation_wavelength.wt           1.0 
# 
_diffrn_source.current                     ? 
_diffrn_source.details                     ? 
_diffrn_source.diffrn_id                   1 
_diffrn_source.power                       ? 
_diffrn_source.size                        ? 
_diffrn_source.source                      SYNCHROTRON 
_diffrn_source.target                      ? 
_diffrn_source.type                        'NSLS-II BEAMLINE 17-ID-2' 
_diffrn_source.voltage                     ? 
_diffrn_source.take-off_angle              ? 
_diffrn_source.pdbx_wavelength_list        0.92 
_diffrn_source.pdbx_wavelength             ? 
_diffrn_source.pdbx_synchrotron_beamline   17-ID-2 
_diffrn_source.pdbx_synchrotron_site       NSLS-II 
# 
_reflns.B_iso_Wilson_estimate                          191.40 
_reflns.entry_id                                       9COL 
_reflns.data_reduction_details                         ? 
_reflns.data_reduction_method                          ? 
_reflns.d_resolution_high                              5.23 
_reflns.d_resolution_low                               19.32 
_reflns.details                                        ? 
_reflns.limit_h_max                                    ? 
_reflns.limit_h_min                                    ? 
_reflns.limit_k_max                                    ? 
_reflns.limit_k_min                                    ? 
_reflns.limit_l_max                                    ? 
_reflns.limit_l_min                                    ? 
_reflns.number_all                                     ? 
_reflns.number_obs                                     2072 
_reflns.observed_criterion                             ? 
_reflns.observed_criterion_F_max                       ? 
_reflns.observed_criterion_F_min                       ? 
_reflns.observed_criterion_I_max                       ? 
_reflns.observed_criterion_I_min                       ? 
_reflns.observed_criterion_sigma_F                     ? 
_reflns.observed_criterion_sigma_I                     ? 
_reflns.percent_possible_obs                           82.8 
_reflns.R_free_details                                 ? 
_reflns.Rmerge_F_all                                   ? 
_reflns.Rmerge_F_obs                                   ? 
_reflns.Friedel_coverage                               ? 
_reflns.number_gt                                      ? 
_reflns.threshold_expression                           ? 
_reflns.pdbx_redundancy                                5 
_reflns.pdbx_netI_over_av_sigmaI                       ? 
_reflns.pdbx_netI_over_sigmaI                          6.4 
_reflns.pdbx_res_netI_over_av_sigmaI_2                 ? 
_reflns.pdbx_res_netI_over_sigmaI_2                    ? 
_reflns.pdbx_chi_squared                               ? 
_reflns.pdbx_scaling_rejects                           ? 
_reflns.pdbx_d_res_high_opt                            ? 
_reflns.pdbx_d_res_low_opt                             ? 
_reflns.pdbx_d_res_opt_method                          ? 
_reflns.phase_calculation_details                      ? 
_reflns.pdbx_Rrim_I_all                                ? 
_reflns.pdbx_Rpim_I_all                                ? 
_reflns.pdbx_d_opt                                     ? 
_reflns.pdbx_number_measured_all                       ? 
_reflns.pdbx_diffrn_id                                 1 
_reflns.pdbx_ordinal                                   1 
_reflns.pdbx_CC_half                                   0.992 
_reflns.pdbx_CC_star                                   ? 
_reflns.pdbx_R_split                                   ? 
_reflns.pdbx_Rmerge_I_obs                              ? 
_reflns.pdbx_Rmerge_I_all                              ? 
_reflns.pdbx_Rsym_value                                ? 
_reflns.pdbx_CC_split_method                           ? 
_reflns.pdbx_aniso_diffraction_limit_axis_1_ortho[1]   ? 
_reflns.pdbx_aniso_diffraction_limit_axis_1_ortho[2]   ? 
_reflns.pdbx_aniso_diffraction_limit_axis_1_ortho[3]   ? 
_reflns.pdbx_aniso_diffraction_limit_axis_2_ortho[1]   ? 
_reflns.pdbx_aniso_diffraction_limit_axis_2_ortho[2]   ? 
_reflns.pdbx_aniso_diffraction_limit_axis_2_ortho[3]   ? 
_reflns.pdbx_aniso_diffraction_limit_axis_3_ortho[1]   ? 
_reflns.pdbx_aniso_diffraction_limit_axis_3_ortho[2]   ? 
_reflns.pdbx_aniso_diffraction_limit_axis_3_ortho[3]   ? 
_reflns.pdbx_aniso_diffraction_limit_1                 ? 
_reflns.pdbx_aniso_diffraction_limit_2                 ? 
_reflns.pdbx_aniso_diffraction_limit_3                 ? 
_reflns.pdbx_aniso_B_tensor_eigenvector_1_ortho[1]     ? 
_reflns.pdbx_aniso_B_tensor_eigenvector_1_ortho[2]     ? 
_reflns.pdbx_aniso_B_tensor_eigenvector_1_ortho[3]     ? 
_reflns.pdbx_aniso_B_tensor_eigenvector_2_ortho[1]     ? 
_reflns.pdbx_aniso_B_tensor_eigenvector_2_ortho[2]     ? 
_reflns.pdbx_aniso_B_tensor_eigenvector_2_ortho[3]     ? 
_reflns.pdbx_aniso_B_tensor_eigenvector_3_ortho[1]     ? 
_reflns.pdbx_aniso_B_tensor_eigenvector_3_ortho[2]     ? 
_reflns.pdbx_aniso_B_tensor_eigenvector_3_ortho[3]     ? 
_reflns.pdbx_aniso_B_tensor_eigenvalue_1               ? 
_reflns.pdbx_aniso_B_tensor_eigenvalue_2               ? 
_reflns.pdbx_aniso_B_tensor_eigenvalue_3               ? 
_reflns.pdbx_orthogonalization_convention              ? 
_reflns.pdbx_percent_possible_ellipsoidal              ? 
_reflns.pdbx_percent_possible_spherical                ? 
_reflns.pdbx_percent_possible_ellipsoidal_anomalous    ? 
_reflns.pdbx_percent_possible_spherical_anomalous      ? 
_reflns.pdbx_redundancy_anomalous                      ? 
_reflns.pdbx_CC_half_anomalous                         ? 
_reflns.pdbx_absDiff_over_sigma_anomalous              ? 
_reflns.pdbx_percent_possible_anomalous                ? 
_reflns.pdbx_observed_signal_threshold                 ? 
_reflns.pdbx_signal_type                               ? 
_reflns.pdbx_signal_details                            ? 
_reflns.pdbx_signal_software_id                        ? 
# 
loop_
_reflns_shell.d_res_high 
_reflns_shell.d_res_low 
_reflns_shell.meanI_over_sigI_all 
_reflns_shell.meanI_over_sigI_obs 
_reflns_shell.number_measured_all 
_reflns_shell.number_measured_obs 
_reflns_shell.number_possible 
_reflns_shell.number_unique_all 
_reflns_shell.number_unique_obs 
_reflns_shell.percent_possible_obs 
_reflns_shell.Rmerge_F_all 
_reflns_shell.Rmerge_F_obs 
_reflns_shell.meanI_over_sigI_gt 
_reflns_shell.meanI_over_uI_all 
_reflns_shell.meanI_over_uI_gt 
_reflns_shell.number_measured_gt 
_reflns_shell.number_unique_gt 
_reflns_shell.percent_possible_gt 
_reflns_shell.Rmerge_F_gt 
_reflns_shell.Rmerge_I_gt 
_reflns_shell.pdbx_redundancy 
_reflns_shell.pdbx_chi_squared 
_reflns_shell.pdbx_netI_over_sigmaI_all 
_reflns_shell.pdbx_netI_over_sigmaI_obs 
_reflns_shell.pdbx_Rrim_I_all 
_reflns_shell.pdbx_Rpim_I_all 
_reflns_shell.pdbx_rejects 
_reflns_shell.pdbx_ordinal 
_reflns_shell.pdbx_diffrn_id 
_reflns_shell.pdbx_CC_half 
_reflns_shell.pdbx_CC_star 
_reflns_shell.pdbx_R_split 
_reflns_shell.percent_possible_all 
_reflns_shell.Rmerge_I_all 
_reflns_shell.Rmerge_I_obs 
_reflns_shell.pdbx_Rsym_value 
_reflns_shell.pdbx_percent_possible_ellipsoidal 
_reflns_shell.pdbx_percent_possible_spherical 
_reflns_shell.pdbx_percent_possible_ellipsoidal_anomalous 
_reflns_shell.pdbx_percent_possible_spherical_anomalous 
_reflns_shell.pdbx_redundancy_anomalous 
_reflns_shell.pdbx_CC_half_anomalous 
_reflns_shell.pdbx_absDiff_over_sigma_anomalous 
_reflns_shell.pdbx_percent_possible_anomalous 
5.23  6.190 ? 1.2 ? ? ? ? 209 ? ? ? ? ? ? ? ? ? ? ? ? ? ? ? ? ? ? 1 1 0.123 ? ? ? ? ? ? ? ? ? ? ? ? ? ? 
9.594 19.32 ? ?   ? ? ? ? 209 ? ? ? ? ? ? ? ? ? ? ? ? ? ? ? ? ? ? 2 1 0.991 ? ? ? ? ? ? ? ? ? ? ? ? ? ? 
# 
_refine.aniso_B[1][1]                            ? 
_refine.aniso_B[1][2]                            ? 
_refine.aniso_B[1][3]                            ? 
_refine.aniso_B[2][2]                            ? 
_refine.aniso_B[2][3]                            ? 
_refine.aniso_B[3][3]                            ? 
_refine.B_iso_max                                ? 
_refine.B_iso_mean                               232.56 
_refine.B_iso_min                                ? 
_refine.correlation_coeff_Fo_to_Fc               ? 
_refine.correlation_coeff_Fo_to_Fc_free          ? 
_refine.details                                  ? 
_refine.diff_density_max                         ? 
_refine.diff_density_max_esd                     ? 
_refine.diff_density_min                         ? 
_refine.diff_density_min_esd                     ? 
_refine.diff_density_rms                         ? 
_refine.diff_density_rms_esd                     ? 
_refine.entry_id                                 9COL 
_refine.pdbx_refine_id                           'X-RAY DIFFRACTION' 
_refine.ls_abs_structure_details                 ? 
_refine.ls_abs_structure_Flack                   ? 
_refine.ls_abs_structure_Flack_esd               ? 
_refine.ls_abs_structure_Rogers                  ? 
_refine.ls_abs_structure_Rogers_esd              ? 
_refine.ls_d_res_high                            5.23 
_refine.ls_d_res_low                             19.32 
_refine.ls_extinction_coef                       ? 
_refine.ls_extinction_coef_esd                   ? 
_refine.ls_extinction_expression                 ? 
_refine.ls_extinction_method                     ? 
_refine.ls_goodness_of_fit_all                   ? 
_refine.ls_goodness_of_fit_all_esd               ? 
_refine.ls_goodness_of_fit_obs                   ? 
_refine.ls_goodness_of_fit_obs_esd               ? 
_refine.ls_hydrogen_treatment                    ? 
_refine.ls_matrix_type                           ? 
_refine.ls_number_constraints                    ? 
_refine.ls_number_parameters                     ? 
_refine.ls_number_reflns_all                     ? 
_refine.ls_number_reflns_obs                     2072 
_refine.ls_number_reflns_R_free                  94 
_refine.ls_number_reflns_R_work                  1978 
_refine.ls_number_restraints                     ? 
_refine.ls_percent_reflns_obs                    71.35 
_refine.ls_percent_reflns_R_free                 4.54 
_refine.ls_R_factor_all                          ? 
_refine.ls_R_factor_obs                          0.1760 
_refine.ls_R_factor_R_free                       0.2044 
_refine.ls_R_factor_R_free_error                 ? 
_refine.ls_R_factor_R_free_error_details         ? 
_refine.ls_R_factor_R_work                       0.1743 
_refine.ls_R_Fsqd_factor_obs                     ? 
_refine.ls_R_I_factor_obs                        ? 
_refine.ls_redundancy_reflns_all                 ? 
_refine.ls_redundancy_reflns_obs                 ? 
_refine.ls_restrained_S_all                      ? 
_refine.ls_restrained_S_obs                      ? 
_refine.ls_shift_over_esd_max                    ? 
_refine.ls_shift_over_esd_mean                   ? 
_refine.ls_structure_factor_coef                 ? 
_refine.ls_weighting_details                     ? 
_refine.ls_weighting_scheme                      ? 
_refine.ls_wR_factor_all                         ? 
_refine.ls_wR_factor_obs                         ? 
_refine.ls_wR_factor_R_free                      ? 
_refine.ls_wR_factor_R_work                      ? 
_refine.occupancy_max                            ? 
_refine.occupancy_min                            ? 
_refine.solvent_model_details                    'FLAT BULK SOLVENT MODEL' 
_refine.solvent_model_param_bsol                 ? 
_refine.solvent_model_param_ksol                 ? 
_refine.pdbx_R_complete                          ? 
_refine.ls_R_factor_gt                           ? 
_refine.ls_goodness_of_fit_gt                    ? 
_refine.ls_goodness_of_fit_ref                   ? 
_refine.ls_shift_over_su_max                     ? 
_refine.ls_shift_over_su_max_lt                  ? 
_refine.ls_shift_over_su_mean                    ? 
_refine.ls_shift_over_su_mean_lt                 ? 
_refine.pdbx_ls_sigma_I                          ? 
_refine.pdbx_ls_sigma_F                          1.96 
_refine.pdbx_ls_sigma_Fsqd                       ? 
_refine.pdbx_data_cutoff_high_absF               ? 
_refine.pdbx_data_cutoff_high_rms_absF           ? 
_refine.pdbx_data_cutoff_low_absF                ? 
_refine.pdbx_isotropic_thermal_model             ? 
_refine.pdbx_ls_cross_valid_method               'FREE R-VALUE' 
_refine.pdbx_method_to_determine_struct          SAD 
_refine.pdbx_starting_model                      ? 
_refine.pdbx_stereochemistry_target_values       'GeoStd + Monomer Library + CDL v1.2' 
_refine.pdbx_R_Free_selection_details            ? 
_refine.pdbx_stereochem_target_val_spec_case     ? 
_refine.pdbx_overall_ESU_R                       ? 
_refine.pdbx_overall_ESU_R_Free                  ? 
_refine.pdbx_solvent_vdw_probe_radii             1.1000 
_refine.pdbx_solvent_ion_probe_radii             ? 
_refine.pdbx_solvent_shrinkage_radii             0.9000 
_refine.pdbx_real_space_R                        ? 
_refine.pdbx_density_correlation                 ? 
_refine.pdbx_pd_number_of_powder_patterns        ? 
_refine.pdbx_pd_number_of_points                 ? 
_refine.pdbx_pd_meas_number_of_points            ? 
_refine.pdbx_pd_proc_ls_prof_R_factor            ? 
_refine.pdbx_pd_proc_ls_prof_wR_factor           ? 
_refine.pdbx_pd_Marquardt_correlation_coeff      ? 
_refine.pdbx_pd_Fsqrd_R_factor                   ? 
_refine.pdbx_pd_ls_matrix_band_width             ? 
_refine.pdbx_overall_phase_error                 23.8938 
_refine.pdbx_overall_SU_R_free_Cruickshank_DPI   ? 
_refine.pdbx_overall_SU_R_free_Blow_DPI          ? 
_refine.pdbx_overall_SU_R_Blow_DPI               ? 
_refine.pdbx_TLS_residual_ADP_flag               ? 
_refine.pdbx_diffrn_id                           1 
_refine.overall_SU_B                             ? 
_refine.overall_SU_ML                            0.6966 
_refine.overall_SU_R_Cruickshank_DPI             ? 
_refine.overall_SU_R_free                        ? 
_refine.overall_FOM_free_R_set                   ? 
_refine.overall_FOM_work_R_set                   ? 
_refine.pdbx_average_fsc_overall                 ? 
_refine.pdbx_average_fsc_work                    ? 
_refine.pdbx_average_fsc_free                    ? 
# 
_refine_hist.pdbx_refine_id                   'X-RAY DIFFRACTION' 
_refine_hist.cycle_id                         LAST 
_refine_hist.details                          ? 
_refine_hist.d_res_high                       5.23 
_refine_hist.d_res_low                        19.32 
_refine_hist.number_atoms_solvent             0 
_refine_hist.number_atoms_total               862 
_refine_hist.number_reflns_all                ? 
_refine_hist.number_reflns_obs                ? 
_refine_hist.number_reflns_R_free             ? 
_refine_hist.number_reflns_R_work             ? 
_refine_hist.R_factor_all                     ? 
_refine_hist.R_factor_obs                     ? 
_refine_hist.R_factor_R_free                  ? 
_refine_hist.R_factor_R_work                  ? 
_refine_hist.pdbx_number_residues_total       ? 
_refine_hist.pdbx_B_iso_mean_ligand           ? 
_refine_hist.pdbx_B_iso_mean_solvent          ? 
_refine_hist.pdbx_number_atoms_protein        0 
_refine_hist.pdbx_number_atoms_nucleic_acid   860 
_refine_hist.pdbx_number_atoms_ligand         2 
_refine_hist.pdbx_number_atoms_lipid          ? 
_refine_hist.pdbx_number_atoms_carb           ? 
_refine_hist.pdbx_pseudo_atom_details         ? 
# 
loop_
_refine_ls_restr.pdbx_refine_id 
_refine_ls_restr.criterion 
_refine_ls_restr.dev_ideal 
_refine_ls_restr.dev_ideal_target 
_refine_ls_restr.number 
_refine_ls_restr.rejects 
_refine_ls_restr.type 
_refine_ls_restr.weight 
_refine_ls_restr.pdbx_restraint_function 
'X-RAY DIFFRACTION' ? 0.0081  ? 961  ? f_bond_d           ? ? 
'X-RAY DIFFRACTION' ? 1.0888  ? 1476 ? f_angle_d          ? ? 
'X-RAY DIFFRACTION' ? 0.0612  ? 162  ? f_chiral_restr     ? ? 
'X-RAY DIFFRACTION' ? 0.0053  ? 42   ? f_plane_restr      ? ? 
'X-RAY DIFFRACTION' ? 37.3985 ? 417  ? f_dihedral_angle_d ? ? 
# 
_refine_ls_shell.pdbx_refine_id                   'X-RAY DIFFRACTION' 
_refine_ls_shell.d_res_high                       5.23 
_refine_ls_shell.d_res_low                        19.32 
_refine_ls_shell.number_reflns_all                ? 
_refine_ls_shell.number_reflns_obs                ? 
_refine_ls_shell.number_reflns_R_free             94 
_refine_ls_shell.number_reflns_R_work             1978 
_refine_ls_shell.percent_reflns_obs               71.35 
_refine_ls_shell.percent_reflns_R_free            ? 
_refine_ls_shell.R_factor_all                     ? 
_refine_ls_shell.R_factor_obs                     ? 
_refine_ls_shell.R_factor_R_free_error            ? 
_refine_ls_shell.R_factor_R_work                  0.1743 
_refine_ls_shell.redundancy_reflns_all            ? 
_refine_ls_shell.redundancy_reflns_obs            ? 
_refine_ls_shell.wR_factor_all                    ? 
_refine_ls_shell.wR_factor_obs                    ? 
_refine_ls_shell.wR_factor_R_free                 ? 
_refine_ls_shell.wR_factor_R_work                 ? 
_refine_ls_shell.pdbx_R_complete                  ? 
_refine_ls_shell.pdbx_total_number_of_bins_used   ? 
_refine_ls_shell.pdbx_phase_error                 ? 
_refine_ls_shell.pdbx_fsc_work                    ? 
_refine_ls_shell.pdbx_fsc_free                    ? 
_refine_ls_shell.R_factor_R_free                  0.2044 
# 
_struct.entry_id                     9COL 
_struct.title                        
'[D:Au3+:F] Tensegrity triangle with a 2,6-diaminopurine:2-thiothymidine base pair mediated by Au3+.' 
_struct.pdbx_model_details           ? 
_struct.pdbx_formula_weight          ? 
_struct.pdbx_formula_weight_method   ? 
_struct.pdbx_model_type_details      ? 
_struct.pdbx_CASP_flag               N 
# 
_struct_keywords.entry_id        9COL 
_struct_keywords.text            'Tensegrity triangle, mmDNA, AU, thiol, DAP, DNA' 
_struct_keywords.pdbx_keywords   DNA 
# 
loop_
_struct_asym.id 
_struct_asym.pdbx_blank_PDB_chainid_flag 
_struct_asym.pdbx_modified 
_struct_asym.entity_id 
_struct_asym.details 
A N N 1 ? 
B N N 2 ? 
C N N 3 ? 
D N N 4 ? 
E N N 5 ? 
F N N 5 ? 
# 
loop_
_struct_ref.id 
_struct_ref.db_name 
_struct_ref.db_code 
_struct_ref.pdbx_db_accession 
_struct_ref.pdbx_db_isoform 
_struct_ref.entity_id 
_struct_ref.pdbx_seq_one_letter_code 
_struct_ref.pdbx_align_begin 
1 PDB 9COL 9COL ? 1 ? 1 
2 PDB 9COL 9COL ? 2 ? 1 
3 PDB 9COL 9COL ? 3 ? 1 
4 PDB 9COL 9COL ? 4 ? 1 
# 
loop_
_struct_ref_seq.align_id 
_struct_ref_seq.ref_id 
_struct_ref_seq.pdbx_PDB_id_code 
_struct_ref_seq.pdbx_strand_id 
_struct_ref_seq.seq_align_beg 
_struct_ref_seq.pdbx_seq_align_beg_ins_code 
_struct_ref_seq.seq_align_end 
_struct_ref_seq.pdbx_seq_align_end_ins_code 
_struct_ref_seq.pdbx_db_accession 
_struct_ref_seq.db_align_beg 
_struct_ref_seq.pdbx_db_align_beg_ins_code 
_struct_ref_seq.db_align_end 
_struct_ref_seq.pdbx_db_align_end_ins_code 
_struct_ref_seq.pdbx_auth_seq_align_beg 
_struct_ref_seq.pdbx_auth_seq_align_end 
1 1 9COL A 1 ? 21 ? 9COL 1 ? 21 ? 1 21 
2 2 9COL B 1 ? 7  ? 9COL 1 ? 7  ? 1 7  
3 3 9COL C 1 ? 7  ? 9COL 8 ? 14 ? 8 14 
4 4 9COL D 1 ? 7  ? 9COL 1 ? 7  ? 1 7  
# 
_pdbx_struct_assembly.id                   1 
_pdbx_struct_assembly.details              author_defined_assembly 
_pdbx_struct_assembly.method_details       ? 
_pdbx_struct_assembly.oligomeric_details   dodecameric 
_pdbx_struct_assembly.oligomeric_count     12 
# 
loop_
_pdbx_struct_assembly_gen.assembly_id 
_pdbx_struct_assembly_gen.oper_expression 
_pdbx_struct_assembly_gen.asym_id_list 
1 1 A,B,C,D,E,F 
1 2 A,B,C,D,E,F 
1 3 A,B,C,D,E,F 
# 
_pdbx_struct_assembly_auth_evidence.id                     1 
_pdbx_struct_assembly_auth_evidence.assembly_id            1 
_pdbx_struct_assembly_auth_evidence.experimental_support   'native gel electrophoresis' 
_pdbx_struct_assembly_auth_evidence.details                ? 
# 
loop_
_pdbx_struct_oper_list.id 
_pdbx_struct_oper_list.type 
_pdbx_struct_oper_list.name 
_pdbx_struct_oper_list.symmetry_operation 
_pdbx_struct_oper_list.matrix[1][1] 
_pdbx_struct_oper_list.matrix[1][2] 
_pdbx_struct_oper_list.matrix[1][3] 
_pdbx_struct_oper_list.vector[1] 
_pdbx_struct_oper_list.matrix[2][1] 
_pdbx_struct_oper_list.matrix[2][2] 
_pdbx_struct_oper_list.matrix[2][3] 
_pdbx_struct_oper_list.vector[2] 
_pdbx_struct_oper_list.matrix[3][1] 
_pdbx_struct_oper_list.matrix[3][2] 
_pdbx_struct_oper_list.matrix[3][3] 
_pdbx_struct_oper_list.vector[3] 
1 'identity operation'         1_555 x,y,z     1.0000000000  0.0000000000 0.0000000000  0.0000000000  0.0000000000 1.0000000000 0.0000000000  0.0000000000   0.0000000000  0.0000000000  1.0000000000  0.0000000000   
2 'crystal symmetry operation' 2_555 -y,x-y,z  -0.0434426618 0.9396335426 -0.3394135246 20.9391172455 0.2963892533 0.3365610539 0.8938009105  -9.5571414251  0.9540786895  -0.0617694305 -0.2931183921 -11.8877252548 
3 'crystal symmetry operation' 3_555 -x+y,-x,z -0.0434426618 0.2963892533 0.9540786895  15.0841103304 0.9396335426 0.3365610539 -0.0617694305 -17.1928333457 -0.3394135246 0.8938009105  -0.2931183921 12.1646903808 
# 
loop_
_struct_conn.id 
_struct_conn.conn_type_id 
_struct_conn.pdbx_leaving_atom_flag 
_struct_conn.pdbx_PDB_id 
_struct_conn.ptnr1_label_asym_id 
_struct_conn.ptnr1_label_comp_id 
_struct_conn.ptnr1_label_seq_id 
_struct_conn.ptnr1_label_atom_id 
_struct_conn.pdbx_ptnr1_label_alt_id 
_struct_conn.pdbx_ptnr1_PDB_ins_code 
_struct_conn.pdbx_ptnr1_standard_comp_id 
_struct_conn.ptnr1_symmetry 
_struct_conn.ptnr2_label_asym_id 
_struct_conn.ptnr2_label_comp_id 
_struct_conn.ptnr2_label_seq_id 
_struct_conn.ptnr2_label_atom_id 
_struct_conn.pdbx_ptnr2_label_alt_id 
_struct_conn.pdbx_ptnr2_PDB_ins_code 
_struct_conn.ptnr1_auth_asym_id 
_struct_conn.ptnr1_auth_comp_id 
_struct_conn.ptnr1_auth_seq_id 
_struct_conn.ptnr2_auth_asym_id 
_struct_conn.ptnr2_auth_comp_id 
_struct_conn.ptnr2_auth_seq_id 
_struct_conn.ptnr2_symmetry 
_struct_conn.pdbx_ptnr3_label_atom_id 
_struct_conn.pdbx_ptnr3_label_seq_id 
_struct_conn.pdbx_ptnr3_label_comp_id 
_struct_conn.pdbx_ptnr3_label_asym_id 
_struct_conn.pdbx_ptnr3_label_alt_id 
_struct_conn.pdbx_ptnr3_PDB_ins_code 
_struct_conn.details 
_struct_conn.pdbx_dist_value 
_struct_conn.pdbx_value_order 
_struct_conn.pdbx_role 
covale1  covale both ? A DT    11 "O3'" ? ? ? 1_555 A 1AP   12 P  ? ? A DT    11  A 1AP   12  1_555 ? ? ? ? ? ? ?               
1.612 ? ? 
covale2  covale one  ? A 1AP   12 "O3'" ? ? ? 1_555 A DT    13 P  ? ? A 1AP   12  A DT    13  1_555 ? ? ? ? ? ? ?               
1.615 ? ? 
covale3  covale both ? B DA    3  "O3'" ? ? ? 1_555 B A1AAZ 4  P  ? ? B DA    3   B A1AAZ 4   1_555 ? ? ? ? ? ? ?               
1.606 ? ? 
covale4  covale one  ? B A1AAZ 4  "O3'" ? ? ? 1_555 B DA    5  P  ? ? B A1AAZ 4   B DA    5   1_555 ? ? ? ? ? ? ?               
1.610 ? ? 
metalc1  metalc ?    ? A 1AP   12 N2    ? ? ? 1_555 E AU    .  AU ? ? A 1AP   12  A AU    101 1_555 ? ? ? ? ? ? ?               
2.232 ? ? 
metalc2  metalc ?    ? E AU    .  AU    ? ? ? 1_555 B A1AAZ 4  S1 ? ? A AU    101 B A1AAZ 4   1_555 ? ? ? ? ? ? ?               
2.730 ? ? 
hydrog1  hydrog ?    ? A DA    2  N1    ? ? ? 1_555 C DT    7  N3 ? ? A DA    2   C DT    14  1_555 ? ? ? ? ? ? WATSON-CRICK    ? 
? ? 
hydrog2  hydrog ?    ? A DA    2  N6    ? ? ? 1_555 C DT    7  O4 ? ? A DA    2   C DT    14  1_555 ? ? ? ? ? ? WATSON-CRICK    ? 
? ? 
hydrog3  hydrog ?    ? A DG    3  N1    ? ? ? 1_555 C DC    6  N3 ? ? A DG    3   C DC    13  1_555 ? ? ? ? ? ? WATSON-CRICK    ? 
? ? 
hydrog4  hydrog ?    ? A DG    3  N2    ? ? ? 1_555 C DC    6  O2 ? ? A DG    3   C DC    13  1_555 ? ? ? ? ? ? WATSON-CRICK    ? 
? ? 
hydrog5  hydrog ?    ? A DG    3  O6    ? ? ? 1_555 C DC    6  N4 ? ? A DG    3   C DC    13  1_555 ? ? ? ? ? ? WATSON-CRICK    ? 
? ? 
hydrog6  hydrog ?    ? A DC    4  N4    ? ? ? 1_555 C DT    4  O4 ? ? A DC    4   C DT    11  1_555 ? ? ? ? ? ? 'DC-DT MISPAIR' ? 
? ? 
hydrog7  hydrog ?    ? A DC    4  N4    ? ? ? 1_555 C DG    5  O6 ? ? A DC    4   C DG    12  1_555 ? ? ? ? ? ? 'DC-DG PAIR'    ? 
? ? 
hydrog8  hydrog ?    ? A DA    5  N1    ? ? ? 1_555 C DT    4  N3 ? ? A DA    5   C DT    11  1_555 ? ? ? ? ? ? WATSON-CRICK    ? 
? ? 
hydrog9  hydrog ?    ? A DA    5  N6    ? ? ? 1_555 C DT    4  O4 ? ? A DA    5   C DT    11  1_555 ? ? ? ? ? ? WATSON-CRICK    ? 
? ? 
hydrog10 hydrog ?    ? A DG    6  N1    ? ? ? 1_555 C DC    3  N3 ? ? A DG    6   C DC    10  1_555 ? ? ? ? ? ? WATSON-CRICK    ? 
? ? 
hydrog11 hydrog ?    ? A DG    6  N2    ? ? ? 1_555 C DC    3  O2 ? ? A DG    6   C DC    10  1_555 ? ? ? ? ? ? WATSON-CRICK    ? 
? ? 
hydrog12 hydrog ?    ? A DG    6  O6    ? ? ? 1_555 C DC    3  N4 ? ? A DG    6   C DC    10  1_555 ? ? ? ? ? ? WATSON-CRICK    ? 
? ? 
hydrog13 hydrog ?    ? A DC    7  N3    ? ? ? 1_555 C DG    2  N1 ? ? A DC    7   C DG    9   1_555 ? ? ? ? ? ? WATSON-CRICK    ? 
? ? 
hydrog14 hydrog ?    ? A DC    7  N4    ? ? ? 1_555 C DG    2  O6 ? ? A DC    7   C DG    9   1_555 ? ? ? ? ? ? WATSON-CRICK    ? 
? ? 
hydrog15 hydrog ?    ? A DC    7  O2    ? ? ? 1_555 C DG    2  N2 ? ? A DC    7   C DG    9   1_555 ? ? ? ? ? ? WATSON-CRICK    ? 
? ? 
hydrog16 hydrog ?    ? A DC    8  N3    ? ? ? 1_555 C DG    1  N1 ? ? A DC    8   C DG    8   1_555 ? ? ? ? ? ? WATSON-CRICK    ? 
? ? 
hydrog17 hydrog ?    ? A DC    8  N4    ? ? ? 1_555 C DG    1  O6 ? ? A DC    8   C DG    8   1_555 ? ? ? ? ? ? WATSON-CRICK    ? 
? ? 
hydrog18 hydrog ?    ? A DC    8  O2    ? ? ? 1_555 C DG    1  N2 ? ? A DC    8   C DG    8   1_555 ? ? ? ? ? ? WATSON-CRICK    ? 
? ? 
hydrog19 hydrog ?    ? A DT    9  N3    ? ? ? 1_555 B DA    7  N1 ? ? A DT    9   B DA    7   1_555 ? ? ? ? ? ? WATSON-CRICK    ? 
? ? 
hydrog20 hydrog ?    ? A DT    9  O4    ? ? ? 1_555 B DA    7  N6 ? ? A DT    9   B DA    7   1_555 ? ? ? ? ? ? WATSON-CRICK    ? 
? ? 
hydrog21 hydrog ?    ? A DG    10 N1    ? ? ? 1_555 B DC    6  N3 ? ? A DG    10  B DC    6   1_555 ? ? ? ? ? ? WATSON-CRICK    ? 
? ? 
hydrog22 hydrog ?    ? A DG    10 N2    ? ? ? 1_555 B DC    6  O2 ? ? A DG    10  B DC    6   1_555 ? ? ? ? ? ? WATSON-CRICK    ? 
? ? 
hydrog23 hydrog ?    ? A DG    10 O6    ? ? ? 1_555 B DC    6  N4 ? ? A DG    10  B DC    6   1_555 ? ? ? ? ? ? WATSON-CRICK    ? 
? ? 
hydrog24 hydrog ?    ? A DT    13 N3    ? ? ? 1_555 B DA    3  N1 ? ? A DT    13  B DA    3   1_555 ? ? ? ? ? ? WATSON-CRICK    ? 
? ? 
hydrog25 hydrog ?    ? A DT    13 O4    ? ? ? 1_555 B DA    3  N6 ? ? A DT    13  B DA    3   1_555 ? ? ? ? ? ? WATSON-CRICK    ? 
? ? 
hydrog26 hydrog ?    ? A DG    14 N1    ? ? ? 1_555 B DC    2  N3 ? ? A DG    14  B DC    2   1_555 ? ? ? ? ? ? WATSON-CRICK    ? 
? ? 
hydrog27 hydrog ?    ? A DG    14 N2    ? ? ? 1_555 B DC    2  O2 ? ? A DG    14  B DC    2   1_555 ? ? ? ? ? ? WATSON-CRICK    ? 
? ? 
hydrog28 hydrog ?    ? A DG    14 O6    ? ? ? 1_555 B DC    2  N4 ? ? A DG    14  B DC    2   1_555 ? ? ? ? ? ? WATSON-CRICK    ? 
? ? 
hydrog29 hydrog ?    ? A DG    15 N1    ? ? ? 1_555 B DC    1  N3 ? ? A DG    15  B DC    1   1_555 ? ? ? ? ? ? WATSON-CRICK    ? 
? ? 
hydrog30 hydrog ?    ? A DG    15 N2    ? ? ? 1_555 B DC    1  O2 ? ? A DG    15  B DC    1   1_555 ? ? ? ? ? ? WATSON-CRICK    ? 
? ? 
hydrog31 hydrog ?    ? A DG    15 O6    ? ? ? 1_555 B DC    1  N4 ? ? A DG    15  B DC    1   1_555 ? ? ? ? ? ? WATSON-CRICK    ? 
? ? 
hydrog32 hydrog ?    ? A DA    16 N1    ? ? ? 1_555 D DG    6  N1 ? ? A DA    16  D DG    6   1_555 ? ? ? ? ? ? TYPE_8_PAIR     ? 
? ? 
hydrog33 hydrog ?    ? A DA    16 N6    ? ? ? 1_555 D DG    6  O6 ? ? A DA    16  D DG    6   1_555 ? ? ? ? ? ? TYPE_8_PAIR     ? 
? ? 
hydrog34 hydrog ?    ? A DA    16 N1    ? ? ? 1_555 D DT    7  N3 ? ? A DA    16  D DT    7   1_555 ? ? ? ? ? ? WATSON-CRICK    ? 
? ? 
hydrog35 hydrog ?    ? A DA    16 N6    ? ? ? 1_555 D DT    7  O4 ? ? A DA    16  D DT    7   1_555 ? ? ? ? ? ? WATSON-CRICK    ? 
? ? 
hydrog36 hydrog ?    ? A DC    17 N3    ? ? ? 1_555 D DG    6  N1 ? ? A DC    17  D DG    6   1_555 ? ? ? ? ? ? WATSON-CRICK    ? 
? ? 
hydrog37 hydrog ?    ? A DC    17 N4    ? ? ? 1_555 D DG    6  O6 ? ? A DC    17  D DG    6   1_555 ? ? ? ? ? ? WATSON-CRICK    ? 
? ? 
hydrog38 hydrog ?    ? A DC    17 O2    ? ? ? 1_555 D DG    6  N2 ? ? A DC    17  D DG    6   1_555 ? ? ? ? ? ? WATSON-CRICK    ? 
? ? 
hydrog39 hydrog ?    ? A DA    18 N1    ? ? ? 1_555 D DT    5  N3 ? ? A DA    18  D DT    5   1_555 ? ? ? ? ? ? WATSON-CRICK    ? 
? ? 
hydrog40 hydrog ?    ? A DA    18 N6    ? ? ? 1_555 D DT    5  O4 ? ? A DA    18  D DT    5   1_555 ? ? ? ? ? ? WATSON-CRICK    ? 
? ? 
hydrog41 hydrog ?    ? A DT    19 N3    ? ? ? 1_555 D DA    4  N1 ? ? A DT    19  D DA    4   1_555 ? ? ? ? ? ? WATSON-CRICK    ? 
? ? 
hydrog42 hydrog ?    ? A DT    19 O4    ? ? ? 1_555 D DA    4  N6 ? ? A DT    19  D DA    4   1_555 ? ? ? ? ? ? WATSON-CRICK    ? 
? ? 
hydrog43 hydrog ?    ? A DC    20 N3    ? ? ? 1_555 D DG    3  N1 ? ? A DC    20  D DG    3   1_555 ? ? ? ? ? ? WATSON-CRICK    ? 
? ? 
hydrog44 hydrog ?    ? A DC    20 N4    ? ? ? 1_555 D DG    3  O6 ? ? A DC    20  D DG    3   1_555 ? ? ? ? ? ? WATSON-CRICK    ? 
? ? 
hydrog45 hydrog ?    ? A DC    20 O2    ? ? ? 1_555 D DG    3  N2 ? ? A DC    20  D DG    3   1_555 ? ? ? ? ? ? WATSON-CRICK    ? 
? ? 
hydrog46 hydrog ?    ? A DA    21 N1    ? ? ? 1_555 D DT    2  N3 ? ? A DA    21  D DT    2   1_555 ? ? ? ? ? ? WATSON-CRICK    ? 
? ? 
hydrog47 hydrog ?    ? A DA    21 N6    ? ? ? 1_555 D DT    2  O4 ? ? A DA    21  D DT    2   1_555 ? ? ? ? ? ? WATSON-CRICK    ? 
? ? 
# 
loop_
_struct_conn_type.id 
_struct_conn_type.criteria 
_struct_conn_type.reference 
covale ? ? 
metalc ? ? 
hydrog ? ? 
# 
_pdbx_struct_conn_angle.id                    1 
_pdbx_struct_conn_angle.ptnr1_label_atom_id   N2 
_pdbx_struct_conn_angle.ptnr1_label_alt_id    ? 
_pdbx_struct_conn_angle.ptnr1_label_asym_id   A 
_pdbx_struct_conn_angle.ptnr1_label_comp_id   1AP 
_pdbx_struct_conn_angle.ptnr1_label_seq_id    12 
_pdbx_struct_conn_angle.ptnr1_auth_atom_id    ? 
_pdbx_struct_conn_angle.ptnr1_auth_asym_id    A 
_pdbx_struct_conn_angle.ptnr1_auth_comp_id    1AP 
_pdbx_struct_conn_angle.ptnr1_auth_seq_id     12 
_pdbx_struct_conn_angle.ptnr1_PDB_ins_code    ? 
_pdbx_struct_conn_angle.ptnr1_symmetry        1_555 
_pdbx_struct_conn_angle.ptnr2_label_atom_id   AU 
_pdbx_struct_conn_angle.ptnr2_label_alt_id    ? 
_pdbx_struct_conn_angle.ptnr2_label_asym_id   E 
_pdbx_struct_conn_angle.ptnr2_label_comp_id   AU 
_pdbx_struct_conn_angle.ptnr2_label_seq_id    . 
_pdbx_struct_conn_angle.ptnr2_auth_atom_id    ? 
_pdbx_struct_conn_angle.ptnr2_auth_asym_id    A 
_pdbx_struct_conn_angle.ptnr2_auth_comp_id    AU 
_pdbx_struct_conn_angle.ptnr2_auth_seq_id     101 
_pdbx_struct_conn_angle.ptnr2_PDB_ins_code    ? 
_pdbx_struct_conn_angle.ptnr2_symmetry        1_555 
_pdbx_struct_conn_angle.ptnr3_label_atom_id   S1 
_pdbx_struct_conn_angle.ptnr3_label_alt_id    ? 
_pdbx_struct_conn_angle.ptnr3_label_asym_id   B 
_pdbx_struct_conn_angle.ptnr3_label_comp_id   A1AAZ 
_pdbx_struct_conn_angle.ptnr3_label_seq_id    4 
_pdbx_struct_conn_angle.ptnr3_auth_atom_id    ? 
_pdbx_struct_conn_angle.ptnr3_auth_asym_id    B 
_pdbx_struct_conn_angle.ptnr3_auth_comp_id    A1AAZ 
_pdbx_struct_conn_angle.ptnr3_auth_seq_id     4 
_pdbx_struct_conn_angle.ptnr3_PDB_ins_code    ? 
_pdbx_struct_conn_angle.ptnr3_symmetry        1_555 
_pdbx_struct_conn_angle.value                 165.7 
_pdbx_struct_conn_angle.value_esd             ? 
# 
_pdbx_entry_details.entry_id                   9COL 
_pdbx_entry_details.nonpolymer_details         ? 
_pdbx_entry_details.sequence_details           ? 
_pdbx_entry_details.compound_details           ? 
_pdbx_entry_details.source_details             ? 
_pdbx_entry_details.has_ligand_of_interest     Y 
_pdbx_entry_details.has_protein_modification   N 
# 
_pdbx_validate_rmsd_bond.id                        1 
_pdbx_validate_rmsd_bond.PDB_model_num             1 
_pdbx_validate_rmsd_bond.auth_atom_id_1            P 
_pdbx_validate_rmsd_bond.auth_asym_id_1            D 
_pdbx_validate_rmsd_bond.auth_comp_id_1            DC 
_pdbx_validate_rmsd_bond.auth_seq_id_1             1 
_pdbx_validate_rmsd_bond.PDB_ins_code_1            ? 
_pdbx_validate_rmsd_bond.label_alt_id_1            ? 
_pdbx_validate_rmsd_bond.auth_atom_id_2            OP3 
_pdbx_validate_rmsd_bond.auth_asym_id_2            D 
_pdbx_validate_rmsd_bond.auth_comp_id_2            DC 
_pdbx_validate_rmsd_bond.auth_seq_id_2             1 
_pdbx_validate_rmsd_bond.PDB_ins_code_2            ? 
_pdbx_validate_rmsd_bond.label_alt_id_2            ? 
_pdbx_validate_rmsd_bond.bond_value                1.484 
_pdbx_validate_rmsd_bond.bond_target_value         1.607 
_pdbx_validate_rmsd_bond.bond_deviation            -0.123 
_pdbx_validate_rmsd_bond.bond_standard_deviation   0.012 
_pdbx_validate_rmsd_bond.linker_flag               N 
# 
loop_
_pdbx_validate_rmsd_angle.id 
_pdbx_validate_rmsd_angle.PDB_model_num 
_pdbx_validate_rmsd_angle.auth_atom_id_1 
_pdbx_validate_rmsd_angle.auth_asym_id_1 
_pdbx_validate_rmsd_angle.auth_comp_id_1 
_pdbx_validate_rmsd_angle.auth_seq_id_1 
_pdbx_validate_rmsd_angle.PDB_ins_code_1 
_pdbx_validate_rmsd_angle.label_alt_id_1 
_pdbx_validate_rmsd_angle.auth_atom_id_2 
_pdbx_validate_rmsd_angle.auth_asym_id_2 
_pdbx_validate_rmsd_angle.auth_comp_id_2 
_pdbx_validate_rmsd_angle.auth_seq_id_2 
_pdbx_validate_rmsd_angle.PDB_ins_code_2 
_pdbx_validate_rmsd_angle.label_alt_id_2 
_pdbx_validate_rmsd_angle.auth_atom_id_3 
_pdbx_validate_rmsd_angle.auth_asym_id_3 
_pdbx_validate_rmsd_angle.auth_comp_id_3 
_pdbx_validate_rmsd_angle.auth_seq_id_3 
_pdbx_validate_rmsd_angle.PDB_ins_code_3 
_pdbx_validate_rmsd_angle.label_alt_id_3 
_pdbx_validate_rmsd_angle.angle_value 
_pdbx_validate_rmsd_angle.angle_target_value 
_pdbx_validate_rmsd_angle.angle_deviation 
_pdbx_validate_rmsd_angle.angle_standard_deviation 
_pdbx_validate_rmsd_angle.linker_flag 
1 1 "O4'" A DA 2  ? ? "C1'" A DA 2  ? ? N9 A DA 2  ? ? 112.67 108.30 4.37 0.30 N 
2 1 "O4'" A DC 7  ? ? "C1'" A DC 7  ? ? N1 A DC 7  ? ? 110.77 108.30 2.47 0.30 N 
3 1 "O4'" A DT 11 ? ? "C1'" A DT 11 ? ? N1 A DT 11 ? ? 110.52 108.30 2.22 0.30 N 
4 1 "O4'" B DA 7  ? ? "C1'" B DA 7  ? ? N9 B DA 7  ? ? 110.21 108.30 1.91 0.30 N 
5 1 "O4'" D DC 1  ? ? "C1'" D DC 1  ? ? N1 D DC 1  ? ? 111.63 108.30 3.33 0.30 N 
6 1 "O4'" D DG 3  ? ? "C1'" D DG 3  ? ? N9 D DG 3  ? ? 112.04 108.30 3.74 0.30 N 
# 
loop_
_space_group_symop.id 
_space_group_symop.operation_xyz 
1 x,y,z                 
2 -y,x-y,z              
3 -x+y,-x,z             
4 x+1/3,y+2/3,z+2/3     
5 -y+1/3,x-y+2/3,z+2/3  
6 -x+y+1/3,-x+2/3,z+2/3 
7 x+2/3,y+1/3,z+1/3     
8 -y+2/3,x-y+1/3,z+1/3  
9 -x+y+2/3,-x+1/3,z+1/3 
# 
loop_
_chem_comp_atom.comp_id 
_chem_comp_atom.atom_id 
_chem_comp_atom.type_symbol 
_chem_comp_atom.pdbx_aromatic_flag 
_chem_comp_atom.pdbx_stereo_config 
_chem_comp_atom.pdbx_ordinal 
1AP   N1     N  Y N 1   
1AP   C2     C  Y N 2   
1AP   C4     C  Y N 3   
1AP   C5     C  Y N 4   
1AP   C6     C  Y N 5   
1AP   C8     C  Y N 6   
1AP   N2     N  N N 7   
1AP   N3     N  Y N 8   
1AP   N9     N  Y N 9   
1AP   N7     N  Y N 10  
1AP   N6     N  N N 11  
1AP   P      P  N N 12  
1AP   OP1    O  N N 13  
1AP   OP2    O  N N 14  
1AP   "O5'"  O  N N 15  
1AP   "C5'"  C  N N 16  
1AP   "C4'"  C  N R 17  
1AP   "O4'"  O  N N 18  
1AP   "C1'"  C  N R 19  
1AP   "C2'"  C  N N 20  
1AP   "C3'"  C  N S 21  
1AP   "O3'"  O  N N 22  
1AP   OP3    O  N N 23  
1AP   H81    H  N N 24  
1AP   HN21   H  N N 25  
1AP   HN22   H  N N 26  
1AP   HN61   H  N N 27  
1AP   HN62   H  N N 28  
1AP   H1P    H  N N 29  
1AP   H52    H  N N 30  
1AP   H51    H  N N 31  
1AP   H4     H  N N 32  
1AP   H11    H  N N 33  
1AP   H21    H  N N 34  
1AP   H22    H  N N 35  
1AP   H31    H  N N 36  
1AP   HO31   H  N N 37  
1AP   H3P    H  N N 38  
A1AAZ "C1'"  C  N R 39  
A1AAZ C2     C  N N 40  
A1AAZ "C2'"  C  N N 41  
A1AAZ "C3'"  C  N S 42  
A1AAZ C4     C  N N 43  
A1AAZ "C4'"  C  N R 44  
A1AAZ C5     C  N N 45  
A1AAZ "C5'"  C  N N 46  
A1AAZ C6     C  N N 47  
A1AAZ C7     C  N N 48  
A1AAZ N1     N  N N 49  
A1AAZ N3     N  N N 50  
A1AAZ "O3'"  O  N N 51  
A1AAZ O4     O  N N 52  
A1AAZ "O4'"  O  N N 53  
A1AAZ "O5'"  O  N N 54  
A1AAZ OP1    O  N N 55  
A1AAZ OP2    O  N N 56  
A1AAZ P      P  N N 57  
A1AAZ S1     S  N N 58  
A1AAZ H1     H  N N 59  
A1AAZ H2     H  N N 60  
A1AAZ H3     H  N N 61  
A1AAZ H4     H  N N 62  
A1AAZ H5     H  N N 63  
A1AAZ H6     H  N N 64  
A1AAZ H7     H  N N 65  
A1AAZ H8     H  N N 66  
A1AAZ H9     H  N N 67  
A1AAZ H10    H  N N 68  
A1AAZ H11    H  N N 69  
A1AAZ H12    H  N N 70  
A1AAZ H15    H  N N 71  
A1AAZ OP3    O  N N 72  
A1AAZ H17    H  N N 73  
A1AAZ H13    H  N N 74  
AU    AU     AU N N 75  
DA    OP3    O  N N 76  
DA    P      P  N N 77  
DA    OP1    O  N N 78  
DA    OP2    O  N N 79  
DA    "O5'"  O  N N 80  
DA    "C5'"  C  N N 81  
DA    "C4'"  C  N R 82  
DA    "O4'"  O  N N 83  
DA    "C3'"  C  N S 84  
DA    "O3'"  O  N N 85  
DA    "C2'"  C  N N 86  
DA    "C1'"  C  N R 87  
DA    N9     N  Y N 88  
DA    C8     C  Y N 89  
DA    N7     N  Y N 90  
DA    C5     C  Y N 91  
DA    C6     C  Y N 92  
DA    N6     N  N N 93  
DA    N1     N  Y N 94  
DA    C2     C  Y N 95  
DA    N3     N  Y N 96  
DA    C4     C  Y N 97  
DA    HOP3   H  N N 98  
DA    HOP2   H  N N 99  
DA    "H5'"  H  N N 100 
DA    "H5''" H  N N 101 
DA    "H4'"  H  N N 102 
DA    "H3'"  H  N N 103 
DA    "HO3'" H  N N 104 
DA    "H2'"  H  N N 105 
DA    "H2''" H  N N 106 
DA    "H1'"  H  N N 107 
DA    H8     H  N N 108 
DA    H61    H  N N 109 
DA    H62    H  N N 110 
DA    H2     H  N N 111 
DC    OP3    O  N N 112 
DC    P      P  N N 113 
DC    OP1    O  N N 114 
DC    OP2    O  N N 115 
DC    "O5'"  O  N N 116 
DC    "C5'"  C  N N 117 
DC    "C4'"  C  N R 118 
DC    "O4'"  O  N N 119 
DC    "C3'"  C  N S 120 
DC    "O3'"  O  N N 121 
DC    "C2'"  C  N N 122 
DC    "C1'"  C  N R 123 
DC    N1     N  N N 124 
DC    C2     C  N N 125 
DC    O2     O  N N 126 
DC    N3     N  N N 127 
DC    C4     C  N N 128 
DC    N4     N  N N 129 
DC    C5     C  N N 130 
DC    C6     C  N N 131 
DC    HOP3   H  N N 132 
DC    HOP2   H  N N 133 
DC    "H5'"  H  N N 134 
DC    "H5''" H  N N 135 
DC    "H4'"  H  N N 136 
DC    "H3'"  H  N N 137 
DC    "HO3'" H  N N 138 
DC    "H2'"  H  N N 139 
DC    "H2''" H  N N 140 
DC    "H1'"  H  N N 141 
DC    H41    H  N N 142 
DC    H42    H  N N 143 
DC    H5     H  N N 144 
DC    H6     H  N N 145 
DG    OP3    O  N N 146 
DG    P      P  N N 147 
DG    OP1    O  N N 148 
DG    OP2    O  N N 149 
DG    "O5'"  O  N N 150 
DG    "C5'"  C  N N 151 
DG    "C4'"  C  N R 152 
DG    "O4'"  O  N N 153 
DG    "C3'"  C  N S 154 
DG    "O3'"  O  N N 155 
DG    "C2'"  C  N N 156 
DG    "C1'"  C  N R 157 
DG    N9     N  Y N 158 
DG    C8     C  Y N 159 
DG    N7     N  Y N 160 
DG    C5     C  Y N 161 
DG    C6     C  N N 162 
DG    O6     O  N N 163 
DG    N1     N  N N 164 
DG    C2     C  N N 165 
DG    N2     N  N N 166 
DG    N3     N  N N 167 
DG    C4     C  Y N 168 
DG    HOP3   H  N N 169 
DG    HOP2   H  N N 170 
DG    "H5'"  H  N N 171 
DG    "H5''" H  N N 172 
DG    "H4'"  H  N N 173 
DG    "H3'"  H  N N 174 
DG    "HO3'" H  N N 175 
DG    "H2'"  H  N N 176 
DG    "H2''" H  N N 177 
DG    "H1'"  H  N N 178 
DG    H8     H  N N 179 
DG    H1     H  N N 180 
DG    H21    H  N N 181 
DG    H22    H  N N 182 
DT    OP3    O  N N 183 
DT    P      P  N N 184 
DT    OP1    O  N N 185 
DT    OP2    O  N N 186 
DT    "O5'"  O  N N 187 
DT    "C5'"  C  N N 188 
DT    "C4'"  C  N R 189 
DT    "O4'"  O  N N 190 
DT    "C3'"  C  N S 191 
DT    "O3'"  O  N N 192 
DT    "C2'"  C  N N 193 
DT    "C1'"  C  N R 194 
DT    N1     N  N N 195 
DT    C2     C  N N 196 
DT    O2     O  N N 197 
DT    N3     N  N N 198 
DT    C4     C  N N 199 
DT    O4     O  N N 200 
DT    C5     C  N N 201 
DT    C7     C  N N 202 
DT    C6     C  N N 203 
DT    HOP3   H  N N 204 
DT    HOP2   H  N N 205 
DT    "H5'"  H  N N 206 
DT    "H5''" H  N N 207 
DT    "H4'"  H  N N 208 
DT    "H3'"  H  N N 209 
DT    "HO3'" H  N N 210 
DT    "H2'"  H  N N 211 
DT    "H2''" H  N N 212 
DT    "H1'"  H  N N 213 
DT    H3     H  N N 214 
DT    H71    H  N N 215 
DT    H72    H  N N 216 
DT    H73    H  N N 217 
DT    H6     H  N N 218 
# 
loop_
_chem_comp_bond.comp_id 
_chem_comp_bond.atom_id_1 
_chem_comp_bond.atom_id_2 
_chem_comp_bond.value_order 
_chem_comp_bond.pdbx_aromatic_flag 
_chem_comp_bond.pdbx_stereo_config 
_chem_comp_bond.pdbx_ordinal 
1AP   N1    C2     sing Y N 1   
1AP   N1    C6     doub Y N 2   
1AP   C2    N2     sing N N 3   
1AP   C2    N3     doub Y N 4   
1AP   C4    C5     doub Y N 5   
1AP   C4    N3     sing Y N 6   
1AP   C4    N9     sing Y N 7   
1AP   C5    C6     sing Y N 8   
1AP   C5    N7     sing Y N 9   
1AP   C6    N6     sing N N 10  
1AP   C8    N9     sing Y N 11  
1AP   C8    N7     doub Y N 12  
1AP   C8    H81    sing N N 13  
1AP   N2    HN21   sing N N 14  
1AP   N2    HN22   sing N N 15  
1AP   N9    "C1'"  sing N N 16  
1AP   N6    HN61   sing N N 17  
1AP   N6    HN62   sing N N 18  
1AP   P     OP1    sing N N 19  
1AP   P     OP2    doub N N 20  
1AP   P     "O5'"  sing N N 21  
1AP   P     OP3    sing N N 22  
1AP   OP1   H1P    sing N N 23  
1AP   "O5'" "C5'"  sing N N 24  
1AP   "C5'" "C4'"  sing N N 25  
1AP   "C5'" H52    sing N N 26  
1AP   "C5'" H51    sing N N 27  
1AP   "C4'" "O4'"  sing N N 28  
1AP   "C4'" "C3'"  sing N N 29  
1AP   "C4'" H4     sing N N 30  
1AP   "O4'" "C1'"  sing N N 31  
1AP   "C1'" "C2'"  sing N N 32  
1AP   "C1'" H11    sing N N 33  
1AP   "C2'" "C3'"  sing N N 34  
1AP   "C2'" H21    sing N N 35  
1AP   "C2'" H22    sing N N 36  
1AP   "C3'" "O3'"  sing N N 37  
1AP   "C3'" H31    sing N N 38  
1AP   "O3'" HO31   sing N N 39  
1AP   OP3   H3P    sing N N 40  
A1AAZ "C1'" "C2'"  sing N N 41  
A1AAZ "C1'" N1     sing N N 42  
A1AAZ "C1'" "O4'"  sing N N 43  
A1AAZ C2    N1     sing N N 44  
A1AAZ C2    N3     sing N N 45  
A1AAZ C2    S1     doub N N 46  
A1AAZ "C2'" "C3'"  sing N N 47  
A1AAZ "C3'" "C4'"  sing N N 48  
A1AAZ "C3'" "O3'"  sing N N 49  
A1AAZ C4    C5     sing N N 50  
A1AAZ C4    N3     sing N N 51  
A1AAZ C4    O4     doub N N 52  
A1AAZ "C4'" "C5'"  sing N N 53  
A1AAZ "C4'" "O4'"  sing N N 54  
A1AAZ C5    C6     doub N N 55  
A1AAZ C5    C7     sing N N 56  
A1AAZ "C5'" "O5'"  sing N N 57  
A1AAZ C6    N1     sing N N 58  
A1AAZ "O5'" P      sing N N 59  
A1AAZ OP1   P      doub N N 60  
A1AAZ OP2   P      sing N N 61  
A1AAZ "C1'" H1     sing N N 62  
A1AAZ "C2'" H2     sing N N 63  
A1AAZ "C2'" H3     sing N N 64  
A1AAZ "C3'" H4     sing N N 65  
A1AAZ "C4'" H5     sing N N 66  
A1AAZ "C5'" H6     sing N N 67  
A1AAZ "C5'" H7     sing N N 68  
A1AAZ C6    H8     sing N N 69  
A1AAZ C7    H9     sing N N 70  
A1AAZ C7    H10    sing N N 71  
A1AAZ C7    H11    sing N N 72  
A1AAZ "O3'" H12    sing N N 73  
A1AAZ OP2   H15    sing N N 74  
A1AAZ P     OP3    sing N N 75  
A1AAZ N3    H17    sing N N 76  
A1AAZ OP3   H13    sing N N 77  
DA    OP3   P      sing N N 78  
DA    OP3   HOP3   sing N N 79  
DA    P     OP1    doub N N 80  
DA    P     OP2    sing N N 81  
DA    P     "O5'"  sing N N 82  
DA    OP2   HOP2   sing N N 83  
DA    "O5'" "C5'"  sing N N 84  
DA    "C5'" "C4'"  sing N N 85  
DA    "C5'" "H5'"  sing N N 86  
DA    "C5'" "H5''" sing N N 87  
DA    "C4'" "O4'"  sing N N 88  
DA    "C4'" "C3'"  sing N N 89  
DA    "C4'" "H4'"  sing N N 90  
DA    "O4'" "C1'"  sing N N 91  
DA    "C3'" "O3'"  sing N N 92  
DA    "C3'" "C2'"  sing N N 93  
DA    "C3'" "H3'"  sing N N 94  
DA    "O3'" "HO3'" sing N N 95  
DA    "C2'" "C1'"  sing N N 96  
DA    "C2'" "H2'"  sing N N 97  
DA    "C2'" "H2''" sing N N 98  
DA    "C1'" N9     sing N N 99  
DA    "C1'" "H1'"  sing N N 100 
DA    N9    C8     sing Y N 101 
DA    N9    C4     sing Y N 102 
DA    C8    N7     doub Y N 103 
DA    C8    H8     sing N N 104 
DA    N7    C5     sing Y N 105 
DA    C5    C6     sing Y N 106 
DA    C5    C4     doub Y N 107 
DA    C6    N6     sing N N 108 
DA    C6    N1     doub Y N 109 
DA    N6    H61    sing N N 110 
DA    N6    H62    sing N N 111 
DA    N1    C2     sing Y N 112 
DA    C2    N3     doub Y N 113 
DA    C2    H2     sing N N 114 
DA    N3    C4     sing Y N 115 
DC    OP3   P      sing N N 116 
DC    OP3   HOP3   sing N N 117 
DC    P     OP1    doub N N 118 
DC    P     OP2    sing N N 119 
DC    P     "O5'"  sing N N 120 
DC    OP2   HOP2   sing N N 121 
DC    "O5'" "C5'"  sing N N 122 
DC    "C5'" "C4'"  sing N N 123 
DC    "C5'" "H5'"  sing N N 124 
DC    "C5'" "H5''" sing N N 125 
DC    "C4'" "O4'"  sing N N 126 
DC    "C4'" "C3'"  sing N N 127 
DC    "C4'" "H4'"  sing N N 128 
DC    "O4'" "C1'"  sing N N 129 
DC    "C3'" "O3'"  sing N N 130 
DC    "C3'" "C2'"  sing N N 131 
DC    "C3'" "H3'"  sing N N 132 
DC    "O3'" "HO3'" sing N N 133 
DC    "C2'" "C1'"  sing N N 134 
DC    "C2'" "H2'"  sing N N 135 
DC    "C2'" "H2''" sing N N 136 
DC    "C1'" N1     sing N N 137 
DC    "C1'" "H1'"  sing N N 138 
DC    N1    C2     sing N N 139 
DC    N1    C6     sing N N 140 
DC    C2    O2     doub N N 141 
DC    C2    N3     sing N N 142 
DC    N3    C4     doub N N 143 
DC    C4    N4     sing N N 144 
DC    C4    C5     sing N N 145 
DC    N4    H41    sing N N 146 
DC    N4    H42    sing N N 147 
DC    C5    C6     doub N N 148 
DC    C5    H5     sing N N 149 
DC    C6    H6     sing N N 150 
DG    OP3   P      sing N N 151 
DG    OP3   HOP3   sing N N 152 
DG    P     OP1    doub N N 153 
DG    P     OP2    sing N N 154 
DG    P     "O5'"  sing N N 155 
DG    OP2   HOP2   sing N N 156 
DG    "O5'" "C5'"  sing N N 157 
DG    "C5'" "C4'"  sing N N 158 
DG    "C5'" "H5'"  sing N N 159 
DG    "C5'" "H5''" sing N N 160 
DG    "C4'" "O4'"  sing N N 161 
DG    "C4'" "C3'"  sing N N 162 
DG    "C4'" "H4'"  sing N N 163 
DG    "O4'" "C1'"  sing N N 164 
DG    "C3'" "O3'"  sing N N 165 
DG    "C3'" "C2'"  sing N N 166 
DG    "C3'" "H3'"  sing N N 167 
DG    "O3'" "HO3'" sing N N 168 
DG    "C2'" "C1'"  sing N N 169 
DG    "C2'" "H2'"  sing N N 170 
DG    "C2'" "H2''" sing N N 171 
DG    "C1'" N9     sing N N 172 
DG    "C1'" "H1'"  sing N N 173 
DG    N9    C8     sing Y N 174 
DG    N9    C4     sing Y N 175 
DG    C8    N7     doub Y N 176 
DG    C8    H8     sing N N 177 
DG    N7    C5     sing Y N 178 
DG    C5    C6     sing N N 179 
DG    C5    C4     doub Y N 180 
DG    C6    O6     doub N N 181 
DG    C6    N1     sing N N 182 
DG    N1    C2     sing N N 183 
DG    N1    H1     sing N N 184 
DG    C2    N2     sing N N 185 
DG    C2    N3     doub N N 186 
DG    N2    H21    sing N N 187 
DG    N2    H22    sing N N 188 
DG    N3    C4     sing N N 189 
DT    OP3   P      sing N N 190 
DT    OP3   HOP3   sing N N 191 
DT    P     OP1    doub N N 192 
DT    P     OP2    sing N N 193 
DT    P     "O5'"  sing N N 194 
DT    OP2   HOP2   sing N N 195 
DT    "O5'" "C5'"  sing N N 196 
DT    "C5'" "C4'"  sing N N 197 
DT    "C5'" "H5'"  sing N N 198 
DT    "C5'" "H5''" sing N N 199 
DT    "C4'" "O4'"  sing N N 200 
DT    "C4'" "C3'"  sing N N 201 
DT    "C4'" "H4'"  sing N N 202 
DT    "O4'" "C1'"  sing N N 203 
DT    "C3'" "O3'"  sing N N 204 
DT    "C3'" "C2'"  sing N N 205 
DT    "C3'" "H3'"  sing N N 206 
DT    "O3'" "HO3'" sing N N 207 
DT    "C2'" "C1'"  sing N N 208 
DT    "C2'" "H2'"  sing N N 209 
DT    "C2'" "H2''" sing N N 210 
DT    "C1'" N1     sing N N 211 
DT    "C1'" "H1'"  sing N N 212 
DT    N1    C2     sing N N 213 
DT    N1    C6     sing N N 214 
DT    C2    O2     doub N N 215 
DT    C2    N3     sing N N 216 
DT    N3    C4     sing N N 217 
DT    N3    H3     sing N N 218 
DT    C4    O4     doub N N 219 
DT    C4    C5     sing N N 220 
DT    C5    C7     sing N N 221 
DT    C5    C6     doub N N 222 
DT    C7    H71    sing N N 223 
DT    C7    H72    sing N N 224 
DT    C7    H73    sing N N 225 
DT    C6    H6     sing N N 226 
# 
loop_
_ndb_struct_conf_na.entry_id 
_ndb_struct_conf_na.feature 
9COL 'double helix'        
9COL 'a-form double helix' 
9COL 'b-form double helix' 
# 
loop_
_ndb_struct_na_base_pair.model_number 
_ndb_struct_na_base_pair.i_label_asym_id 
_ndb_struct_na_base_pair.i_label_comp_id 
_ndb_struct_na_base_pair.i_label_seq_id 
_ndb_struct_na_base_pair.i_symmetry 
_ndb_struct_na_base_pair.j_label_asym_id 
_ndb_struct_na_base_pair.j_label_comp_id 
_ndb_struct_na_base_pair.j_label_seq_id 
_ndb_struct_na_base_pair.j_symmetry 
_ndb_struct_na_base_pair.shear 
_ndb_struct_na_base_pair.stretch 
_ndb_struct_na_base_pair.stagger 
_ndb_struct_na_base_pair.buckle 
_ndb_struct_na_base_pair.propeller 
_ndb_struct_na_base_pair.opening 
_ndb_struct_na_base_pair.pair_number 
_ndb_struct_na_base_pair.pair_name 
_ndb_struct_na_base_pair.i_auth_asym_id 
_ndb_struct_na_base_pair.i_auth_seq_id 
_ndb_struct_na_base_pair.i_PDB_ins_code 
_ndb_struct_na_base_pair.j_auth_asym_id 
_ndb_struct_na_base_pair.j_auth_seq_id 
_ndb_struct_na_base_pair.j_PDB_ins_code 
_ndb_struct_na_base_pair.hbond_type_28 
_ndb_struct_na_base_pair.hbond_type_12 
1 A DA 2  1_555 C DT 7 1_555 0.321  0.371  -0.029 -5.440  -3.138  -14.148 1  A_DA2:DT14_C A 2  ? C 14 ? 20 1 
1 A DG 3  1_555 C DC 6 1_555 -0.209 -0.153 0.460  -2.807  -7.510  -1.173  2  A_DG3:DC13_C A 3  ? C 13 ? 19 1 
1 A DC 4  1_555 C DG 5 1_555 -0.047 0.351  0.607  -6.332  -6.003  -15.731 3  A_DC4:DG12_C A 4  ? C 12 ? ?  1 
1 A DA 5  1_555 C DT 4 1_555 1.857  0.304  0.799  0.398   -2.002  -12.891 4  A_DA5:DT11_C A 5  ? C 11 ? 20 1 
1 A DG 6  1_555 C DC 3 1_555 -0.049 -0.319 1.120  6.975   -5.127  -1.596  5  A_DG6:DC10_C A 6  ? C 10 ? 19 1 
1 A DC 7  1_555 C DG 2 1_555 0.265  -0.221 0.680  6.677   -8.702  1.913   6  A_DC7:DG9_C  A 7  ? C 9  ? 19 1 
1 A DC 8  1_555 C DG 1 1_555 0.051  -0.163 0.485  -7.911  -16.318 -3.182  7  A_DC8:DG8_C  A 8  ? C 8  ? 19 1 
1 A DT 9  1_555 B DA 7 1_555 -0.296 -0.211 0.405  -4.982  -6.716  -4.896  8  A_DT9:DA7_B  A 9  ? B 7  ? 20 1 
1 A DG 10 1_555 B DC 6 1_555 -0.227 -0.115 -0.385 -5.065  -6.272  3.372   9  A_DG10:DC6_B A 10 ? B 6  ? 19 1 
1 A DT 13 1_555 B DA 3 1_555 -0.195 -0.131 -0.529 -5.862  -8.596  0.083   10 A_DT13:DA3_B A 13 ? B 3  ? 20 1 
1 A DG 14 1_555 B DC 2 1_555 -0.243 -0.091 -0.120 -15.319 -17.485 -4.720  11 A_DG14:DC2_B A 14 ? B 2  ? 19 1 
1 A DG 15 1_555 B DC 1 1_555 -0.290 -0.160 -0.415 -16.176 -14.621 -0.671  12 A_DG15:DC1_B A 15 ? B 1  ? 19 1 
1 A DA 16 1_555 D DT 7 1_555 0.224  -0.635 1.454  4.854   -10.469 -5.455  13 A_DA16:DT7_D A 16 ? D 7  ? 20 1 
1 A DC 17 1_555 D DG 6 1_555 0.146  -0.284 1.100  -3.102  -7.204  -0.423  14 A_DC17:DG6_D A 17 ? D 6  ? 19 1 
1 A DA 18 1_555 D DT 5 1_555 0.137  -0.206 0.737  2.531   -5.007  -0.204  15 A_DA18:DT5_D A 18 ? D 5  ? 20 1 
1 A DT 19 1_555 D DA 4 1_555 -0.185 -0.177 0.326  2.539   -8.898  -2.321  16 A_DT19:DA4_D A 19 ? D 4  ? 20 1 
1 A DC 20 1_555 D DG 3 1_555 0.067  -0.171 0.312  -4.703  -9.416  -1.228  17 A_DC20:DG3_D A 20 ? D 3  ? 19 1 
1 A DA 21 1_555 D DT 2 1_555 0.195  -0.049 0.253  -6.120  -8.711  -5.906  18 A_DA21:DT2_D A 21 ? D 2  ? 20 1 
# 
loop_
_ndb_struct_na_base_pair_step.model_number 
_ndb_struct_na_base_pair_step.i_label_asym_id_1 
_ndb_struct_na_base_pair_step.i_label_comp_id_1 
_ndb_struct_na_base_pair_step.i_label_seq_id_1 
_ndb_struct_na_base_pair_step.i_symmetry_1 
_ndb_struct_na_base_pair_step.j_label_asym_id_1 
_ndb_struct_na_base_pair_step.j_label_comp_id_1 
_ndb_struct_na_base_pair_step.j_label_seq_id_1 
_ndb_struct_na_base_pair_step.j_symmetry_1 
_ndb_struct_na_base_pair_step.i_label_asym_id_2 
_ndb_struct_na_base_pair_step.i_label_comp_id_2 
_ndb_struct_na_base_pair_step.i_label_seq_id_2 
_ndb_struct_na_base_pair_step.i_symmetry_2 
_ndb_struct_na_base_pair_step.j_label_asym_id_2 
_ndb_struct_na_base_pair_step.j_label_comp_id_2 
_ndb_struct_na_base_pair_step.j_label_seq_id_2 
_ndb_struct_na_base_pair_step.j_symmetry_2 
_ndb_struct_na_base_pair_step.shift 
_ndb_struct_na_base_pair_step.slide 
_ndb_struct_na_base_pair_step.rise 
_ndb_struct_na_base_pair_step.tilt 
_ndb_struct_na_base_pair_step.roll 
_ndb_struct_na_base_pair_step.twist 
_ndb_struct_na_base_pair_step.x_displacement 
_ndb_struct_na_base_pair_step.y_displacement 
_ndb_struct_na_base_pair_step.helical_rise 
_ndb_struct_na_base_pair_step.inclination 
_ndb_struct_na_base_pair_step.tip 
_ndb_struct_na_base_pair_step.helical_twist 
_ndb_struct_na_base_pair_step.step_number 
_ndb_struct_na_base_pair_step.step_name 
_ndb_struct_na_base_pair_step.i_auth_asym_id_1 
_ndb_struct_na_base_pair_step.i_auth_seq_id_1 
_ndb_struct_na_base_pair_step.i_PDB_ins_code_1 
_ndb_struct_na_base_pair_step.j_auth_asym_id_1 
_ndb_struct_na_base_pair_step.j_auth_seq_id_1 
_ndb_struct_na_base_pair_step.j_PDB_ins_code_1 
_ndb_struct_na_base_pair_step.i_auth_asym_id_2 
_ndb_struct_na_base_pair_step.i_auth_seq_id_2 
_ndb_struct_na_base_pair_step.i_PDB_ins_code_2 
_ndb_struct_na_base_pair_step.j_auth_asym_id_2 
_ndb_struct_na_base_pair_step.j_auth_seq_id_2 
_ndb_struct_na_base_pair_step.j_PDB_ins_code_2 
1 A DA 2  1_555 C DT 7 1_555 A DG 3  1_555 C DC 6 1_555 0.353  -0.850 3.089 -9.201  8.974   38.251 -2.155 -1.457 2.680 13.246  
13.582 40.276 1  AA_DA2DG3:DC13DT14_CC A 2  ? C 14 ? A 3  ? C 13 ? 
1 A DG 3  1_555 C DC 6 1_555 A DC 4  1_555 C DG 5 1_555 -0.671 -1.791 3.304 -2.482  0.188   26.073 -4.005 0.797  3.339 0.416   
5.485  26.190 2  AA_DG3DC4:DG12DC13_CC A 3  ? C 13 ? A 4  ? C 12 ? 
1 A DC 4  1_555 C DG 5 1_555 A DA 5  1_555 C DT 4 1_555 -0.676 -0.076 3.099 -2.608  4.230   47.216 -0.419 0.639  3.113 5.264   
3.245  47.462 3  AA_DC4DA5:DT11DG12_CC A 4  ? C 12 ? A 5  ? C 11 ? 
1 A DA 5  1_555 C DT 4 1_555 A DG 6  1_555 C DC 3 1_555 0.060  -1.569 3.040 -9.765  7.816   23.219 -5.234 -2.367 2.205 17.855  
22.307 26.333 4  AA_DA5DG6:DC10DT11_CC A 5  ? C 11 ? A 6  ? C 10 ? 
1 A DG 6  1_555 C DC 3 1_555 A DC 7  1_555 C DG 2 1_555 0.520  -1.569 3.352 -1.309  -1.557  29.719 -2.716 -1.294 3.403 -3.031  
2.548  29.787 5  AA_DG6DC7:DG9DC10_CC  A 6  ? C 10 ? A 7  ? C 9  ? 
1 A DC 7  1_555 C DG 2 1_555 A DC 8  1_555 C DG 1 1_555 -0.691 -0.742 3.440 -2.488  -6.619  44.057 -0.326 0.665  3.542 -8.756  
3.291  44.593 6  AA_DC7DC8:DG8DG9_CC   A 7  ? C 9  ? A 8  ? C 8  ? 
1 A DC 8  1_555 C DG 1 1_555 A DT 9  1_555 B DA 7 1_555 -2.324 -0.832 3.219 -2.916  -1.602  21.079 -1.565 5.032  3.556 -4.343  
7.907  21.337 7  AA_DC8DT9:DA7DG8_BC   A 8  ? C 8  ? A 9  ? B 7  ? 
1 A DT 9  1_555 B DA 7 1_555 A DG 10 1_555 B DC 6 1_555 -0.400 -0.541 3.839 -1.070  4.243   30.063 -2.026 0.513  3.741 8.126   
2.050  30.373 8  AA_DT9DG10:DC6DA7_BB  A 9  ? B 7  ? A 10 ? B 6  ? 
1 A DT 13 1_555 B DA 3 1_555 A DG 14 1_555 B DC 2 1_555 -1.183 2.993  3.530 -10.542 -5.702  46.808 4.138  0.569  3.342 -7.043  
13.021 48.235 9  AA_DT13DG14:DC2DA3_BB A 13 ? B 3  ? A 14 ? B 2  ? 
1 A DG 14 1_555 B DC 2 1_555 A DG 15 1_555 B DC 1 1_555 0.160  1.463  3.638 -6.807  0.030   45.523 1.869  -0.854 3.581 0.038   
8.739  46.003 10 AA_DG14DG15:DC1DC2_BB A 14 ? B 2  ? A 15 ? B 1  ? 
1 A DG 15 1_555 B DC 1 1_555 A DA 16 1_555 D DT 7 1_555 -1.572 -0.331 2.574 -22.942 -2.452  22.885 -0.161 -1.229 2.954 -4.868  
45.556 32.388 11 AA_DG15DA16:DT7DC1_DB A 15 ? B 1  ? A 16 ? D 7  ? 
1 A DA 16 1_555 D DT 7 1_555 A DC 17 1_555 D DG 6 1_555 0.200  -1.578 3.394 1.777   -1.245  29.618 -2.804 0.002  3.461 -2.431  
-3.470 29.696 12 AA_DA16DC17:DG6DT7_DD A 16 ? D 7  ? A 17 ? D 6  ? 
1 A DC 17 1_555 D DG 6 1_555 A DA 18 1_555 D DT 5 1_555 -0.381 0.115  3.022 -0.550  -12.369 38.242 1.469  0.497  2.856 -18.304 
0.814  40.125 13 AA_DC17DA18:DT5DG6_DD A 17 ? D 6  ? A 18 ? D 5  ? 
1 A DA 18 1_555 D DT 5 1_555 A DT 19 1_555 D DA 4 1_555 0.326  -0.891 3.396 2.232   -0.014  33.990 -1.519 -0.187 3.410 -0.023  
-3.813 34.061 14 AA_DA18DT19:DA4DT5_DD A 18 ? D 5  ? A 19 ? D 4  ? 
1 A DT 19 1_555 D DA 4 1_555 A DC 20 1_555 D DG 3 1_555 0.219  0.097  3.279 2.453   -3.733  42.101 0.516  -0.053 3.266 -5.179  
-3.403 42.326 15 AA_DT19DC20:DG3DA4_DD A 19 ? D 4  ? A 20 ? D 3  ? 
1 A DC 20 1_555 D DG 3 1_555 A DA 21 1_555 D DT 2 1_555 -0.643 -0.638 3.249 -1.027  2.224   30.924 -1.616 1.007  3.216 4.162   
1.921  31.018 16 AA_DC20DA21:DT2DG3_DD A 20 ? D 3  ? A 21 ? D 2  ? 
# 
loop_
_pdbx_audit_support.funding_organization 
_pdbx_audit_support.country 
_pdbx_audit_support.grant_number 
_pdbx_audit_support.ordinal 
'Department of Energy (DOE, United States)'        'United States' DE-SC0007991  1 
'Office of Naval Research (ONR)'                   'United States' N000141912596 2 
'National Science Foundation (NSF, United States)' 'United States' CCF-2106790   3 
'National Science Foundation (NSF, United States)' 'United States' GCR-2317843   4 
# 
_space_group.name_H-M_alt     'H 3' 
_space_group.name_Hall        'H 3' 
_space_group.IT_number        146 
_space_group.crystal_system   trigonal 
_space_group.id               1 
# 
_atom_sites.entry_id                    9COL 
_atom_sites.Cartn_transf_matrix[1][1]   ? 
_atom_sites.Cartn_transf_matrix[1][2]   ? 
_atom_sites.Cartn_transf_matrix[1][3]   ? 
_atom_sites.Cartn_transf_matrix[2][1]   ? 
_atom_sites.Cartn_transf_matrix[2][2]   ? 
_atom_sites.Cartn_transf_matrix[2][3]   ? 
_atom_sites.Cartn_transf_matrix[3][1]   ? 
_atom_sites.Cartn_transf_matrix[3][2]   ? 
_atom_sites.Cartn_transf_matrix[3][3]   ? 
_atom_sites.Cartn_transf_vector[1]      ? 
_atom_sites.Cartn_transf_vector[2]      ? 
_atom_sites.Cartn_transf_vector[3]      ? 
_atom_sites.Cartn_transform_axes        ? 
_atom_sites.fract_transf_matrix[1][1]   0.00710875 
_atom_sites.fract_transf_matrix[1][2]   -0.00721287 
_atom_sites.fract_transf_matrix[1][3]   0.00394388 
_atom_sites.fract_transf_matrix[2][1]   -0.00131614 
_atom_sites.fract_transf_matrix[2][2]   -0.00400842 
_atom_sites.fract_transf_matrix[2][3]   0.01001568 
_atom_sites.fract_transf_matrix[3][1]   -0.00593738 
_atom_sites.fract_transf_matrix[3][2]   -0.00803704 
_atom_sites.fract_transf_matrix[3][3]   -0.00399676 
_atom_sites.fract_transf_vector[1]      -0.150039 
_atom_sites.fract_transf_vector[2]      -0.020862 
_atom_sites.fract_transf_vector[3]      -0.414984 
_atom_sites.solution_primary            ? 
_atom_sites.solution_secondary          ? 
_atom_sites.solution_hydrogens          ? 
_atom_sites.special_details             ? 
# 
loop_
_atom_type.symbol 
_atom_type.scat_dispersion_real 
_atom_type.scat_dispersion_imag 
_atom_type.scat_Cromer_Mann_a1 
_atom_type.scat_Cromer_Mann_a2 
_atom_type.scat_Cromer_Mann_a3 
_atom_type.scat_Cromer_Mann_a4 
_atom_type.scat_Cromer_Mann_b1 
_atom_type.scat_Cromer_Mann_b2 
_atom_type.scat_Cromer_Mann_b3 
_atom_type.scat_Cromer_Mann_b4 
_atom_type.scat_Cromer_Mann_c 
_atom_type.scat_source 
_atom_type.scat_dispersion_source 
AU ? ? 78.59922 ? ? ? 4.07487  ? ? ? 0.0 
;1-Gaussian fit: Grosse-Kunstleve RW, Sauter NK, Adams PD: Newsletter of the IUCr Commission on Crystallographic Computing 2004, 3, 22-31.
;
? 
C  ? ? 5.96793  ? ? ? 14.89577 ? ? ? 0.0 
;1-Gaussian fit: Grosse-Kunstleve RW, Sauter NK, Adams PD: Newsletter of the IUCr Commission on Crystallographic Computing 2004, 3, 22-31.
;
? 
N  ? ? 6.96715  ? ? ? 11.43723 ? ? ? 0.0 
;1-Gaussian fit: Grosse-Kunstleve RW, Sauter NK, Adams PD: Newsletter of the IUCr Commission on Crystallographic Computing 2004, 3, 22-31.
;
? 
O  ? ? 7.96527  ? ? ? 9.05267  ? ? ? 0.0 
;1-Gaussian fit: Grosse-Kunstleve RW, Sauter NK, Adams PD: Newsletter of the IUCr Commission on Crystallographic Computing 2004, 3, 22-31.
;
? 
P  ? ? 14.90797 ? ? ? 11.91318 ? ? ? 0.0 
;1-Gaussian fit: Grosse-Kunstleve RW, Sauter NK, Adams PD: Newsletter of the IUCr Commission on Crystallographic Computing 2004, 3, 22-31.
;
? 
S  ? ? 15.91112 ? ? ? 10.84690 ? ? ? 0.0 
;1-Gaussian fit: Grosse-Kunstleve RW, Sauter NK, Adams PD: Newsletter of the IUCr Commission on Crystallographic Computing 2004, 3, 22-31.
;
? 
# 
loop_
_atom_site.group_PDB 
_atom_site.id 
_atom_site.type_symbol 
_atom_site.label_atom_id 
_atom_site.label_alt_id 
_atom_site.label_comp_id 
_atom_site.label_asym_id 
_atom_site.label_entity_id 
_atom_site.label_seq_id 
_atom_site.pdbx_PDB_ins_code 
_atom_site.Cartn_x 
_atom_site.Cartn_y 
_atom_site.Cartn_z 
_atom_site.occupancy 
_atom_site.B_iso_or_equiv 
_atom_site.pdbx_formal_charge 
_atom_site.auth_seq_id 
_atom_site.auth_comp_id 
_atom_site.auth_asym_id 
_atom_site.auth_atom_id 
_atom_site.pdbx_PDB_model_num 
ATOM   1   O  "O5'" . DG    A 1 1  ? -0.52486  -2.94130  -29.89423 1.000 427.46000 ? 1   DG    A "O5'" 1 
ATOM   2   C  "C5'" . DG    A 1 1  ? 0.62819   -3.22598  -30.69000 1.000 336.37000 ? 1   DG    A "C5'" 1 
ATOM   3   C  "C4'" . DG    A 1 1  ? 0.67647   -2.34684  -31.93450 1.000 296.59000 ? 1   DG    A "C4'" 1 
ATOM   4   O  "O4'" . DG    A 1 1  ? -0.63254  -2.27640  -32.51996 1.000 302.10000 ? 1   DG    A "O4'" 1 
ATOM   5   C  "C3'" . DG    A 1 1  ? 1.06292   -0.89323  -31.69151 1.000 311.52000 ? 1   DG    A "C3'" 1 
ATOM   6   O  "O3'" . DG    A 1 1  ? 2.48388   -0.72993  -31.76930 1.000 327.78000 ? 1   DG    A "O3'" 1 
ATOM   7   C  "C2'" . DG    A 1 1  ? 0.33911   -0.12408  -32.81456 1.000 298.36000 ? 1   DG    A "C2'" 1 
ATOM   8   C  "C1'" . DG    A 1 1  ? -0.71115  -1.12136  -33.32565 1.000 297.16000 ? 1   DG    A "C1'" 1 
ATOM   9   N  N9    . DG    A 1 1  ? -2.11570  -0.67008  -33.35023 1.000 299.96000 ? 1   DG    A N9    1 
ATOM   10  C  C8    . DG    A 1 1  ? -3.21772  -1.49464  -33.35086 1.000 287.02000 ? 1   DG    A C8    1 
ATOM   11  N  N7    . DG    A 1 1  ? -4.35127  -0.85994  -33.40097 1.000 235.70000 ? 1   DG    A N7    1 
ATOM   12  C  C5    . DG    A 1 1  ? -3.99333  0.47927   -33.44298 1.000 265.23000 ? 1   DG    A C5    1 
ATOM   13  C  C6    . DG    A 1 1  ? -4.81064  1.63173   -33.50691 1.000 275.80000 ? 1   DG    A C6    1 
ATOM   14  O  O6    . DG    A 1 1  ? -6.04747  1.69182   -33.53254 1.000 280.65000 ? 1   DG    A O6    1 
ATOM   15  N  N1    . DG    A 1 1  ? -4.05598  2.80062   -33.53457 1.000 291.75000 ? 1   DG    A N1    1 
ATOM   16  C  C2    . DG    A 1 1  ? -2.68327  2.84927   -33.50941 1.000 293.00000 ? 1   DG    A C2    1 
ATOM   17  N  N2    . DG    A 1 1  ? -2.13157  4.06896   -33.54233 1.000 314.16000 ? 1   DG    A N2    1 
ATOM   18  N  N3    . DG    A 1 1  ? -1.90203  1.77628   -33.45205 1.000 272.56000 ? 1   DG    A N3    1 
ATOM   19  C  C4    . DG    A 1 1  ? -2.61908  0.62485   -33.42115 1.000 278.16000 ? 1   DG    A C4    1 
ATOM   20  P  P     . DA    A 1 2  ? 3.25407   0.18452   -30.69446 1.000 319.75000 ? 2   DA    A P     1 
ATOM   21  O  OP1   . DA    A 1 2  ? 4.49489   -0.52966  -30.31266 1.000 410.51000 ? 2   DA    A OP1   1 
ATOM   22  O  OP2   . DA    A 1 2  ? 2.27652   0.57566   -29.65181 1.000 289.83000 ? 2   DA    A OP2   1 
ATOM   23  O  "O5'" . DA    A 1 2  ? 3.65643   1.50235   -31.51069 1.000 310.97000 ? 2   DA    A "O5'" 1 
ATOM   24  C  "C5'" . DA    A 1 2  ? 4.09366   2.66196   -30.81119 1.000 326.19000 ? 2   DA    A "C5'" 1 
ATOM   25  C  "C4'" . DA    A 1 2  ? 2.97700   3.68741   -30.71355 1.000 319.33000 ? 2   DA    A "C4'" 1 
ATOM   26  O  "O4'" . DA    A 1 2  ? 1.70727   3.07659   -31.11835 1.000 267.47000 ? 2   DA    A "O4'" 1 
ATOM   27  C  "C3'" . DA    A 1 2  ? 2.73828   4.25877   -29.29986 1.000 295.12000 ? 2   DA    A "C3'" 1 
ATOM   28  O  "O3'" . DA    A 1 2  ? 2.64965   5.72898   -29.32425 1.000 271.76000 ? 2   DA    A "O3'" 1 
ATOM   29  C  "C2'" . DA    A 1 2  ? 1.40673   3.60713   -28.90335 1.000 330.68000 ? 2   DA    A "C2'" 1 
ATOM   30  C  "C1'" . DA    A 1 2  ? 0.72470   3.57832   -30.25563 1.000 326.47000 ? 2   DA    A "C1'" 1 
ATOM   31  N  N9    . DA    A 1 2  ? -0.52555  2.80576   -30.31027 1.000 317.50000 ? 2   DA    A N9    1 
ATOM   32  C  C8    . DA    A 1 2  ? -0.67795  1.45189   -30.28835 1.000 335.48000 ? 2   DA    A C8    1 
ATOM   33  N  N7    . DA    A 1 2  ? -1.93098  1.05443   -30.34188 1.000 286.04000 ? 2   DA    A N7    1 
ATOM   34  C  C5    . DA    A 1 2  ? -2.65165  2.23294   -30.36750 1.000 268.63000 ? 2   DA    A C5    1 
ATOM   35  C  C6    . DA    A 1 2  ? -4.03576  2.50263   -30.41541 1.000 266.84000 ? 2   DA    A C6    1 
ATOM   36  N  N6    . DA    A 1 2  ? -4.97190  1.55140   -30.44276 1.000 280.72000 ? 2   DA    A N6    1 
ATOM   37  N  N1    . DA    A 1 2  ? -4.41888  3.79407   -30.43177 1.000 269.33000 ? 2   DA    A N1    1 
ATOM   38  C  C2    . DA    A 1 2  ? -3.47935  4.74549   -30.40715 1.000 270.59000 ? 2   DA    A C2    1 
ATOM   39  N  N3    . DA    A 1 2  ? -2.15473  4.61478   -30.35918 1.000 292.18000 ? 2   DA    A N3    1 
ATOM   40  C  C4    . DA    A 1 2  ? -1.80256  3.32132   -30.34661 1.000 294.45000 ? 2   DA    A C4    1 
ATOM   41  P  P     . DG    A 1 3  ? 1.39071   6.47085   -28.64697 1.000 320.80000 ? 3   DG    A P     1 
ATOM   42  O  OP1   . DG    A 1 3  ? 1.28743   6.02841   -27.23492 1.000 276.86000 ? 3   DG    A OP1   1 
ATOM   43  O  OP2   . DG    A 1 3  ? 0.27282   6.36657   -29.60928 1.000 425.29000 ? 3   DG    A OP2   1 
ATOM   44  O  "O5'" . DG    A 1 3  ? 1.72077   8.03257   -28.63723 1.000 337.53000 ? 3   DG    A "O5'" 1 
ATOM   45  C  "C5'" . DG    A 1 3  ? 0.64793   9.00163   -28.85480 1.000 343.58000 ? 3   DG    A "C5'" 1 
ATOM   46  C  "C4'" . DG    A 1 3  ? -0.53658  8.84037   -27.87487 1.000 335.37000 ? 3   DG    A "C4'" 1 
ATOM   47  O  "O4'" . DG    A 1 3  ? -1.36706  7.70857   -28.23731 1.000 308.36000 ? 3   DG    A "O4'" 1 
ATOM   48  C  "C3'" . DG    A 1 3  ? -0.17658  8.62380   -26.40704 1.000 319.27000 ? 3   DG    A "C3'" 1 
ATOM   49  O  "O3'" . DG    A 1 3  ? -0.16125  9.89540   -25.69103 1.000 347.38000 ? 3   DG    A "O3'" 1 
ATOM   50  C  "C2'" . DG    A 1 3  ? -1.24734  7.63108   -25.88708 1.000 302.13000 ? 3   DG    A "C2'" 1 
ATOM   51  C  "C1'" . DG    A 1 3  ? -2.11692  7.32137   -27.10948 1.000 299.94000 ? 3   DG    A "C1'" 1 
ATOM   52  N  N9    . DG    A 1 3  ? -2.48506  5.89487   -27.21876 1.000 290.63000 ? 3   DG    A N9    1 
ATOM   53  C  C8    . DG    A 1 3  ? -1.63118  4.82857   -27.37163 1.000 268.91000 ? 3   DG    A C8    1 
ATOM   54  N  N7    . DG    A 1 3  ? -2.24013  3.67238   -27.42174 1.000 257.11000 ? 3   DG    A N7    1 
ATOM   55  C  C5    . DG    A 1 3  ? -3.58491  3.98355   -27.28836 1.000 287.25000 ? 3   DG    A C5    1 
ATOM   56  C  C6    . DG    A 1 3  ? -4.71977  3.13177   -27.27165 1.000 275.52000 ? 3   DG    A C6    1 
ATOM   57  O  O6    . DG    A 1 3  ? -4.75548  1.89634   -27.37580 1.000 243.48000 ? 3   DG    A O6    1 
ATOM   58  N  N1    . DG    A 1 3  ? -5.90207  3.85108   -27.10983 1.000 268.26000 ? 3   DG    A N1    1 
ATOM   59  C  C2    . DG    A 1 3  ? -5.97770  5.22178   -26.98571 1.000 266.47000 ? 3   DG    A C2    1 
ATOM   60  N  N2    . DG    A 1 3  ? -7.20569  5.73877   -26.83926 1.000 233.71000 ? 3   DG    A N2    1 
ATOM   61  N  N3    . DG    A 1 3  ? -4.92089  6.03066   -26.99947 1.000 294.09000 ? 3   DG    A N3    1 
ATOM   62  C  C4    . DG    A 1 3  ? -3.76098  5.34783   -27.15830 1.000 302.48000 ? 3   DG    A C4    1 
ATOM   63  P  P     . DC    A 1 4  ? -1.29101  10.29575  -24.61044 1.000 336.54000 ? 4   DC    A P     1 
ATOM   64  O  OP1   . DC    A 1 4  ? -2.59408  10.29058  -25.32195 1.000 335.45000 ? 4   DC    A OP1   1 
ATOM   65  O  OP2   . DC    A 1 4  ? -0.84340  11.55549  -23.97150 1.000 282.18000 ? 4   DC    A OP2   1 
ATOM   66  O  "O5'" . DC    A 1 4  ? -1.18667  9.15999   -23.47245 1.000 316.73000 ? 4   DC    A "O5'" 1 
ATOM   67  C  "C5'" . DC    A 1 4  ? -2.06003  9.16850   -22.33487 1.000 310.42000 ? 4   DC    A "C5'" 1 
ATOM   68  C  "C4'" . DC    A 1 4  ? -3.51703  9.09355   -22.75815 1.000 312.69000 ? 4   DC    A "C4'" 1 
ATOM   69  O  "O4'" . DC    A 1 4  ? -3.67896  8.10494   -23.80661 1.000 260.00000 ? 4   DC    A "O4'" 1 
ATOM   70  C  "C3'" . DC    A 1 4  ? -4.47890  8.63881   -21.68847 1.000 325.38000 ? 4   DC    A "C3'" 1 
ATOM   71  O  "O3'" . DC    A 1 4  ? -4.75715  9.71870   -20.73511 1.000 333.11000 ? 4   DC    A "O3'" 1 
ATOM   72  C  "C2'" . DC    A 1 4  ? -5.68195  8.21159   -22.53188 1.000 314.89000 ? 4   DC    A "C2'" 1 
ATOM   73  C  "C1'" . DC    A 1 4  ? -5.00122  7.58345   -23.75830 1.000 281.46000 ? 4   DC    A "C1'" 1 
ATOM   74  N  N1    . DC    A 1 4  ? -4.93723  6.04008   -23.80331 1.000 282.84000 ? 4   DC    A N1    1 
ATOM   75  C  C2    . DC    A 1 4  ? -6.11014  5.25723   -23.72061 1.000 279.27000 ? 4   DC    A C2    1 
ATOM   76  O  O2    . DC    A 1 4  ? -7.20240  5.81170   -23.56302 1.000 287.11000 ? 4   DC    A O2    1 
ATOM   77  N  N3    . DC    A 1 4  ? -6.00668  3.89927   -23.80126 1.000 271.09000 ? 4   DC    A N3    1 
ATOM   78  C  C4    . DC    A 1 4  ? -4.81313  3.32833   -23.97925 1.000 271.89000 ? 4   DC    A C4    1 
ATOM   79  N  N4    . DC    A 1 4  ? -4.74153  1.99013   -24.04424 1.000 279.20000 ? 4   DC    A N4    1 
ATOM   80  C  C5    . DC    A 1 4  ? -3.62114  4.10399   -24.07318 1.000 249.81000 ? 4   DC    A C5    1 
ATOM   81  C  C6    . DC    A 1 4  ? -3.72899  5.43538   -23.99180 1.000 266.05000 ? 4   DC    A C6    1 
ATOM   82  P  P     . DA    A 1 5  ? -5.99424  10.74231  -20.88841 1.000 332.43000 ? 5   DA    A P     1 
ATOM   83  O  OP1   . DA    A 1 5  ? -6.07499  11.22680  -22.28393 1.000 364.86000 ? 5   DA    A OP1   1 
ATOM   84  O  OP2   . DA    A 1 5  ? -5.84604  11.74563  -19.80873 1.000 310.56000 ? 5   DA    A OP2   1 
ATOM   85  O  "O5'" . DA    A 1 5  ? -7.28529  9.87615   -20.50842 1.000 282.51000 ? 5   DA    A "O5'" 1 
ATOM   86  C  "C5'" . DA    A 1 5  ? -8.57382  10.48408  -20.50605 1.000 282.23000 ? 5   DA    A "C5'" 1 
ATOM   87  C  "C4'" . DA    A 1 5  ? -9.64065  9.49389   -20.06703 1.000 291.27000 ? 5   DA    A "C4'" 1 
ATOM   88  O  "O4'" . DA    A 1 5  ? -9.33327  8.18232   -20.61123 1.000 284.01000 ? 5   DA    A "O4'" 1 
ATOM   89  C  "C3'" . DA    A 1 5  ? -9.75793  9.30519   -18.55744 1.000 315.31000 ? 5   DA    A "C3'" 1 
ATOM   90  O  "O3'" . DA    A 1 5  ? -11.11673 9.10999   -18.17934 1.000 335.23000 ? 5   DA    A "O3'" 1 
ATOM   91  C  "C2'" . DA    A 1 5  ? -8.92478  8.05765   -18.30161 1.000 310.70000 ? 5   DA    A "C2'" 1 
ATOM   92  C  "C1'" . DA    A 1 5  ? -9.16868  7.24524   -19.56377 1.000 316.68000 ? 5   DA    A "C1'" 1 
ATOM   93  N  N9    . DA    A 1 5  ? -8.03915  6.38563   -19.89283 1.000 321.53000 ? 5   DA    A N9    1 
ATOM   94  C  C8    . DA    A 1 5  ? -6.75311  6.77911   -20.07419 1.000 316.48000 ? 5   DA    A C8    1 
ATOM   95  N  N7    . DA    A 1 5  ? -5.92793  5.80449   -20.36341 1.000 305.38000 ? 5   DA    A N7    1 
ATOM   96  C  C5    . DA    A 1 5  ? -6.72724  4.68011   -20.34008 1.000 309.80000 ? 5   DA    A C5    1 
ATOM   97  C  C6    . DA    A 1 5  ? -6.44713  3.31829   -20.55423 1.000 278.31000 ? 5   DA    A C6    1 
ATOM   98  N  N6    . DA    A 1 5  ? -5.22800  2.85554   -20.84507 1.000 288.41000 ? 5   DA    A N6    1 
ATOM   99  N  N1    . DA    A 1 5  ? -7.47115  2.44913   -20.45720 1.000 234.91000 ? 5   DA    A N1    1 
ATOM   100 C  C2    . DA    A 1 5  ? -8.69163  2.92152   -20.17027 1.000 252.80000 ? 5   DA    A C2    1 
ATOM   101 N  N3    . DA    A 1 5  ? -9.07616  4.17961   -19.94516 1.000 261.60000 ? 5   DA    A N3    1 
ATOM   102 C  C4    . DA    A 1 5  ? -8.03648  5.01817   -20.05238 1.000 311.52000 ? 5   DA    A C4    1 
ATOM   103 P  P     . DG    A 1 6  ? -11.48648 8.85757   -16.63511 1.000 359.38000 ? 6   DG    A P     1 
ATOM   104 O  OP1   . DG    A 1 6  ? -12.85330 9.36638   -16.40058 1.000 344.67000 ? 6   DG    A OP1   1 
ATOM   105 O  OP2   . DG    A 1 6  ? -10.36270 9.36400   -15.81165 1.000 299.61000 ? 6   DG    A OP2   1 
ATOM   106 O  "O5'" . DG    A 1 6  ? -11.54004 7.26646   -16.51719 1.000 333.68000 ? 6   DG    A "O5'" 1 
ATOM   107 C  "C5'" . DG    A 1 6  ? -12.48780 6.53934   -17.29299 1.000 294.61000 ? 6   DG    A "C5'" 1 
ATOM   108 C  "C4'" . DG    A 1 6  ? -12.66395 5.13964   -16.74239 1.000 325.41000 ? 6   DG    A "C4'" 1 
ATOM   109 O  "O4'" . DG    A 1 6  ? -11.65642 4.26985   -17.31943 1.000 344.08000 ? 6   DG    A "O4'" 1 
ATOM   110 C  "C3'" . DG    A 1 6  ? -12.51926 5.03453   -15.22461 1.000 350.97000 ? 6   DG    A "C3'" 1 
ATOM   111 O  "O3'" . DG    A 1 6  ? -13.56086 4.23167   -14.66931 1.000 359.89000 ? 6   DG    A "O3'" 1 
ATOM   112 C  "C2'" . DG    A 1 6  ? -11.14139 4.40227   -15.03073 1.000 316.74000 ? 6   DG    A "C2'" 1 
ATOM   113 C  "C1'" . DG    A 1 6  ? -10.96969 3.58428   -16.30128 1.000 339.30000 ? 6   DG    A "C1'" 1 
ATOM   114 N  N9    . DG    A 1 6  ? -9.57148  3.43755   -16.69929 1.000 322.04000 ? 6   DG    A N9    1 
ATOM   115 C  C8    . DG    A 1 6  ? -8.67157  4.44217   -16.96783 1.000 301.36000 ? 6   DG    A C8    1 
ATOM   116 N  N7    . DG    A 1 6  ? -7.48437  4.00162   -17.29088 1.000 300.23000 ? 6   DG    A N7    1 
ATOM   117 C  C5    . DG    A 1 6  ? -7.60605  2.61852   -17.22888 1.000 287.24000 ? 6   DG    A C5    1 
ATOM   118 C  C6    . DG    A 1 6  ? -6.65155  1.60216   -17.47549 1.000 255.45000 ? 6   DG    A C6    1 
ATOM   119 O  O6    . DG    A 1 6  ? -5.46680  1.72328   -17.81496 1.000 253.46000 ? 6   DG    A O6    1 
ATOM   120 N  N1    . DG    A 1 6  ? -7.19435  0.32955   -17.29548 1.000 242.99000 ? 6   DG    A N1    1 
ATOM   121 C  C2    . DG    A 1 6  ? -8.49558  0.07741   -16.92609 1.000 260.38000 ? 6   DG    A C2    1 
ATOM   122 N  N2    . DG    A 1 6  ? -8.84563  -1.21057  -16.79418 1.000 265.06000 ? 6   DG    A N2    1 
ATOM   123 N  N3    . DG    A 1 6  ? -9.39373  1.01954   -16.69202 1.000 274.79000 ? 6   DG    A N3    1 
ATOM   124 C  C4    . DG    A 1 6  ? -8.88572  2.25913   -16.86703 1.000 302.24000 ? 6   DG    A C4    1 
ATOM   125 P  P     . DC    A 1 7  ? -13.60205 3.94964   -13.08508 1.000 310.92000 ? 7   DC    A P     1 
ATOM   126 O  OP1   . DC    A 1 7  ? -15.00464 3.67066   -12.70502 1.000 296.11000 ? 7   DC    A OP1   1 
ATOM   127 O  OP2   . DC    A 1 7  ? -12.85712 5.03141   -12.40342 1.000 292.55000 ? 7   DC    A OP2   1 
ATOM   128 O  "O5'" . DC    A 1 7  ? -12.76037 2.60340   -12.92080 1.000 281.99000 ? 7   DC    A "O5'" 1 
ATOM   129 C  "C5'" . DC    A 1 7  ? -13.04343 1.49774   -13.75858 1.000 275.44000 ? 7   DC    A "C5'" 1 
ATOM   130 C  "C4'" . DC    A 1 7  ? -12.01567 0.40115   -13.57301 1.000 270.56000 ? 7   DC    A "C4'" 1 
ATOM   131 O  "O4'" . DC    A 1 7  ? -10.75592 0.78297   -14.19002 1.000 273.20000 ? 7   DC    A "O4'" 1 
ATOM   132 C  "C3'" . DC    A 1 7  ? -11.68440 0.05629   -12.11147 1.000 275.60000 ? 7   DC    A "C3'" 1 
ATOM   133 O  "O3'" . DC    A 1 7  ? -11.77516 -1.34613  -11.93269 1.000 285.31000 ? 7   DC    A "O3'" 1 
ATOM   134 C  "C2'" . DC    A 1 7  ? -10.23747 0.54159   -11.95715 1.000 262.71000 ? 7   DC    A "C2'" 1 
ATOM   135 C  "C1'" . DC    A 1 7  ? -9.73276  0.30025   -13.36331 1.000 270.29000 ? 7   DC    A "C1'" 1 
ATOM   136 N  N1    . DC    A 1 7  ? -8.41236  0.95182   -13.70813 1.000 259.63000 ? 7   DC    A N1    1 
ATOM   137 C  C2    . DC    A 1 7  ? -7.33116  0.12610   -13.99852 1.000 243.93000 ? 7   DC    A C2    1 
ATOM   138 O  O2    . DC    A 1 7  ? -7.50627  -1.09764  -13.95681 1.000 223.67000 ? 7   DC    A O2    1 
ATOM   139 N  N3    . DC    A 1 7  ? -6.13229  0.67820   -14.31014 1.000 251.17000 ? 7   DC    A N3    1 
ATOM   140 C  C4    . DC    A 1 7  ? -5.99928  2.00687   -14.34144 1.000 261.59000 ? 7   DC    A C4    1 
ATOM   141 N  N4    . DC    A 1 7  ? -4.79457  2.50344   -14.66584 1.000 304.02000 ? 7   DC    A N4    1 
ATOM   142 C  C5    . DC    A 1 7  ? -7.09749  2.87801   -14.05248 1.000 251.18000 ? 7   DC    A C5    1 
ATOM   143 C  C6    . DC    A 1 7  ? -8.27841  2.31095   -13.74014 1.000 264.99000 ? 7   DC    A C6    1 
ATOM   144 P  P     . DC    A 1 8  ? -12.43864 -1.96118  -10.60691 1.000 286.93000 ? 8   DC    A P     1 
ATOM   145 O  OP1   . DC    A 1 8  ? -13.88761 -2.13912  -10.85659 1.000 276.35000 ? 8   DC    A OP1   1 
ATOM   146 O  OP2   . DC    A 1 8  ? -11.97215 -1.15512  -9.45802  1.000 283.84000 ? 8   DC    A OP2   1 
ATOM   147 O  "O5'" . DC    A 1 8  ? -11.75564 -3.39895  -10.48058 1.000 227.02000 ? 8   DC    A "O5'" 1 
ATOM   148 C  "C5'" . DC    A 1 8  ? -10.44002 -3.50805  -9.96723  1.000 219.75000 ? 8   DC    A "C5'" 1 
ATOM   149 C  "C4'" . DC    A 1 8  ? -9.69865  -4.65002  -10.63284 1.000 224.97000 ? 8   DC    A "C4'" 1 
ATOM   150 O  "O4'" . DC    A 1 8  ? -8.95221  -4.15070  -11.76834 1.000 240.06000 ? 8   DC    A "O4'" 1 
ATOM   151 C  "C3'" . DC    A 1 8  ? -8.72300  -5.39473  -9.72843  1.000 246.64000 ? 8   DC    A "C3'" 1 
ATOM   152 O  "O3'" . DC    A 1 8  ? -9.23612  -6.71919  -9.49365  1.000 268.29000 ? 8   DC    A "O3'" 1 
ATOM   153 C  "C2'" . DC    A 1 8  ? -7.38931  -5.40580  -10.49187 1.000 239.20000 ? 8   DC    A "C2'" 1 
ATOM   154 C  "C1'" . DC    A 1 8  ? -7.57218  -4.38066  -11.60849 1.000 261.36000 ? 8   DC    A "C1'" 1 
ATOM   155 N  N1    . DC    A 1 8  ? -6.87730  -3.03678  -11.42531 1.000 249.42000 ? 8   DC    A N1    1 
ATOM   156 C  C2    . DC    A 1 8  ? -5.49066  -2.91199  -11.63587 1.000 234.45000 ? 8   DC    A C2    1 
ATOM   157 O  O2    . DC    A 1 8  ? -4.81806  -3.90904  -11.91180 1.000 245.83000 ? 8   DC    A O2    1 
ATOM   158 N  N3    . DC    A 1 8  ? -4.91468  -1.68809  -11.50332 1.000 211.09000 ? 8   DC    A N3    1 
ATOM   159 C  C4    . DC    A 1 8  ? -5.65466  -0.62331  -11.20155 1.000 214.70000 ? 8   DC    A C4    1 
ATOM   160 N  N4    . DC    A 1 8  ? -5.03345  0.55822   -11.08868 1.000 232.38000 ? 8   DC    A N4    1 
ATOM   161 C  C5    . DC    A 1 8  ? -7.06034  -0.72278  -10.99746 1.000 205.96000 ? 8   DC    A C5    1 
ATOM   162 C  C6    . DC    A 1 8  ? -7.62530  -1.92991  -11.13162 1.000 214.07000 ? 8   DC    A C6    1 
ATOM   163 P  P     . DT    A 1 9  ? -8.28717  -7.94477  -9.06624  1.000 280.29000 ? 9   DT    A P     1 
ATOM   164 O  OP1   . DT    A 1 9  ? -7.62841  -8.45955  -10.29142 1.000 254.64000 ? 9   DT    A OP1   1 
ATOM   165 O  OP2   . DT    A 1 9  ? -9.13000  -8.86410  -8.26776  1.000 304.09000 ? 9   DT    A OP2   1 
ATOM   166 O  "O5'" . DT    A 1 9  ? -7.21924  -7.29631  -8.06307  1.000 262.39000 ? 9   DT    A "O5'" 1 
ATOM   167 C  "C5'" . DT    A 1 9  ? -6.36875  -8.13510  -7.28437  1.000 262.57000 ? 9   DT    A "C5'" 1 
ATOM   168 C  "C4'" . DT    A 1 9  ? -5.44013  -8.93710  -8.17670  1.000 247.05000 ? 9   DT    A "C4'" 1 
ATOM   169 O  "O4'" . DT    A 1 9  ? -5.00261  -8.11385  -9.27848  1.000 262.28000 ? 9   DT    A "O4'" 1 
ATOM   170 C  "C3'" . DT    A 1 9  ? -4.19226  -9.47155  -7.49092  1.000 245.09000 ? 9   DT    A "C3'" 1 
ATOM   171 O  "O3'" . DT    A 1 9  ? -4.03654  -10.84742 -7.77478  1.000 244.54000 ? 9   DT    A "O3'" 1 
ATOM   172 C  "C2'" . DT    A 1 9  ? -3.02791  -8.64527  -8.05217  1.000 235.74000 ? 9   DT    A "C2'" 1 
ATOM   173 C  "C1'" . DT    A 1 9  ? -3.63514  -7.79360  -9.16159  1.000 239.38000 ? 9   DT    A "C1'" 1 
ATOM   174 N  N1    . DT    A 1 9  ? -3.49805  -6.30383  -8.95209  1.000 230.84000 ? 9   DT    A N1    1 
ATOM   175 C  C2    . DT    A 1 9  ? -2.25737  -5.71016  -9.06472  1.000 226.90000 ? 9   DT    A C2    1 
ATOM   176 O  O2    . DT    A 1 9  ? -1.23695  -6.32821  -9.30276  1.000 267.35000 ? 9   DT    A O2    1 
ATOM   177 N  N3    . DT    A 1 9  ? -2.25987  -4.34963  -8.86994  1.000 207.51000 ? 9   DT    A N3    1 
ATOM   178 C  C4    . DT    A 1 9  ? -3.34548  -3.54348  -8.59556  1.000 195.38000 ? 9   DT    A C4    1 
ATOM   179 O  O4    . DT    A 1 9  ? -3.24889  -2.33319  -8.43704  1.000 172.64000 ? 9   DT    A O4    1 
ATOM   180 C  C5    . DT    A 1 9  ? -4.60630  -4.22197  -8.49783  1.000 214.35000 ? 9   DT    A C5    1 
ATOM   181 C  C7    . DT    A 1 9  ? -5.84949  -3.43786  -8.19547  1.000 218.85000 ? 9   DT    A C7    1 
ATOM   182 C  C6    . DT    A 1 9  ? -4.62439  -5.55397  -8.68172  1.000 237.75000 ? 9   DT    A C6    1 
ATOM   183 P  P     . DG    A 1 10 ? -2.94122  -11.70833 -6.97601  1.000 236.04000 ? 10  DG    A P     1 
ATOM   184 O  OP1   . DG    A 1 10 ? -1.84262  -11.97230 -7.93450  1.000 196.83000 ? 10  DG    A OP1   1 
ATOM   185 O  OP2   . DG    A 1 10 ? -3.64727  -12.84482 -6.34522  1.000 341.33000 ? 10  DG    A OP2   1 
ATOM   186 O  "O5'" . DG    A 1 10 ? -2.46589  -10.72738 -5.79611  1.000 200.69000 ? 10  DG    A "O5'" 1 
ATOM   187 C  "C5'" . DG    A 1 10 ? -1.31773  -11.04675 -5.00697  1.000 220.87000 ? 10  DG    A "C5'" 1 
ATOM   188 C  "C4'" . DG    A 1 10 ? -0.04365  -10.84618 -5.80857  1.000 182.47000 ? 10  DG    A "C4'" 1 
ATOM   189 O  "O4'" . DG    A 1 10 ? -0.16923  -9.64845  -6.60878  1.000 188.57000 ? 10  DG    A "O4'" 1 
ATOM   190 C  "C3'" . DG    A 1 10 ? 1.23040   -10.68925 -4.99022  1.000 190.39000 ? 10  DG    A "C3'" 1 
ATOM   191 O  "O3'" . DG    A 1 10 ? 2.31895   -11.33993 -5.63277  1.000 216.62000 ? 10  DG    A "O3'" 1 
ATOM   192 C  "C2'" . DG    A 1 10 ? 1.44305   -9.18218  -4.93314  1.000 183.48000 ? 10  DG    A "C2'" 1 
ATOM   193 C  "C1'" . DG    A 1 10 ? 0.73612   -8.65770  -6.16817  1.000 193.62000 ? 10  DG    A "C1'" 1 
ATOM   194 N  N9    . DG    A 1 10 ? -0.00514  -7.41270  -5.94418  1.000 166.95000 ? 10  DG    A N9    1 
ATOM   195 C  C8    . DG    A 1 10 ? -1.35502  -7.27467  -5.77009  1.000 161.00000 ? 10  DG    A C8    1 
ATOM   196 N  N7    . DG    A 1 10 ? -1.73660  -6.03891  -5.61756  1.000 151.03000 ? 10  DG    A N7    1 
ATOM   197 C  C5    . DG    A 1 10 ? -0.56285  -5.31282  -5.68163  1.000 160.78000 ? 10  DG    A C5    1 
ATOM   198 C  C6    . DG    A 1 10 ? -0.34225  -3.91991  -5.57372  1.000 164.60000 ? 10  DG    A C6    1 
ATOM   199 O  O6    . DG    A 1 10 ? -1.17808  -3.02929  -5.39330  1.000 192.39000 ? 10  DG    A O6    1 
ATOM   200 N  N1    . DG    A 1 10 ? 1.00258   -3.59671  -5.69843  1.000 161.69000 ? 10  DG    A N1    1 
ATOM   201 C  C2    . DG    A 1 10 ? 2.00909   -4.50364  -5.89766  1.000 166.78000 ? 10  DG    A C2    1 
ATOM   202 N  N2    . DG    A 1 10 ? 3.25472   -4.01353  -5.99791  1.000 189.98000 ? 10  DG    A N2    1 
ATOM   203 N  N3    . DG    A 1 10 ? 1.81823   -5.81319  -6.00195  1.000 136.27000 ? 10  DG    A N3    1 
ATOM   204 C  C4    . DG    A 1 10 ? 0.51640   -6.14086  -5.88640  1.000 152.41000 ? 10  DG    A C4    1 
ATOM   205 P  P     . DT    A 1 11 ? 3.02343   -12.60778 -4.94298  1.000 192.39000 ? 11  DT    A P     1 
ATOM   206 O  OP1   . DT    A 1 11 ? 3.14701   -13.64845 -5.98778  1.000 215.19000 ? 11  DT    A OP1   1 
ATOM   207 O  OP2   . DT    A 1 11 ? 2.29432   -12.89435 -3.68751  1.000 143.17000 ? 11  DT    A OP2   1 
ATOM   208 O  "O5'" . DT    A 1 11 ? 4.49058   -12.09225 -4.55906  1.000 260.78000 ? 11  DT    A "O5'" 1 
ATOM   209 C  "C5'" . DT    A 1 11 ? 4.86264   -11.93866 -3.19649  1.000 246.94000 ? 11  DT    A "C5'" 1 
ATOM   210 C  "C4'" . DT    A 1 11 ? 5.64564   -10.65372 -3.00145  1.000 208.60000 ? 11  DT    A "C4'" 1 
ATOM   211 O  "O4'" . DT    A 1 11 ? 4.78242   -9.51136  -3.28922  1.000 153.61000 ? 11  DT    A "O4'" 1 
ATOM   212 C  "C3'" . DT    A 1 11 ? 6.17813   -10.43264 -1.57669  1.000 165.94000 ? 11  DT    A "C3'" 1 
ATOM   213 O  "O3'" . DT    A 1 11 ? 7.56772   -9.97650  -1.60976  1.000 169.98000 ? 11  DT    A "O3'" 1 
ATOM   214 C  "C2'" . DT    A 1 11 ? 5.21688   -9.37402  -1.01999  1.000 167.45000 ? 11  DT    A "C2'" 1 
ATOM   215 C  "C1'" . DT    A 1 11 ? 4.95720   -8.55678  -2.27222  1.000 180.31000 ? 11  DT    A "C1'" 1 
ATOM   216 N  N1    . DT    A 1 11 ? 3.76878   -7.61948  -2.21386  1.000 182.03000 ? 11  DT    A N1    1 
ATOM   217 C  C2    . DT    A 1 11 ? 3.98740   -6.26287  -2.23466  1.000 150.20000 ? 11  DT    A C2    1 
ATOM   218 O  O2    . DT    A 1 11 ? 5.09799   -5.77002  -2.26367  1.000 216.52000 ? 11  DT    A O2    1 
ATOM   219 N  N3    . DT    A 1 11 ? 2.85528   -5.49433  -2.19522  1.000 113.42000 ? 11  DT    A N3    1 
ATOM   220 C  C4    . DT    A 1 11 ? 1.55035   -5.93239  -2.15463  1.000 118.69000 ? 11  DT    A C4    1 
ATOM   221 O  O4    . DT    A 1 11 ? 0.59555   -5.16116  -2.12553  1.000 106.54000 ? 11  DT    A O4    1 
ATOM   222 C  C5    . DT    A 1 11 ? 1.38738   -7.36231  -2.14718  1.000 144.04000 ? 11  DT    A C5    1 
ATOM   223 C  C7    . DT    A 1 11 ? 0.01337   -7.95687  -2.10126  1.000 145.48000 ? 11  DT    A C7    1 
ATOM   224 C  C6    . DT    A 1 11 ? 2.49396   -8.12942  -2.16771  1.000 166.57000 ? 11  DT    A C6    1 
HETATM 225 N  N1    . 1AP   A 1 12 ? 3.76639   -2.78191  0.79288   1.000 130.27000 ? 12  1AP   A N1    1 
HETATM 226 C  C2    . 1AP   A 1 12 ? 5.03341   -2.29456  0.99491   1.000 130.27000 ? 12  1AP   A C2    1 
HETATM 227 C  C4    . 1AP   A 1 12 ? 5.89183   -4.44797  0.88067   1.000 130.27000 ? 12  1AP   A C4    1 
HETATM 228 C  C5    . 1AP   A 1 12 ? 4.65646   -4.92215  0.68590   1.000 130.27000 ? 12  1AP   A C5    1 
HETATM 229 C  C6    . 1AP   A 1 12 ? 3.58796   -4.08692  0.64213   1.000 130.27000 ? 12  1AP   A C6    1 
HETATM 230 C  C8    . 1AP   A 1 12 ? 6.00767   -6.59548  0.68640   1.000 130.27000 ? 12  1AP   A C8    1 
HETATM 231 N  N2    . 1AP   A 1 12 ? 5.14442   -0.81621  1.15844   1.000 130.27000 ? 12  1AP   A N2    1 
HETATM 232 N  N3    . 1AP   A 1 12 ? 6.09144   -3.13393  1.03565   1.000 130.27000 ? 12  1AP   A N3    1 
HETATM 233 N  N9    . 1AP   A 1 12 ? 6.72574   -5.48363  0.86549   1.000 130.27000 ? 12  1AP   A N9    1 
HETATM 234 N  N7    . 1AP   A 1 12 ? 4.72880   -6.25329  0.56524   1.000 130.27000 ? 12  1AP   A N7    1 
HETATM 235 N  N6    . 1AP   A 1 12 ? 2.15261   -4.40205  0.43807   1.000 130.27000 ? 12  1AP   A N6    1 
HETATM 236 P  P     . 1AP   A 1 12 ? 8.02088   -8.69053  -0.74908  1.000 213.38000 ? 12  1AP   A P     1 
HETATM 237 O  OP1   . 1AP   A 1 12 ? 7.55714   -8.83174  0.70577   1.000 212.24000 ? 12  1AP   A OP1   1 
HETATM 238 O  OP2   . 1AP   A 1 12 ? 7.58726   -7.41432  -1.44877  1.000 281.69000 ? 12  1AP   A OP2   1 
HETATM 239 O  "O5'" . 1AP   A 1 12 ? 9.64538   -8.69784  -0.67309  1.000 301.92000 ? 12  1AP   A "O5'" 1 
HETATM 240 C  "C5'" . 1AP   A 1 12 ? 10.15556  -8.20046  0.56309   1.000 238.20000 ? 12  1AP   A "C5'" 1 
HETATM 241 C  "C4'" . 1AP   A 1 12 ? 10.27607  -6.64280  0.71728   1.000 222.66000 ? 12  1AP   A "C4'" 1 
HETATM 242 O  "O4'" . 1AP   A 1 12 ? 9.09426   -5.88664  -0.01432  1.000 197.66000 ? 12  1AP   A "O4'" 1 
HETATM 243 C  "C1'" . 1AP   A 1 12 ? 8.20887   -5.29472  1.07197   1.000 175.88000 ? 12  1AP   A "C1'" 1 
HETATM 244 C  "C2'" . 1AP   A 1 12 ? 8.60622   -5.86695  2.20054   1.000 200.05000 ? 12  1AP   A "C2'" 1 
HETATM 245 C  "C3'" . 1AP   A 1 12 ? 10.15981  -6.32041  1.97039   1.000 206.66000 ? 12  1AP   A "C3'" 1 
HETATM 246 O  "O3'" . 1AP   A 1 12 ? 11.18609  -5.38976  2.47337   1.000 208.65000 ? 12  1AP   A "O3'" 1 
ATOM   247 P  P     . DT    A 1 13 ? 11.15227  -3.80077  2.18795   1.000 236.82000 ? 13  DT    A P     1 
ATOM   248 O  OP1   . DT    A 1 13 ? 10.87569  -3.56268  0.75488   1.000 247.17000 ? 13  DT    A OP1   1 
ATOM   249 O  OP2   . DT    A 1 13 ? 12.40375  -3.24260  2.75267   1.000 237.02000 ? 13  DT    A OP2   1 
ATOM   250 O  "O5'" . DT    A 1 13 ? 9.93879   -3.24751  3.08544   1.000 238.70000 ? 13  DT    A "O5'" 1 
ATOM   251 C  "C5'" . DT    A 1 13 ? 8.96643   -2.34973  2.51725   1.000 212.98000 ? 13  DT    A "C5'" 1 
ATOM   252 C  "C4'" . DT    A 1 13 ? 8.70440   -1.16408  3.42501   1.000 203.77000 ? 13  DT    A "C4'" 1 
ATOM   253 O  "O4'" . DT    A 1 13 ? 7.27437   -0.94437  3.54313   1.000 237.68000 ? 13  DT    A "O4'" 1 
ATOM   254 C  "C3'" . DT    A 1 13 ? 9.16630   -1.33776  4.85179   1.000 182.29000 ? 13  DT    A "C3'" 1 
ATOM   255 O  "O3'" . DT    A 1 13 ? 9.21497   -0.07678  5.45616   1.000 204.56000 ? 13  DT    A "O3'" 1 
ATOM   256 C  "C2'" . DT    A 1 13 ? 8.01603   -2.14333  5.42318   1.000 226.83000 ? 13  DT    A "C2'" 1 
ATOM   257 C  "C1'" . DT    A 1 13 ? 6.83372   -1.38990  4.81629   1.000 214.44000 ? 13  DT    A "C1'" 1 
ATOM   258 N  N1    . DT    A 1 13 ? 5.64402   -2.23548  4.60583   1.000 131.76000 ? 13  DT    A N1    1 
ATOM   259 C  C2    . DT    A 1 13 ? 4.38820   -1.66674  4.61417   1.000 131.76000 ? 13  DT    A C2    1 
ATOM   260 O  O2    . DT    A 1 13 ? 4.19303   -0.48193  4.80228   1.000 131.76000 ? 13  DT    A O2    1 
ATOM   261 N  N3    . DT    A 1 13 ? 3.36159   -2.55241  4.39283   1.000 131.76000 ? 13  DT    A N3    1 
ATOM   262 C  C4    . DT    A 1 13 ? 3.46827   -3.91031  4.16723   1.000 131.76000 ? 13  DT    A C4    1 
ATOM   263 O  O4    . DT    A 1 13 ? 2.49002   -4.62794  3.98043   1.000 131.76000 ? 13  DT    A O4    1 
ATOM   264 C  C5    . DT    A 1 13 ? 4.81176   -4.43124  4.16676   1.000 131.76000 ? 13  DT    A C5    1 
ATOM   265 C  C7    . DT    A 1 13 ? 5.05143   -5.89155  3.93609   1.000 131.76000 ? 13  DT    A C7    1 
ATOM   266 C  C6    . DT    A 1 13 ? 5.82093   -3.57855  4.37803   1.000 131.76000 ? 13  DT    A C6    1 
ATOM   267 P  P     . DG    A 1 14 ? 10.61409  0.66262   5.69830   1.000 214.21000 ? 14  DG    A P     1 
ATOM   268 O  OP1   . DG    A 1 14 ? 11.53118  0.28361   4.59722   1.000 222.83000 ? 14  DG    A OP1   1 
ATOM   269 O  OP2   . DG    A 1 14 ? 10.99386  0.38892   7.10355   1.000 225.28000 ? 14  DG    A OP2   1 
ATOM   270 O  "O5'" . DG    A 1 14 ? 10.23557  2.21741   5.57635   1.000 231.36000 ? 14  DG    A "O5'" 1 
ATOM   271 C  "C5'" . DG    A 1 14 ? 10.16112  3.02905   6.74753   1.000 257.02000 ? 14  DG    A "C5'" 1 
ATOM   272 C  "C4'" . DG    A 1 14 ? 9.11469   4.12642   6.59889   1.000 244.31000 ? 14  DG    A "C4'" 1 
ATOM   273 O  "O4'" . DG    A 1 14 ? 7.80850   3.53522   6.38922   1.000 222.29000 ? 14  DG    A "O4'" 1 
ATOM   274 C  "C3'" . DG    A 1 14 ? 8.91747   4.96589   7.83454   1.000 197.51000 ? 14  DG    A "C3'" 1 
ATOM   275 O  "O3'" . DG    A 1 14 ? 8.19790   6.15203   7.48767   1.000 199.96000 ? 14  DG    A "O3'" 1 
ATOM   276 C  "C2'" . DG    A 1 14 ? 8.07952   4.01539   8.68846   1.000 210.48000 ? 14  DG    A "C2'" 1 
ATOM   277 C  "C1'" . DG    A 1 14 ? 7.15054   3.38586   7.64276   1.000 198.20000 ? 14  DG    A "C1'" 1 
ATOM   278 N  N9    . DG    A 1 14 ? 6.91703   1.95510   7.82941   1.000 200.49000 ? 14  DG    A N9    1 
ATOM   279 C  C8    . DG    A 1 14 ? 7.87621   0.97641   7.83938   1.000 220.65000 ? 14  DG    A C8    1 
ATOM   280 N  N7    . DG    A 1 14 ? 7.40145   -0.22190  7.98429   1.000 221.03000 ? 14  DG    A N7    1 
ATOM   281 C  C5    . DG    A 1 14 ? 6.03123   -0.03953  8.06711   1.000 192.48000 ? 14  DG    A C5    1 
ATOM   282 C  C6    . DG    A 1 14 ? 5.00940   -0.99534  8.23283   1.000 181.42000 ? 14  DG    A C6    1 
ATOM   283 O  O6    . DG    A 1 14 ? 5.12512   -2.22077  8.33596   1.000 185.13000 ? 14  DG    A O6    1 
ATOM   284 N  N1    . DG    A 1 14 ? 3.75039   -0.41203  8.27045   1.000 174.38000 ? 14  DG    A N1    1 
ATOM   285 C  C2    . DG    A 1 14 ? 3.50249   0.93566   8.16090   1.000 184.64000 ? 14  DG    A C2    1 
ATOM   286 N  N2    . DG    A 1 14 ? 2.20994   1.30256   8.22578   1.000 211.94000 ? 14  DG    A N2    1 
ATOM   287 N  N3    . DG    A 1 14 ? 4.45954   1.85776   8.00573   1.000 201.45000 ? 14  DG    A N3    1 
ATOM   288 C  C4    . DG    A 1 14 ? 5.70097   1.29385   7.96597   1.000 191.95000 ? 14  DG    A C4    1 
ATOM   289 P  P     . DG    A 1 15 ? 7.57834   7.10458   8.62518   1.000 214.73000 ? 15  DG    A P     1 
ATOM   290 O  OP1   . DG    A 1 15 ? 7.48944   8.47306   8.07066   1.000 233.44000 ? 15  DG    A OP1   1 
ATOM   291 O  OP2   . DG    A 1 15 ? 8.33543   6.87269   9.87321   1.000 215.21000 ? 15  DG    A OP2   1 
ATOM   292 O  "O5'" . DG    A 1 15 ? 6.09738   6.53791   8.83314   1.000 187.73000 ? 15  DG    A "O5'" 1 
ATOM   293 C  "C5'" . DG    A 1 15 ? 4.96525   7.35001   8.52651   1.000 217.34000 ? 15  DG    A "C5'" 1 
ATOM   294 C  "C4'" . DG    A 1 15 ? 3.85904   7.09990   9.53108   1.000 224.54000 ? 15  DG    A "C4'" 1 
ATOM   295 O  "O4'" . DG    A 1 15 ? 3.63738   5.67312   9.61672   1.000 197.07000 ? 15  DG    A "O4'" 1 
ATOM   296 C  "C3'" . DG    A 1 15 ? 4.17879   7.59416   10.94064  1.000 230.37000 ? 15  DG    A "C3'" 1 
ATOM   297 O  "O3'" . DG    A 1 15 ? 3.39288   8.78036   11.30343  1.000 217.13000 ? 15  DG    A "O3'" 1 
ATOM   298 C  "C2'" . DG    A 1 15 ? 3.92501   6.41265   11.87328  1.000 250.12000 ? 15  DG    A "C2'" 1 
ATOM   299 C  "C1'" . DG    A 1 15 ? 3.59242   5.22978   10.95469  1.000 203.33000 ? 15  DG    A "C1'" 1 
ATOM   300 N  N9    . DG    A 1 15 ? 4.52127   4.09992   11.11177  1.000 197.48000 ? 15  DG    A N9    1 
ATOM   301 C  C8    . DG    A 1 15 ? 5.88795   4.16193   11.08939  1.000 208.74000 ? 15  DG    A C8    1 
ATOM   302 N  N7    . DG    A 1 15 ? 6.47032   3.00848   11.25661  1.000 205.56000 ? 15  DG    A N7    1 
ATOM   303 C  C5    . DG    A 1 15 ? 5.42423   2.11639   11.41101  1.000 175.50000 ? 15  DG    A C5    1 
ATOM   304 C  C6    . DG    A 1 15 ? 5.45392   0.72360   11.62574  1.000 175.31000 ? 15  DG    A C6    1 
ATOM   305 O  O6    . DG    A 1 15 ? 6.44560   -0.01172  11.72545  1.000 247.19000 ? 15  DG    A O6    1 
ATOM   306 N  N1    . DG    A 1 15 ? 4.17587   0.18971   11.73025  1.000 180.12000 ? 15  DG    A N1    1 
ATOM   307 C  C2    . DG    A 1 15 ? 3.00833   0.91489   11.63484  1.000 182.24000 ? 15  DG    A C2    1 
ATOM   308 N  N2    . DG    A 1 15 ? 1.86735   0.22206   11.76645  1.000 198.05000 ? 15  DG    A N2    1 
ATOM   309 N  N3    . DG    A 1 15 ? 2.96618   2.22855   11.43346  1.000 185.91000 ? 15  DG    A N3    1 
ATOM   310 C  C4    . DG    A 1 15 ? 4.20859   2.76245   11.32536  1.000 190.31000 ? 15  DG    A C4    1 
ATOM   311 P  P     . DA    A 1 16 ? 1.78322   8.85591   11.17856  1.000 212.60000 ? 16  DA    A P     1 
ATOM   312 O  OP1   . DA    A 1 16 ? 1.37797   8.83658   9.75686   1.000 212.70000 ? 16  DA    A OP1   1 
ATOM   313 O  OP2   . DA    A 1 16 ? 1.36743   10.00453  12.01223  1.000 221.39000 ? 16  DA    A OP2   1 
ATOM   314 O  "O5'" . DA    A 1 16 ? 1.23141   7.54560   11.91089  1.000 239.88000 ? 16  DA    A "O5'" 1 
ATOM   315 C  "C5'" . DA    A 1 16 ? 0.08454   6.88376   11.39656  1.000 228.63000 ? 16  DA    A "C5'" 1 
ATOM   316 C  "C4'" . DA    A 1 16 ? -0.42937  5.83108   12.36502  1.000 248.01000 ? 16  DA    A "C4'" 1 
ATOM   317 O  "O4'" . DA    A 1 16 ? 0.54297   4.76956   12.51393  1.000 227.65000 ? 16  DA    A "O4'" 1 
ATOM   318 C  "C3'" . DA    A 1 16 ? -0.74003  6.33152   13.77777  1.000 238.01000 ? 16  DA    A "C3'" 1 
ATOM   319 O  "O3'" . DA    A 1 16 ? -2.08853  6.00302   14.09628  1.000 244.89000 ? 16  DA    A "O3'" 1 
ATOM   320 C  "C2'" . DA    A 1 16 ? 0.26787   5.58489   14.67046  1.000 206.36000 ? 16  DA    A "C2'" 1 
ATOM   321 C  "C1'" . DA    A 1 16 ? 0.54383   4.33684   13.85132  1.000 221.80000 ? 16  DA    A "C1'" 1 
ATOM   322 N  N9    . DA    A 1 16 ? 1.83614   3.70162   14.11632  1.000 232.35000 ? 16  DA    A N9    1 
ATOM   323 C  C8    . DA    A 1 16 ? 3.07228   4.24641   13.94448  1.000 238.50000 ? 16  DA    A C8    1 
ATOM   324 N  N7    . DA    A 1 16 ? 4.06260   3.43630   14.22350  1.000 179.60000 ? 16  DA    A N7    1 
ATOM   325 C  C5    . DA    A 1 16 ? 3.43190   2.27503   14.61447  1.000 195.46000 ? 16  DA    A C5    1 
ATOM   326 C  C6    . DA    A 1 16 ? 3.92454   1.03404   15.05063  1.000 215.83000 ? 16  DA    A C6    1 
ATOM   327 N  N6    . DA    A 1 16 ? 5.22849   0.75823   15.16259  1.000 280.42000 ? 16  DA    A N6    1 
ATOM   328 N  N1    . DA    A 1 16 ? 3.02559   0.08698   15.37163  1.000 183.18000 ? 16  DA    A N1    1 
ATOM   329 C  C2    . DA    A 1 16 ? 1.72256   0.36798   15.25861  1.000 204.12000 ? 16  DA    A C2    1 
ATOM   330 N  N3    . DA    A 1 16 ? 1.13878   1.49557   14.86276  1.000 205.58000 ? 16  DA    A N3    1 
ATOM   331 C  C4    . DA    A 1 16 ? 2.05761   2.41675   14.54811  1.000 199.84000 ? 16  DA    A C4    1 
ATOM   332 P  P     . DC    A 1 17 ? -2.73373  6.41712   15.50647  1.000 214.10000 ? 17  DC    A P     1 
ATOM   333 O  OP1   . DC    A 1 17 ? -4.18603  6.60340   15.28059  1.000 233.42000 ? 17  DC    A OP1   1 
ATOM   334 O  OP2   . DC    A 1 17 ? -1.93601  7.52126   16.08358  1.000 179.51000 ? 17  DC    A OP2   1 
ATOM   335 O  "O5'" . DC    A 1 17 ? -2.52223  5.11001   16.39898  1.000 205.08000 ? 17  DC    A "O5'" 1 
ATOM   336 C  "C5'" . DC    A 1 17 ? -2.74839  3.83300   15.81586  1.000 221.69000 ? 17  DC    A "C5'" 1 
ATOM   337 C  "C4'" . DC    A 1 17 ? -2.46753  2.71857   16.80220  1.000 231.03000 ? 17  DC    A "C4'" 1 
ATOM   338 O  "O4'" . DC    A 1 17 ? -1.07540  2.30974   16.71409  1.000 237.96000 ? 17  DC    A "O4'" 1 
ATOM   339 C  "C3'" . DC    A 1 17 ? -2.70727  3.06859   18.27475  1.000 200.70000 ? 17  DC    A "C3'" 1 
ATOM   340 O  "O3'" . DC    A 1 17 ? -3.35356  1.98010   18.90331  1.000 220.74000 ? 17  DC    A "O3'" 1 
ATOM   341 C  "C2'" . DC    A 1 17 ? -1.28707  3.24662   18.80932  1.000 186.74000 ? 17  DC    A "C2'" 1 
ATOM   342 C  "C1'" . DC    A 1 17 ? -0.58403  2.16272   18.02194  1.000 190.16000 ? 17  DC    A "C1'" 1 
ATOM   343 N  N1    . DC    A 1 17 ? 0.90453   2.25431   18.00138  1.000 223.82000 ? 17  DC    A N1    1 
ATOM   344 C  C2    . DC    A 1 17 ? 1.65440   1.14031   18.38435  1.000 246.26000 ? 17  DC    A C2    1 
ATOM   345 O  O2    . DC    A 1 17 ? 1.05948   0.11482   18.73454  1.000 229.25000 ? 17  DC    A O2    1 
ATOM   346 N  N3    . DC    A 1 17 ? 3.00927   1.21116   18.35637  1.000 224.71000 ? 17  DC    A N3    1 
ATOM   347 C  C4    . DC    A 1 17 ? 3.60515   2.34145   17.96904  1.000 194.52000 ? 17  DC    A C4    1 
ATOM   348 N  N4    . DC    A 1 17 ? 4.94246   2.37216   17.95631  1.000 237.58000 ? 17  DC    A N4    1 
ATOM   349 C  C5    . DC    A 1 17 ? 2.85504   3.49032   17.57286  1.000 169.71000 ? 17  DC    A C5    1 
ATOM   350 C  C6    . DC    A 1 17 ? 1.51921   3.40266   17.60096  1.000 199.86000 ? 17  DC    A C6    1 
ATOM   351 P  P     . DA    A 1 18 ? -4.30059  2.21564   20.17851  1.000 226.80000 ? 18  DA    A P     1 
ATOM   352 O  OP1   . DA    A 1 18 ? -5.69085  2.31571   19.68646  1.000 162.29000 ? 18  DA    A OP1   1 
ATOM   353 O  OP2   . DA    A 1 18 ? -3.71571  3.30266   20.99315  1.000 192.27000 ? 18  DA    A OP2   1 
ATOM   354 O  "O5'" . DA    A 1 18 ? -4.17127  0.84787   20.98928  1.000 188.81000 ? 18  DA    A "O5'" 1 
ATOM   355 C  "C5'" . DA    A 1 18 ? -4.41480  -0.37991  20.33026  1.000 172.84000 ? 18  DA    A "C5'" 1 
ATOM   356 C  "C4'" . DA    A 1 18 ? -3.43439  -1.44422  20.79054  1.000 188.59000 ? 18  DA    A "C4'" 1 
ATOM   357 O  "O4'" . DA    A 1 18 ? -2.07319  -1.04103  20.46453  1.000 186.65000 ? 18  DA    A "O4'" 1 
ATOM   358 C  "C3'" . DA    A 1 18 ? -3.43528  -1.71482  22.29459  1.000 222.07000 ? 18  DA    A "C3'" 1 
ATOM   359 O  "O3'" . DA    A 1 18 ? -3.26520  -3.10257  22.52762  1.000 236.07000 ? 18  DA    A "O3'" 1 
ATOM   360 C  "C2'" . DA    A 1 18 ? -2.22767  -0.92056  22.78092  1.000 217.65000 ? 18  DA    A "C2'" 1 
ATOM   361 C  "C1'" . DA    A 1 18 ? -1.27280  -1.13466  21.62601  1.000 200.94000 ? 18  DA    A "C1'" 1 
ATOM   362 N  N9    . DA    A 1 18 ? -0.20124  -0.14115  21.55028  1.000 185.36000 ? 18  DA    A N9    1 
ATOM   363 C  C8    . DA    A 1 18 ? -0.33422  1.20855   21.37634  1.000 175.59000 ? 18  DA    A C8    1 
ATOM   364 N  N7    . DA    A 1 18 ? 0.81000   1.85418   21.34020  1.000 169.62000 ? 18  DA    A N7    1 
ATOM   365 C  C5    . DA    A 1 18 ? 1.75948   0.85983   21.50648  1.000 184.94000 ? 18  DA    A C5    1 
ATOM   366 C  C6    . DA    A 1 18 ? 3.16873   0.89017   21.55189  1.000 205.84000 ? 18  DA    A C6    1 
ATOM   367 N  N6    . DA    A 1 18 ? 3.88489   2.01382   21.43814  1.000 229.82000 ? 18  DA    A N6    1 
ATOM   368 N  N1    . DA    A 1 18 ? 3.81349   -0.28302  21.72267  1.000 195.92000 ? 18  DA    A N1    1 
ATOM   369 C  C2    . DA    A 1 18 ? 3.09085   -1.40522  21.83507  1.000 201.59000 ? 18  DA    A C2    1 
ATOM   370 N  N3    . DA    A 1 18 ? 1.76594   -1.55840  21.80366  1.000 181.79000 ? 18  DA    A N3    1 
ATOM   371 C  C4    . DA    A 1 18 ? 1.15319   -0.37762  21.63471  1.000 177.75000 ? 18  DA    A C4    1 
ATOM   372 P  P     . DT    A 1 19 ? -3.75822  -3.75169  23.91099  1.000 234.91000 ? 19  DT    A P     1 
ATOM   373 O  OP1   . DT    A 1 19 ? -5.09624  -4.33370  23.66283  1.000 171.54000 ? 19  DT    A OP1   1 
ATOM   374 O  OP2   . DT    A 1 19 ? -3.57909  -2.73417  24.97003  1.000 169.90000 ? 19  DT    A OP2   1 
ATOM   375 O  "O5'" . DT    A 1 19 ? -2.69990  -4.92137  24.18200  1.000 237.24000 ? 19  DT    A "O5'" 1 
ATOM   376 C  "C5'" . DT    A 1 19 ? -1.42329  -4.88401  23.54329  1.000 212.55000 ? 19  DT    A "C5'" 1 
ATOM   377 C  "C4'" . DT    A 1 19 ? -0.30120  -4.72030  24.55489  1.000 247.86000 ? 19  DT    A "C4'" 1 
ATOM   378 O  "O4'" . DT    A 1 19 ? 0.47123   -3.54636  24.24295  1.000 182.70000 ? 19  DT    A "O4'" 1 
ATOM   379 C  "C3'" . DT    A 1 19 ? -0.75058  -4.53166  26.00367  1.000 261.46000 ? 19  DT    A "C3'" 1 
ATOM   380 O  "O3'" . DT    A 1 19 ? -0.63620  -5.78163  26.74786  1.000 260.61000 ? 19  DT    A "O3'" 1 
ATOM   381 C  "C2'" . DT    A 1 19 ? 0.14924   -3.40202  26.55556  1.000 198.78000 ? 19  DT    A "C2'" 1 
ATOM   382 C  "C1'" . DT    A 1 19 ? 1.12675   -3.12908  25.41083  1.000 175.66000 ? 19  DT    A "C1'" 1 
ATOM   383 N  N1    . DT    A 1 19 ? 1.51541   -1.68354  25.24940  1.000 169.39000 ? 19  DT    A N1    1 
ATOM   384 C  C2    . DT    A 1 19 ? 2.85111   -1.35005  25.15798  1.000 193.84000 ? 19  DT    A C2    1 
ATOM   385 O  O2    . DT    A 1 19 ? 3.74882   -2.16955  25.21382  1.000 202.49000 ? 19  DT    A O2    1 
ATOM   386 N  N3    . DT    A 1 19 ? 3.09814   -0.01141  24.99917  1.000 186.09000 ? 19  DT    A N3    1 
ATOM   387 C  C4    . DT    A 1 19 ? 2.17164   1.00638   24.92125  1.000 171.43000 ? 19  DT    A C4    1 
ATOM   388 O  O4    . DT    A 1 19 ? 2.49710   2.18186   24.78015  1.000 172.24000 ? 19  DT    A O4    1 
ATOM   389 C  C5    . DT    A 1 19 ? 0.79152   0.59266   25.01920  1.000 180.70000 ? 19  DT    A C5    1 
ATOM   390 C  C7    . DT    A 1 19 ? -0.30496  1.61224   24.94787  1.000 213.59000 ? 19  DT    A C7    1 
ATOM   391 C  C6    . DT    A 1 19 ? 0.53165   -0.71745  25.17473  1.000 152.94000 ? 19  DT    A C6    1 
ATOM   392 P  P     . DC    A 1 20 ? 0.78567   -6.41842  27.17899  1.000 260.41000 ? 20  DC    A P     1 
ATOM   393 O  OP1   . DC    A 1 20 ? 1.75741   -6.32330  26.06651  1.000 244.67000 ? 20  DC    A OP1   1 
ATOM   394 O  OP2   . DC    A 1 20 ? 0.47809   -7.76011  27.72469  1.000 246.39000 ? 20  DC    A OP2   1 
ATOM   395 O  "O5'" . DC    A 1 20 ? 1.27756   -5.50687  28.40383  1.000 222.51000 ? 20  DC    A "O5'" 1 
ATOM   396 C  "C5'" . DC    A 1 20 ? 2.26374   -5.99503  29.32332  1.000 285.33000 ? 20  DC    A "C5'" 1 
ATOM   397 C  "C4'" . DC    A 1 20 ? 3.62134   -6.13380  28.65189  1.000 251.33000 ? 20  DC    A "C4'" 1 
ATOM   398 O  "O4'" . DC    A 1 20 ? 3.87929   -4.97217  27.82036  1.000 227.89000 ? 20  DC    A "O4'" 1 
ATOM   399 C  "C3'" . DC    A 1 20 ? 4.79880   -6.18304  29.59748  1.000 263.98000 ? 20  DC    A "C3'" 1 
ATOM   400 O  "O3'" . DC    A 1 20 ? 5.91858   -6.77700  28.93182  1.000 254.01000 ? 20  DC    A "O3'" 1 
ATOM   401 C  "C2'" . DC    A 1 20 ? 5.02133   -4.69375  29.86685  1.000 227.29000 ? 20  DC    A "C2'" 1 
ATOM   402 C  "C1'" . DC    A 1 20 ? 4.77436   -4.09082  28.48277  1.000 237.68000 ? 20  DC    A "C1'" 1 
ATOM   403 N  N1    . DC    A 1 20 ? 4.14178   -2.72126  28.48334  1.000 236.07000 ? 20  DC    A N1    1 
ATOM   404 C  C2    . DC    A 1 20 ? 4.92287   -1.56733  28.27955  1.000 222.63000 ? 20  DC    A C2    1 
ATOM   405 O  O2    . DC    A 1 20 ? 6.14398   -1.67450  28.13778  1.000 239.78000 ? 20  DC    A O2    1 
ATOM   406 N  N3    . DC    A 1 20 ? 4.30689   -0.35598  28.25587  1.000 212.80000 ? 20  DC    A N3    1 
ATOM   407 C  C4    . DC    A 1 20 ? 2.98717   -0.27191  28.41016  1.000 222.36000 ? 20  DC    A C4    1 
ATOM   408 N  N4    . DC    A 1 20 ? 2.42358   0.94097   28.38096  1.000 241.10000 ? 20  DC    A N4    1 
ATOM   409 C  C5    . DC    A 1 20 ? 2.18080   -1.42898  28.60395  1.000 224.15000 ? 20  DC    A C5    1 
ATOM   410 C  C6    . DC    A 1 20 ? 2.79130   -2.61584  28.62693  1.000 226.90000 ? 20  DC    A C6    1 
ATOM   411 P  P     . DA    A 1 21 ? 6.92920   -7.74719  29.71803  1.000 300.33000 ? 21  DA    A P     1 
ATOM   412 O  OP1   . DA    A 1 21 ? 7.37210   -8.80948  28.78358  1.000 296.89000 ? 21  DA    A OP1   1 
ATOM   413 O  OP2   . DA    A 1 21 ? 6.30696   -8.10626  31.01170  1.000 309.54000 ? 21  DA    A OP2   1 
ATOM   414 O  "O5'" . DA    A 1 21 ? 8.17008   -6.80173  30.06091  1.000 244.89000 ? 21  DA    A "O5'" 1 
ATOM   415 C  "C5'" . DA    A 1 21 ? 8.02295   -5.79518  31.04772  1.000 240.13000 ? 21  DA    A "C5'" 1 
ATOM   416 C  "C4'" . DA    A 1 21 ? 8.99419   -4.65693  30.81381  1.000 247.33000 ? 21  DA    A "C4'" 1 
ATOM   417 O  "O4'" . DA    A 1 21 ? 8.26688   -3.47288  30.35876  1.000 246.57000 ? 21  DA    A "O4'" 1 
ATOM   418 C  "C3'" . DA    A 1 21 ? 9.72906   -4.20908  32.06621  1.000 280.60000 ? 21  DA    A "C3'" 1 
ATOM   419 O  "O3'" . DA    A 1 21 ? 10.98742  -3.64846  31.71373  1.000 284.78000 ? 21  DA    A "O3'" 1 
ATOM   420 C  "C2'" . DA    A 1 21 ? 8.78362   -3.15047  32.59677  1.000 260.28000 ? 21  DA    A "C2'" 1 
ATOM   421 C  "C1'" . DA    A 1 21 ? 8.44908   -2.43494  31.30484  1.000 263.99000 ? 21  DA    A "C1'" 1 
ATOM   422 N  N9    . DA    A 1 21 ? 7.23839   -1.61530  31.36093  1.000 248.96000 ? 21  DA    A N9    1 
ATOM   423 C  C8    . DA    A 1 21 ? 5.95592   -2.04962  31.53834  1.000 215.75000 ? 21  DA    A C8    1 
ATOM   424 N  N7    . DA    A 1 21 ? 5.06393   -1.08897  31.53215  1.000 231.25000 ? 21  DA    A N7    1 
ATOM   425 C  C5    . DA    A 1 21 ? 5.81194   0.06074   31.33752  1.000 260.81000 ? 21  DA    A C5    1 
ATOM   426 C  C6    . DA    A 1 21 ? 5.45274   1.42091   31.23896  1.000 270.08000 ? 21  DA    A C6    1 
ATOM   427 N  N6    . DA    A 1 21 ? 4.19282   1.85306   31.32881  1.000 249.81000 ? 21  DA    A N6    1 
ATOM   428 N  N1    . DA    A 1 21 ? 6.44255   2.32003   31.04634  1.000 268.61000 ? 21  DA    A N1    1 
ATOM   429 C  C2    . DA    A 1 21 ? 7.70327   1.87750   30.96003  1.000 251.45000 ? 21  DA    A C2    1 
ATOM   430 N  N3    . DA    A 1 21 ? 8.16176   0.62452   31.03749  1.000 262.95000 ? 21  DA    A N3    1 
ATOM   431 C  C4    . DA    A 1 21 ? 7.15487   -0.24367  31.22831  1.000 270.37000 ? 21  DA    A C4    1 
ATOM   432 P  P     . DC    B 2 1  ? 1.64719   -8.44386  9.40539   1.000 164.03000 ? 1   DC    B P     1 
ATOM   433 O  OP1   . DC    B 2 1  ? 2.09869   -9.73197  8.83418   1.000 138.48000 ? 1   DC    B OP1   1 
ATOM   434 O  OP2   . DC    B 2 1  ? 1.29807   -7.33173  8.49815   1.000 138.78000 ? 1   DC    B OP2   1 
ATOM   435 O  "O5'" . DC    B 2 1  ? 0.38048   -8.71131  10.34938  1.000 194.83000 ? 1   DC    B "O5'" 1 
ATOM   436 C  "C5'" . DC    B 2 1  ? 0.51124   -8.65715  11.76415  1.000 225.47000 ? 1   DC    B "C5'" 1 
ATOM   437 C  "C4'" . DC    B 2 1  ? 0.29769   -7.24475  12.27856  1.000 241.99000 ? 1   DC    B "C4'" 1 
ATOM   438 O  "O4'" . DC    B 2 1  ? 1.56213   -6.56632  12.42868  1.000 179.93000 ? 1   DC    B "O4'" 1 
ATOM   439 C  "C3'" . DC    B 2 1  ? -0.55403  -6.34194  11.38100  1.000 219.97000 ? 1   DC    B "C3'" 1 
ATOM   440 O  "O3'" . DC    B 2 1  ? -1.66480  -5.85333  12.12397  1.000 245.02000 ? 1   DC    B "O3'" 1 
ATOM   441 C  "C2'" . DC    B 2 1  ? 0.41094   -5.21011  10.96466  1.000 179.84000 ? 1   DC    B "C2'" 1 
ATOM   442 C  "C1'" . DC    B 2 1  ? 1.35827   -5.20918  12.14315  1.000 156.27000 ? 1   DC    B "C1'" 1 
ATOM   443 N  N1    . DC    B 2 1  ? 2.69059   -4.57919  11.92907  1.000 154.21000 ? 1   DC    B N1    1 
ATOM   444 C  C2    . DC    B 2 1  ? 2.86352   -3.21040  12.16973  1.000 158.98000 ? 1   DC    B C2    1 
ATOM   445 O  O2    . DC    B 2 1  ? 1.89170   -2.52033  12.48965  1.000 177.88000 ? 1   DC    B O2    1 
ATOM   446 N  N3    . DC    B 2 1  ? 4.09316   -2.66912  12.01191  1.000 181.63000 ? 1   DC    B N3    1 
ATOM   447 C  C4    . DC    B 2 1  ? 5.12316   -3.43997  11.66297  1.000 232.78000 ? 1   DC    B C4    1 
ATOM   448 N  N4    . DC    B 2 1  ? 6.31916   -2.86276  11.52595  1.000 273.28000 ? 1   DC    B N4    1 
ATOM   449 C  C5    . DC    B 2 1  ? 4.97286   -4.83943  11.43687  1.000 234.18000 ? 1   DC    B C5    1 
ATOM   450 C  C6    . DC    B 2 1  ? 3.75418   -5.36321  11.58904  1.000 184.25000 ? 1   DC    B C6    1 
ATOM   451 P  P     . DC    B 2 2  ? -3.10878  -5.78300  11.42958  1.000 168.90000 ? 2   DC    B P     1 
ATOM   452 O  OP1   . DC    B 2 2  ? -3.80703  -4.58411  11.95436  1.000 145.64000 ? 2   DC    B OP1   1 
ATOM   453 O  OP2   . DC    B 2 2  ? -3.76254  -7.11155  11.54224  1.000 192.42000 ? 2   DC    B OP2   1 
ATOM   454 O  "O5'" . DC    B 2 2  ? -2.73270  -5.55745  9.89496   1.000 182.92000 ? 2   DC    B "O5'" 1 
ATOM   455 C  "C5'" . DC    B 2 2  ? -3.71793  -5.19336  8.97043   1.000 213.64000 ? 2   DC    B "C5'" 1 
ATOM   456 C  "C4'" . DC    B 2 2  ? -3.98080  -3.70330  9.02765   1.000 208.30000 ? 2   DC    B "C4'" 1 
ATOM   457 O  "O4'" . DC    B 2 2  ? -2.75837  -2.97842  9.35144   1.000 181.17000 ? 2   DC    B "O4'" 1 
ATOM   458 C  "C3'" . DC    B 2 2  ? -4.46424  -3.11684  7.73178   1.000 220.40000 ? 2   DC    B "C3'" 1 
ATOM   459 O  "O3'" . DC    B 2 2  ? -5.26599  -2.00513  7.99865   1.000 186.89000 ? 2   DC    B "O3'" 1 
ATOM   460 C  "C2'" . DC    B 2 2  ? -3.15693  -2.73338  7.03813   1.000 256.64000 ? 2   DC    B "C2'" 1 
ATOM   461 C  "C1'" . DC    B 2 2  ? -2.24226  -2.33231  8.19560   1.000 212.97000 ? 2   DC    B "C1'" 1 
ATOM   462 N  N1    . DC    B 2 2  ? -0.80931  -2.78282  8.02565   1.000 199.76000 ? 2   DC    B N1    1 
ATOM   463 C  C2    . DC    B 2 2  ? 0.27123   -1.91075  8.31808   1.000 180.30000 ? 2   DC    B C2    1 
ATOM   464 O  O2    . DC    B 2 2  ? 0.05465   -0.74384  8.67634   1.000 184.26000 ? 2   DC    B O2    1 
ATOM   465 N  N3    . DC    B 2 2  ? 1.54195   -2.37479  8.17131   1.000 161.10000 ? 2   DC    B N3    1 
ATOM   466 C  C4    . DC    B 2 2  ? 1.75370   -3.63136  7.77436   1.000 166.88000 ? 2   DC    B C4    1 
ATOM   467 N  N4    . DC    B 2 2  ? 3.01693   -4.04728  7.64695   1.000 158.37000 ? 2   DC    B N4    1 
ATOM   468 C  C5    . DC    B 2 2  ? 0.67897   -4.52121  7.48751   1.000 154.66000 ? 2   DC    B C5    1 
ATOM   469 C  C6    . DC    B 2 2  ? -0.56678  -4.06430  7.63037   1.000 172.85000 ? 2   DC    B C6    1 
ATOM   470 P  P     . DA    B 2 3  ? -6.43627  -1.60179  6.98195   1.000 225.50000 ? 3   DA    B P     1 
ATOM   471 O  OP1   . DA    B 2 3  ? -7.69816  -1.48952  7.74759   1.000 291.53000 ? 3   DA    B OP1   1 
ATOM   472 O  OP2   . DA    B 2 3  ? -6.34989  -2.49991  5.80810   1.000 226.22000 ? 3   DA    B OP2   1 
ATOM   473 O  "O5'" . DA    B 2 3  ? -6.00969  -0.14277  6.52707   1.000 212.46000 ? 3   DA    B "O5'" 1 
ATOM   474 C  "C5'" . DA    B 2 3  ? -5.42840  0.72240   7.47272   1.000 201.09000 ? 3   DA    B "C5'" 1 
ATOM   475 C  "C4'" . DA    B 2 3  ? -4.85631  1.93622   6.78582   1.000 230.53000 ? 3   DA    B "C4'" 1 
ATOM   476 O  "O4'" . DA    B 2 3  ? -3.49535  1.66781   6.37546   1.000 226.40000 ? 3   DA    B "O4'" 1 
ATOM   477 C  "C3'" . DA    B 2 3  ? -5.60927  2.37241   5.54088   1.000 233.42000 ? 3   DA    B "C3'" 1 
ATOM   478 O  "O3'" . DA    B 2 3  ? -5.69560  3.80733   5.51135   1.000 273.38000 ? 3   DA    B "O3'" 1 
ATOM   479 C  "C2'" . DA    B 2 3  ? -4.80258  1.77518   4.37485   1.000 241.08000 ? 3   DA    B "C2'" 1 
ATOM   480 C  "C1'" . DA    B 2 3  ? -3.42337  1.47711   4.97718   1.000 272.28000 ? 3   DA    B "C1'" 1 
ATOM   481 N  N9    . DA    B 2 3  ? -2.93260  0.11591   4.69656   1.000 144.52000 ? 3   DA    B N9    1 
ATOM   482 C  C8    . DA    B 2 3  ? -3.65330  -0.94741  4.21644   1.000 144.52000 ? 3   DA    B C8    1 
ATOM   483 N  N7    . DA    B 2 3  ? -2.93747  -2.03933  4.04821   1.000 144.52000 ? 3   DA    B N7    1 
ATOM   484 C  C5    . DA    B 2 3  ? -1.65834  -1.66399  4.43596   1.000 144.52000 ? 3   DA    B C5    1 
ATOM   485 C  C6    . DA    B 2 3  ? -0.43614  -2.36673  4.50196   1.000 144.52000 ? 3   DA    B C6    1 
ATOM   486 N  N6    . DA    B 2 3  ? -0.31049  -3.64751  4.15237   1.000 144.52000 ? 3   DA    B N6    1 
ATOM   487 N  N1    . DA    B 2 3  ? 0.65629   -1.69763  4.93717   1.000 144.52000 ? 3   DA    B N1    1 
ATOM   488 C  C2    . DA    B 2 3  ? 0.52058   -0.41523  5.28500   1.000 144.52000 ? 3   DA    B C2    1 
ATOM   489 N  N3    . DA    B 2 3  ? -0.57239  0.34867   5.27023   1.000 144.52000 ? 3   DA    B N3    1 
ATOM   490 C  C4    . DA    B 2 3  ? -1.63737  -0.34108  4.83578   1.000 144.52000 ? 3   DA    B C4    1 
HETATM 491 C  "C1'" . A1AAZ B 2 4  ? -1.28777  3.47965   1.41287   1.000 211.29000 ? 4   A1AAZ B "C1'" 1 
HETATM 492 C  C2    . A1AAZ B 2 4  ? -0.79883  1.17312   1.47418   1.000 224.71000 ? 4   A1AAZ B C2    1 
HETATM 493 C  "C2'" . A1AAZ B 2 4  ? -1.99284  4.15938   0.55490   1.000 204.15000 ? 4   A1AAZ B "C2'" 1 
HETATM 494 C  "C3'" . A1AAZ B 2 4  ? -1.91429  5.61402   1.11050   1.000 235.64000 ? 4   A1AAZ B "C3'" 1 
HETATM 495 C  C4    . A1AAZ B 2 4  ? -2.41191  -0.50527  1.29472   1.000 199.65000 ? 4   A1AAZ B C4    1 
HETATM 496 C  "C4'" . A1AAZ B 2 4  ? -1.87975  5.41210   2.66079   1.000 249.75000 ? 4   A1AAZ B "C4'" 1 
HETATM 497 C  C5    . A1AAZ B 2 4  ? -3.39742  0.46122   1.17874   1.000 188.15000 ? 4   A1AAZ B C5    1 
HETATM 498 C  "C5'" . A1AAZ B 2 4  ? -3.20063  5.81217   3.28537   1.000 214.83000 ? 4   A1AAZ B "C5'" 1 
HETATM 499 C  C6    . A1AAZ B 2 4  ? -3.00520  1.80200   1.21999   1.000 180.62000 ? 4   A1AAZ B C6    1 
HETATM 500 C  C7    . A1AAZ B 2 4  ? -4.82367  0.03968   1.01359   1.000 166.55000 ? 4   A1AAZ B C7    1 
HETATM 501 N  N1    . A1AAZ B 2 4  ? -1.70728  2.10845   1.36562   1.000 204.84000 ? 4   A1AAZ B N1    1 
HETATM 502 N  N3    . A1AAZ B 2 4  ? -1.15025  -0.10875  1.44233   1.000 219.65000 ? 4   A1AAZ B N3    1 
HETATM 503 O  "O3'" . A1AAZ B 2 4  ? -0.81549  6.21496   0.72280   1.000 240.70000 ? 4   A1AAZ B "O3'" 1 
HETATM 504 O  O4    . A1AAZ B 2 4  ? -2.75238  -1.90205  1.25956   1.000 194.57000 ? 4   A1AAZ B O4    1 
HETATM 505 O  "O4'" . A1AAZ B 2 4  ? -1.68545  4.12892   2.86832   1.000 282.17000 ? 4   A1AAZ B "O4'" 1 
HETATM 506 O  "O5'" . A1AAZ B 2 4  ? -3.84410  4.62470   3.85298   1.000 273.45000 ? 4   A1AAZ B "O5'" 1 
HETATM 507 O  OP1   . A1AAZ B 2 4  ? -5.97775  6.04439   4.44244   1.000 226.70000 ? 4   A1AAZ B OP1   1 
HETATM 508 O  OP2   . A1AAZ B 2 4  ? -6.34752  4.05051   3.02077   1.000 206.80000 ? 4   A1AAZ B OP2   1 
HETATM 509 P  P     . A1AAZ B 2 4  ? -5.52536  4.65551   4.15872   1.000 242.51000 ? 4   A1AAZ B P     1 
HETATM 510 S  S1    . A1AAZ B 2 4  ? 0.92871   1.67370   1.67366   1.000 240.84000 ? 4   A1AAZ B S1    1 
ATOM   511 P  P     . DA    B 2 5  ? -0.42417  6.30735   -0.83598  1.000 241.32000 ? 5   DA    B P     1 
ATOM   512 O  OP1   . DA    B 2 5  ? 0.13312   7.65541   -1.07612  1.000 230.26000 ? 5   DA    B OP1   1 
ATOM   513 O  OP2   . DA    B 2 5  ? -1.56833  5.86470   -1.66046  1.000 255.86000 ? 5   DA    B OP2   1 
ATOM   514 O  "O5'" . DA    B 2 5  ? 0.75701   5.24548   -0.98312  1.000 232.20000 ? 5   DA    B "O5'" 1 
ATOM   515 C  "C5'" . DA    B 2 5  ? 1.91977   5.37561   -0.18253  1.000 236.91000 ? 5   DA    B "C5'" 1 
ATOM   516 C  "C4'" . DA    B 2 5  ? 3.13958   4.82134   -0.89620  1.000 194.13000 ? 5   DA    B "C4'" 1 
ATOM   517 O  "O4'" . DA    B 2 5  ? 3.07830   3.37737   -0.90922  1.000 195.07000 ? 5   DA    B "O4'" 1 
ATOM   518 C  "C3'" . DA    B 2 5  ? 3.30111   5.24518   -2.34928  1.000 179.98000 ? 5   DA    B "C3'" 1 
ATOM   519 O  "O3'" . DA    B 2 5  ? 4.68933   5.32520   -2.67412  1.000 202.91000 ? 5   DA    B "O3'" 1 
ATOM   520 C  "C2'" . DA    B 2 5  ? 2.59984   4.12452   -3.11455  1.000 202.69000 ? 5   DA    B "C2'" 1 
ATOM   521 C  "C1'" . DA    B 2 5  ? 2.79791   2.90355   -2.21103  1.000 184.92000 ? 5   DA    B "C1'" 1 
ATOM   522 N  N9    . DA    B 2 5  ? 1.61857   2.03671   -2.13565  1.000 190.77000 ? 5   DA    B N9    1 
ATOM   523 C  C8    . DA    B 2 5  ? 0.30636   2.42719   -2.09973  1.000 178.45000 ? 5   DA    B C8    1 
ATOM   524 N  N7    . DA    B 2 5  ? -0.54398  1.42902   -2.02283  1.000 179.47000 ? 5   DA    B N7    1 
ATOM   525 C  C5    . DA    B 2 5  ? 0.26335   0.30441   -2.00006  1.000 183.25000 ? 5   DA    B C5    1 
ATOM   526 C  C6    . DA    B 2 5  ? -0.03102  -1.07264  -1.92795  1.000 195.63000 ? 5   DA    B C6    1 
ATOM   527 N  N6    . DA    B 2 5  ? -1.27829  -1.55507  -1.85957  1.000 200.77000 ? 5   DA    B N6    1 
ATOM   528 N  N1    . DA    B 2 5  ? 1.00713   -1.93546  -1.92633  1.000 217.89000 ? 5   DA    B N1    1 
ATOM   529 C  C2    . DA    B 2 5  ? 2.25331   -1.44448  -1.99143  1.000 228.17000 ? 5   DA    B C2    1 
ATOM   530 N  N3    . DA    B 2 5  ? 2.65367   -0.17276  -2.06573  1.000 175.76000 ? 5   DA    B N3    1 
ATOM   531 C  C4    . DA    B 2 5  ? 1.60127   0.65936   -2.06523  1.000 175.30000 ? 5   DA    B C4    1 
ATOM   532 P  P     . DC    B 2 6  ? 5.17744   5.96869   -4.06582  1.000 215.05000 ? 6   DC    B P     1 
ATOM   533 O  OP1   . DC    B 2 6  ? 6.32365   6.85302   -3.76093  1.000 222.07000 ? 6   DC    B OP1   1 
ATOM   534 O  OP2   . DC    B 2 6  ? 3.99750   6.51085   -4.77106  1.000 187.30000 ? 6   DC    B OP2   1 
ATOM   535 O  "O5'" . DC    B 2 6  ? 5.72493   4.70973   -4.88402  1.000 205.14000 ? 6   DC    B "O5'" 1 
ATOM   536 C  "C5'" . DC    B 2 6  ? 6.76625   3.91532   -4.32725  1.000 171.18000 ? 6   DC    B "C5'" 1 
ATOM   537 C  "C4'" . DC    B 2 6  ? 6.66257   2.46131   -4.76871  1.000 184.92000 ? 6   DC    B "C4'" 1 
ATOM   538 O  "O4'" . DC    B 2 6  ? 5.34635   1.93009   -4.47825  1.000 168.11000 ? 6   DC    B "O4'" 1 
ATOM   539 C  "C3'" . DC    B 2 6  ? 6.90380   2.18996   -6.26166  1.000 181.55000 ? 6   DC    B "C3'" 1 
ATOM   540 O  "O3'" . DC    B 2 6  ? 7.91174   1.18433   -6.38302  1.000 155.63000 ? 6   DC    B "O3'" 1 
ATOM   541 C  "C2'" . DC    B 2 6  ? 5.53310   1.68363   -6.75619  1.000 150.44000 ? 6   DC    B "C2'" 1 
ATOM   542 C  "C1'" . DC    B 2 6  ? 5.02090   1.02026   -5.49606  1.000 165.28000 ? 6   DC    B "C1'" 1 
ATOM   543 N  N1    . DC    B 2 6  ? 3.54877   0.74537   -5.44904  1.000 153.30000 ? 6   DC    B N1    1 
ATOM   544 C  C2    . DC    B 2 6  ? 3.10977   -0.58003  -5.37634  1.000 165.56000 ? 6   DC    B C2    1 
ATOM   545 O  O2    . DC    B 2 6  ? 3.94923   -1.48121  -5.39015  1.000 230.90000 ? 6   DC    B O2    1 
ATOM   546 N  N3    . DC    B 2 6  ? 1.77985   -0.83593  -5.30412  1.000 162.89000 ? 6   DC    B N3    1 
ATOM   547 C  C4    . DC    B 2 6  ? 0.91069   0.17689   -5.29295  1.000 172.62000 ? 6   DC    B C4    1 
ATOM   548 N  N4    . DC    B 2 6  ? -0.39161  -0.11677  -5.22352  1.000 164.88000 ? 6   DC    B N4    1 
ATOM   549 C  C5    . DC    B 2 6  ? 1.34239   1.53979   -5.35484  1.000 200.86000 ? 6   DC    B C5    1 
ATOM   550 C  C6    . DC    B 2 6  ? 2.65763   1.77313   -5.43260  1.000 171.64000 ? 6   DC    B C6    1 
ATOM   551 P  P     . DA    B 2 7  ? 9.02618   1.24713   -7.54286  1.000 190.92000 ? 7   DA    B P     1 
ATOM   552 O  OP1   . DA    B 2 7  ? 10.33769  0.93206   -6.92693  1.000 200.27000 ? 7   DA    B OP1   1 
ATOM   553 O  OP2   . DA    B 2 7  ? 8.84784   2.51387   -8.28766  1.000 162.96000 ? 7   DA    B OP2   1 
ATOM   554 O  "O5'" . DA    B 2 7  ? 8.60799   0.04806   -8.51173  1.000 204.61000 ? 7   DA    B "O5'" 1 
ATOM   555 C  "C5'" . DA    B 2 7  ? 7.67535   -0.91840  -8.05860  1.000 210.03000 ? 7   DA    B "C5'" 1 
ATOM   556 C  "C4'" . DA    B 2 7  ? 6.93825   -1.54887  -9.22052  1.000 172.98000 ? 7   DA    B "C4'" 1 
ATOM   557 O  "O4'" . DA    B 2 7  ? 5.51141   -1.55559  -8.96148  1.000 166.83000 ? 7   DA    B "O4'" 1 
ATOM   558 C  "C3'" . DA    B 2 7  ? 7.10998   -0.83587  -10.57280 1.000 182.96000 ? 7   DA    B "C3'" 1 
ATOM   559 O  "O3'" . DA    B 2 7  ? 7.47479   -1.77763  -11.55283 1.000 150.72000 ? 7   DA    B "O3'" 1 
ATOM   560 C  "C2'" . DA    B 2 7  ? 5.71895   -0.27009  -10.85578 1.000 196.19000 ? 7   DA    B "C2'" 1 
ATOM   561 C  "C1'" . DA    B 2 7  ? 4.86601   -1.31822  -10.18179 1.000 179.71000 ? 7   DA    B "C1'" 1 
ATOM   562 N  N9    . DA    B 2 7  ? 3.49259   -0.90695  -9.95136  1.000 164.84000 ? 7   DA    B N9    1 
ATOM   563 C  C8    . DA    B 2 7  ? 3.00753   0.37084   -9.90194  1.000 184.45000 ? 7   DA    B C8    1 
ATOM   564 N  N7    . DA    B 2 7  ? 1.71452   0.43238   -9.69891  1.000 222.00000 ? 7   DA    B N7    1 
ATOM   565 C  C5    . DA    B 2 7  ? 1.32666   -0.89648  -9.62522  1.000 201.02000 ? 7   DA    B C5    1 
ATOM   566 C  C6    . DA    B 2 7  ? 0.07991   -1.50825  -9.42407  1.000 226.03000 ? 7   DA    B C6    1 
ATOM   567 N  N6    . DA    B 2 7  ? -1.04416  -0.81909  -9.25582  1.000 243.69000 ? 7   DA    B N6    1 
ATOM   568 N  N1    . DA    B 2 7  ? 0.03569   -2.85732  -9.40554  1.000 224.55000 ? 7   DA    B N1    1 
ATOM   569 C  C2    . DA    B 2 7  ? 1.16891   -3.54144  -9.57600  1.000 232.54000 ? 7   DA    B C2    1 
ATOM   570 N  N3    . DA    B 2 7  ? 2.40063   -3.07568  -9.77354  1.000 192.87000 ? 7   DA    B N3    1 
ATOM   571 C  C4    . DA    B 2 7  ? 2.40910   -1.73216  -9.78704  1.000 184.80000 ? 7   DA    B C4    1 
ATOM   572 P  P     . DG    C 3 1  ? 5.73777   1.25504   -16.55712 1.000 235.33000 ? 8   DG    C P     1 
ATOM   573 O  OP1   . DG    C 3 1  ? 5.09339   2.10069   -15.52859 1.000 160.62000 ? 8   DG    C OP1   1 
ATOM   574 O  OP2   . DG    C 3 1  ? 7.08954   1.59485   -17.04863 1.000 199.40000 ? 8   DG    C OP2   1 
ATOM   575 O  "O5'" . DG    C 3 1  ? 5.81106   -0.23961  -16.00306 1.000 206.04000 ? 8   DG    C "O5'" 1 
ATOM   576 C  "C5'" . DG    C 3 1  ? 4.79443   -1.15848  -16.33404 1.000 214.73000 ? 8   DG    C "C5'" 1 
ATOM   577 C  "C4'" . DG    C 3 1  ? 4.35530   -1.95014  -15.11565 1.000 206.12000 ? 8   DG    C "C4'" 1 
ATOM   578 O  "O4'" . DG    C 3 1  ? 3.83978   -1.05136  -14.10535 1.000 187.05000 ? 8   DG    C "O4'" 1 
ATOM   579 C  "C3'" . DG    C 3 1  ? 3.22079   -2.91670  -15.37486 1.000 210.55000 ? 8   DG    C "C3'" 1 
ATOM   580 O  "O3'" . DG    C 3 1  ? 3.73654   -4.14139  -15.90248 1.000 222.71000 ? 8   DG    C "O3'" 1 
ATOM   581 C  "C2'" . DG    C 3 1  ? 2.61950   -3.09760  -13.97784 1.000 230.07000 ? 8   DG    C "C2'" 1 
ATOM   582 C  "C1'" . DG    C 3 1  ? 2.87371   -1.73567  -13.31365 1.000 199.37000 ? 8   DG    C "C1'" 1 
ATOM   583 N  N9    . DG    C 3 1  ? 1.68689   -0.86161  -13.18165 1.000 205.68000 ? 8   DG    C N9    1 
ATOM   584 C  C8    . DG    C 3 1  ? 1.65718   0.49417   -13.35694 1.000 242.74000 ? 8   DG    C C8    1 
ATOM   585 N  N7    . DG    C 3 1  ? 0.47902   1.01877   -13.17594 1.000 218.92000 ? 8   DG    C N7    1 
ATOM   586 C  C5    . DG    C 3 1  ? -0.32837  -0.04702  -12.84376 1.000 224.96000 ? 8   DG    C C5    1 
ATOM   587 C  C6    . DG    C 3 1  ? -1.70906  -0.09067  -12.53592 1.000 222.67000 ? 8   DG    C C6    1 
ATOM   588 O  O6    . DG    C 3 1  ? -2.50362  0.86191   -12.49022 1.000 237.75000 ? 8   DG    C O6    1 
ATOM   589 N  N1    . DG    C 3 1  ? -2.14827  -1.37430  -12.25339 1.000 211.70000 ? 8   DG    C N1    1 
ATOM   590 C  C2    . DG    C 3 1  ? -1.35700  -2.50301  -12.26584 1.000 201.02000 ? 8   DG    C C2    1 
ATOM   591 N  N2    . DG    C 3 1  ? -1.96737  -3.66154  -11.96984 1.000 242.07000 ? 8   DG    C N2    1 
ATOM   592 N  N3    . DG    C 3 1  ? -0.05915  -2.48367  -12.55523 1.000 168.04000 ? 8   DG    C N3    1 
ATOM   593 C  C4    . DG    C 3 1  ? 0.39077   -1.24100  -12.83321 1.000 192.28000 ? 8   DG    C C4    1 
ATOM   594 P  P     . DG    C 3 2  ? 3.58168   -4.49200  -17.46619 1.000 248.40000 ? 9   DG    C P     1 
ATOM   595 O  OP1   . DG    C 3 2  ? 4.72961   -5.34795  -17.83803 1.000 249.32000 ? 9   DG    C OP1   1 
ATOM   596 O  OP2   . DG    C 3 2  ? 3.32706   -3.24873  -18.22823 1.000 247.70000 ? 9   DG    C OP2   1 
ATOM   597 O  "O5'" . DG    C 3 2  ? 2.24125   -5.36144  -17.53672 1.000 208.13000 ? 9   DG    C "O5'" 1 
ATOM   598 C  "C5'" . DG    C 3 2  ? 2.08969   -6.49855  -16.69442 1.000 230.39000 ? 9   DG    C "C5'" 1 
ATOM   599 C  "C4'" . DG    C 3 2  ? 0.69011   -6.55544  -16.10572 1.000 251.99000 ? 9   DG    C "C4'" 1 
ATOM   600 O  "O4'" . DG    C 3 2  ? 0.44528   -5.36166  -15.34219 1.000 253.29000 ? 9   DG    C "O4'" 1 
ATOM   601 C  "C3'" . DG    C 3 2  ? -0.43102  -6.60572  -17.12606 1.000 229.78000 ? 9   DG    C "C3'" 1 
ATOM   602 O  "O3'" . DG    C 3 2  ? -0.69121  -7.95920  -17.48600 1.000 257.25000 ? 9   DG    C "O3'" 1 
ATOM   603 C  "C2'" . DG    C 3 2  ? -1.61235  -5.99243  -16.36743 1.000 236.09000 ? 9   DG    C "C2'" 1 
ATOM   604 C  "C1'" . DG    C 3 2  ? -0.93680  -5.08008  -15.33624 1.000 230.73000 ? 9   DG    C "C1'" 1 
ATOM   605 N  N9    . DG    C 3 2  ? -1.12514  -3.65699  -15.58358 1.000 244.78000 ? 9   DG    C N9    1 
ATOM   606 C  C8    . DG    C 3 2  ? -0.16993  -2.74409  -15.98139 1.000 235.38000 ? 9   DG    C C8    1 
ATOM   607 N  N7    . DG    C 3 2  ? -0.62927  -1.52953  -16.10690 1.000 224.96000 ? 9   DG    C N7    1 
ATOM   608 C  C5    . DG    C 3 2  ? -1.97605  -1.64255  -15.76920 1.000 231.04000 ? 9   DG    C C5    1 
ATOM   609 C  C6    . DG    C 3 2  ? -2.98951  -0.65466  -15.72511 1.000 213.65000 ? 9   DG    C C6    1 
ATOM   610 O  O6    . DG    C 3 2  ? -2.91304  0.55785   -15.97201 1.000 208.38000 ? 9   DG    C O6    1 
ATOM   611 N  N1    . DG    C 3 2  ? -4.20812  -1.20249  -15.33082 1.000 219.92000 ? 9   DG    C N1    1 
ATOM   612 C  C2    . DG    C 3 2  ? -4.41514  -2.52259  -15.02370 1.000 226.57000 ? 9   DG    C C2    1 
ATOM   613 N  N2    . DG    C 3 2  ? -5.65807  -2.86345  -14.67021 1.000 262.50000 ? 9   DG    C N2    1 
ATOM   614 N  N3    . DG    C 3 2  ? -3.47632  -3.45661  -15.06254 1.000 198.60000 ? 9   DG    C N3    1 
ATOM   615 C  C4    . DG    C 3 2  ? -2.28111  -2.94097  -15.44349 1.000 229.93000 ? 9   DG    C C4    1 
ATOM   616 P  P     . DC    C 3 3  ? -1.37395  -8.31319  -18.89689 1.000 277.70000 ? 10  DC    C P     1 
ATOM   617 O  OP1   . DC    C 3 3  ? -2.16271  -9.55450  -18.71063 1.000 320.37000 ? 10  DC    C OP1   1 
ATOM   618 O  OP2   . DC    C 3 3  ? -0.31451  -8.25859  -19.93160 1.000 320.33000 ? 10  DC    C OP2   1 
ATOM   619 O  "O5'" . DC    C 3 3  ? -2.37559  -7.09212  -19.15616 1.000 258.85000 ? 10  DC    C "O5'" 1 
ATOM   620 C  "C5'" . DC    C 3 3  ? -3.56933  -7.29019  -19.90338 1.000 280.71000 ? 10  DC    C "C5'" 1 
ATOM   621 C  "C4'" . DC    C 3 3  ? -4.77401  -7.38675  -18.98051 1.000 268.51000 ? 10  DC    C "C4'" 1 
ATOM   622 O  "O4'" . DC    C 3 3  ? -4.63487  -6.43193  -17.89756 1.000 253.71000 ? 10  DC    C "O4'" 1 
ATOM   623 C  "C3'" . DC    C 3 3  ? -6.12144  -7.12813  -19.65304 1.000 269.86000 ? 10  DC    C "C3'" 1 
ATOM   624 O  "O3'" . DC    C 3 3  ? -6.82781  -8.36808  -19.78311 1.000 301.91000 ? 10  DC    C "O3'" 1 
ATOM   625 C  "C2'" . DC    C 3 3  ? -6.85695  -6.17030  -18.70662 1.000 254.36000 ? 10  DC    C "C2'" 1 
ATOM   626 C  "C1'" . DC    C 3 3  ? -5.75217  -5.57280  -17.83076 1.000 252.67000 ? 10  DC    C "C1'" 1 
ATOM   627 N  N1    . DC    C 3 3  ? -5.31346  -4.17868  -18.22431 1.000 244.52000 ? 10  DC    C N1    1 
ATOM   628 C  C2    . DC    C 3 3  ? -6.21265  -3.09986  -18.14509 1.000 260.63000 ? 10  DC    C C2    1 
ATOM   629 O  O2    . DC    C 3 3  ? -7.36997  -3.29386  -17.76173 1.000 257.52000 ? 10  DC    C O2    1 
ATOM   630 N  N3    . DC    C 3 3  ? -5.78338  -1.86034  -18.49649 1.000 258.91000 ? 10  DC    C N3    1 
ATOM   631 C  C4    . DC    C 3 3  ? -4.52695  -1.67596  -18.90540 1.000 250.10000 ? 10  DC    C C4    1 
ATOM   632 N  N4    . DC    C 3 3  ? -4.15096  -0.43496  -19.23717 1.000 253.96000 ? 10  DC    C N4    1 
ATOM   633 C  C5    . DC    C 3 3  ? -3.59821  -2.75427  -18.98378 1.000 232.13000 ? 10  DC    C C5    1 
ATOM   634 C  C6    . DC    C 3 3  ? -4.02845  -3.97301  -18.63504 1.000 241.27000 ? 10  DC    C C6    1 
ATOM   635 P  P     . DT    C 3 4  ? -7.60077  -8.75539  -21.14107 1.000 278.21000 ? 11  DT    C P     1 
ATOM   636 O  OP1   . DT    C 3 4  ? -9.00029  -9.06969  -20.77800 1.000 273.61000 ? 11  DT    C OP1   1 
ATOM   637 O  OP2   . DT    C 3 4  ? -6.78557  -9.76586  -21.84960 1.000 321.77000 ? 11  DT    C OP2   1 
ATOM   638 O  "O5'" . DT    C 3 4  ? -7.58019  -7.41735  -22.01241 1.000 256.37000 ? 11  DT    C "O5'" 1 
ATOM   639 C  "C5'" . DT    C 3 4  ? -8.58195  -7.20343  -23.00355 1.000 275.76000 ? 11  DT    C "C5'" 1 
ATOM   640 C  "C4'" . DT    C 3 4  ? -9.75639  -6.44195  -22.41583 1.000 266.90000 ? 11  DT    C "C4'" 1 
ATOM   641 O  "O4'" . DT    C 3 4  ? -9.26201  -5.53095  -21.40900 1.000 216.19000 ? 11  DT    C "O4'" 1 
ATOM   642 C  "C3'" . DT    C 3 4  ? -10.51516 -5.57818  -23.40795 1.000 256.33000 ? 11  DT    C "C3'" 1 
ATOM   643 O  "O3'" . DT    C 3 4  ? -11.57019 -6.35870  -24.05971 1.000 278.42000 ? 11  DT    C "O3'" 1 
ATOM   644 C  "C2'" . DT    C 3 4  ? -11.05168 -4.43766  -22.54021 1.000 236.19000 ? 11  DT    C "C2'" 1 
ATOM   645 C  "C1'" . DT    C 3 4  ? -10.00861 -4.32970  -21.42567 1.000 240.47000 ? 11  DT    C "C1'" 1 
ATOM   646 N  N1    . DT    C 3 4  ? -9.05446  -3.16870  -21.55071 1.000 245.57000 ? 11  DT    C N1    1 
ATOM   647 C  C2    . DT    C 3 4  ? -9.50313  -1.89022  -21.30092 1.000 266.26000 ? 11  DT    C C2    1 
ATOM   648 O  O2    . DT    C 3 4  ? -10.65657 -1.63123  -21.01029 1.000 313.01000 ? 11  DT    C O2    1 
ATOM   649 N  N3    . DT    C 3 4  ? -8.54782  -0.91340  -21.41814 1.000 231.74000 ? 11  DT    C N3    1 
ATOM   650 C  C4    . DT    C 3 4  ? -7.21398  -1.08135  -21.73978 1.000 249.92000 ? 11  DT    C C4    1 
ATOM   651 O  O4    . DT    C 3 4  ? -6.43266  -0.13683  -21.81901 1.000 273.50000 ? 11  DT    C O4    1 
ATOM   652 C  C5    . DT    C 3 4  ? -6.80508  -2.44522  -21.97689 1.000 216.86000 ? 11  DT    C C5    1 
ATOM   653 C  C7    . DT    C 3 4  ? -5.38169  -2.75232  -22.33486 1.000 187.41000 ? 11  DT    C C7    1 
ATOM   654 C  C6    . DT    C 3 4  ? -7.73143  -3.41171  -21.86692 1.000 215.07000 ? 11  DT    C C6    1 
ATOM   655 P  P     . DG    C 3 5  ? -13.10709 -6.33048  -23.58087 1.000 300.78000 ? 12  DG    C P     1 
ATOM   656 O  OP1   . DG    C 3 5  ? -13.19080 -6.48480  -22.10953 1.000 349.05000 ? 12  DG    C OP1   1 
ATOM   657 O  OP2   . DG    C 3 5  ? -13.81750 -7.31887  -24.42353 1.000 335.79000 ? 12  DG    C OP2   1 
ATOM   658 O  "O5'" . DG    C 3 5  ? -13.64330 -4.88714  -24.02531 1.000 272.89000 ? 12  DG    C "O5'" 1 
ATOM   659 C  "C5'" . DG    C 3 5  ? -14.51699 -4.15409  -23.17290 1.000 283.63000 ? 12  DG    C "C5'" 1 
ATOM   660 C  "C4'" . DG    C 3 5  ? -14.48802 -2.67081  -23.50865 1.000 296.18000 ? 12  DG    C "C4'" 1 
ATOM   661 O  "O4'" . DG    C 3 5  ? -13.14887 -2.13683  -23.30018 1.000 246.82000 ? 12  DG    C "O4'" 1 
ATOM   662 C  "C3'" . DG    C 3 5  ? -14.86196 -2.32016  -24.95612 1.000 287.80000 ? 12  DG    C "C3'" 1 
ATOM   663 O  "O3'" . DG    C 3 5  ? -15.77625 -1.22892  -24.96832 1.000 334.20000 ? 12  DG    C "O3'" 1 
ATOM   664 C  "C2'" . DG    C 3 5  ? -13.52361 -1.92869  -25.57738 1.000 264.19000 ? 12  DG    C "C2'" 1 
ATOM   665 C  "C1'" . DG    C 3 5  ? -12.82751 -1.30054  -24.38488 1.000 240.58000 ? 12  DG    C "C1'" 1 
ATOM   666 N  N9    . DG    C 3 5  ? -11.37597 -1.22128  -24.53569 1.000 248.81000 ? 12  DG    C N9    1 
ATOM   667 C  C8    . DG    C 3 5  ? -10.52233 -2.24124  -24.87295 1.000 247.87000 ? 12  DG    C C8    1 
ATOM   668 N  N7    . DG    C 3 5  ? -9.27461  -1.87247  -24.94770 1.000 266.41000 ? 12  DG    C N7    1 
ATOM   669 C  C5    . DG    C 3 5  ? -9.30193  -0.51637  -24.65596 1.000 287.80000 ? 12  DG    C C5    1 
ATOM   670 C  C6    . DG    C 3 5  ? -8.24306  0.41945   -24.58609 1.000 277.52000 ? 12  DG    C C6    1 
ATOM   671 O  O6    . DG    C 3 5  ? -7.03548  0.21934   -24.78745 1.000 286.87000 ? 12  DG    C O6    1 
ATOM   672 N  N1    . DG    C 3 5  ? -8.70176  1.69257   -24.25946 1.000 250.07000 ? 12  DG    C N1    1 
ATOM   673 C  C2    . DG    C 3 5  ? -10.01976 2.01610   -24.02648 1.000 294.41000 ? 12  DG    C C2    1 
ATOM   674 N  N2    . DG    C 3 5  ? -10.27085 3.29779   -23.72122 1.000 331.68000 ? 12  DG    C N2    1 
ATOM   675 N  N3    . DG    C 3 5  ? -11.02165 1.14689   -24.08607 1.000 273.44000 ? 12  DG    C N3    1 
ATOM   676 C  C4    . DG    C 3 5  ? -10.58949 -0.09681  -24.40550 1.000 275.61000 ? 12  DG    C C4    1 
ATOM   677 P  P     . DC    C 3 6  ? -16.23697 -0.56393  -26.35891 1.000 336.15000 ? 13  DC    C P     1 
ATOM   678 O  OP1   . DC    C 3 6  ? -17.55394 0.06751   -26.12192 1.000 384.70000 ? 13  DC    C OP1   1 
ATOM   679 O  OP2   . DC    C 3 6  ? -16.09088 -1.58633  -27.41731 1.000 305.70000 ? 13  DC    C OP2   1 
ATOM   680 O  "O5'" . DC    C 3 6  ? -15.15774 0.59295   -26.62108 1.000 282.58000 ? 13  DC    C "O5'" 1 
ATOM   681 C  "C5'" . DC    C 3 6  ? -15.01171 1.64687   -25.67227 1.000 285.87000 ? 13  DC    C "C5'" 1 
ATOM   682 C  "C4'" . DC    C 3 6  ? -14.08072 2.74163   -26.18170 1.000 317.00000 ? 13  DC    C "C4'" 1 
ATOM   683 O  "O4'" . DC    C 3 6  ? -12.70783 2.29606   -26.12427 1.000 333.91000 ? 13  DC    C "O4'" 1 
ATOM   684 C  "C3'" . DC    C 3 6  ? -14.31385 3.20309   -27.63034 1.000 294.57000 ? 13  DC    C "C3'" 1 
ATOM   685 O  "O3'" . DC    C 3 6  ? -14.73598 4.56879   -27.64924 1.000 337.50000 ? 13  DC    C "O3'" 1 
ATOM   686 C  "C2'" . DC    C 3 6  ? -12.94270 3.03131   -28.30669 1.000 297.48000 ? 13  DC    C "C2'" 1 
ATOM   687 C  "C1'" . DC    C 3 6  ? -12.00043 2.98751   -27.11421 1.000 315.32000 ? 13  DC    C "C1'" 1 
ATOM   688 N  N1    . DC    C 3 6  ? -10.71661 2.28114   -27.38555 1.000 349.90000 ? 13  DC    C N1    1 
ATOM   689 C  C2    . DC    C 3 6  ? -9.51398  2.99665   -27.32854 1.000 352.26000 ? 13  DC    C C2    1 
ATOM   690 O  O2    . DC    C 3 6  ? -9.54844  4.20170   -27.04827 1.000 264.56000 ? 13  DC    C O2    1 
ATOM   691 N  N3    . DC    C 3 6  ? -8.35086  2.34639   -27.57917 1.000 348.85000 ? 13  DC    C N3    1 
ATOM   692 C  C4    . DC    C 3 6  ? -8.36703  1.04410   -27.87679 1.000 344.19000 ? 13  DC    C C4    1 
ATOM   693 N  N4    . DC    C 3 6  ? -7.19658  0.44256   -28.11781 1.000 350.31000 ? 13  DC    C N4    1 
ATOM   694 C  C5    . DC    C 3 6  ? -9.58241  0.30028   -27.94139 1.000 313.14000 ? 13  DC    C C5    1 
ATOM   695 C  C6    . DC    C 3 6  ? -10.72235 0.95287   -27.69220 1.000 316.64000 ? 13  DC    C C6    1 
ATOM   696 P  P     . DT    C 3 7  ? -15.37096 5.20786   -28.98194 1.000 346.09000 ? 14  DT    C P     1 
ATOM   697 O  OP1   . DT    C 3 7  ? -16.26488 6.31275   -28.56716 1.000 362.08000 ? 14  DT    C OP1   1 
ATOM   698 O  OP2   . DT    C 3 7  ? -15.92533 4.09541   -29.78539 1.000 331.38000 ? 14  DT    C OP2   1 
ATOM   699 O  "O5'" . DT    C 3 7  ? -14.11100 5.82978   -29.76434 1.000 303.51000 ? 14  DT    C "O5'" 1 
ATOM   700 C  "C5'" . DT    C 3 7  ? -13.49030 7.02615   -29.27667 1.000 298.69000 ? 14  DT    C "C5'" 1 
ATOM   701 C  "C4'" . DT    C 3 7  ? -12.49918 7.60195   -30.28321 1.000 324.24000 ? 14  DT    C "C4'" 1 
ATOM   702 O  "O4'" . DT    C 3 7  ? -11.15403 7.23684   -29.90208 1.000 336.17000 ? 14  DT    C "O4'" 1 
ATOM   703 C  "C3'" . DT    C 3 7  ? -12.65668 7.10733   -31.70958 1.000 354.22000 ? 14  DT    C "C3'" 1 
ATOM   704 O  "O3'" . DT    C 3 7  ? -13.60350 7.91678   -32.40199 1.000 381.79000 ? 14  DT    C "O3'" 1 
ATOM   705 C  "C2'" . DT    C 3 7  ? -11.24715 7.28093   -32.28389 1.000 344.85000 ? 14  DT    C "C2'" 1 
ATOM   706 C  "C1'" . DT    C 3 7  ? -10.34239 7.10319   -31.05446 1.000 318.63000 ? 14  DT    C "C1'" 1 
ATOM   707 N  N1    . DT    C 3 7  ? -9.64749  5.77593   -30.99302 1.000 318.17000 ? 14  DT    C N1    1 
ATOM   708 C  C2    . DT    C 3 7  ? -8.28503  5.73523   -30.79988 1.000 320.94000 ? 14  DT    C C2    1 
ATOM   709 O  O2    . DT    C 3 7  ? -7.59560  6.73456   -30.68587 1.000 313.24000 ? 14  DT    C O2    1 
ATOM   710 N  N3    . DT    C 3 7  ? -7.74842  4.47176   -30.75542 1.000 321.20000 ? 14  DT    C N3    1 
ATOM   711 C  C4    . DT    C 3 7  ? -8.42847  3.27115   -30.87714 1.000 314.57000 ? 14  DT    C C4    1 
ATOM   712 O  O4    . DT    C 3 7  ? -7.86708  2.17754   -30.82871 1.000 303.80000 ? 14  DT    C O4    1 
ATOM   713 C  C5    . DT    C 3 7  ? -9.85186  3.38695   -31.06884 1.000 298.07000 ? 14  DT    C C5    1 
ATOM   714 C  C7    . DT    C 3 7  ? -10.69190 2.15313   -31.22270 1.000 275.27000 ? 14  DT    C C7    1 
ATOM   715 C  C6    . DT    C 3 7  ? -10.38570 4.61661   -31.12213 1.000 302.86000 ? 14  DT    C C6    1 
ATOM   716 O  OP3   . DC    D 4 1  ? -1.70123  11.42746  31.68854  1.000 392.88000 ? 1   DC    D OP3   1 
ATOM   717 P  P     . DC    D 4 1  ? -1.99065  11.02453  33.08761  1.000 412.32000 ? 1   DC    D P     1 
ATOM   718 O  OP1   . DC    D 4 1  ? -2.71188  12.14611  33.73468  1.000 464.82000 ? 1   DC    D OP1   1 
ATOM   719 O  OP2   . DC    D 4 1  ? -2.65004  9.69780   33.03532  1.000 326.81000 ? 1   DC    D OP2   1 
ATOM   720 O  "O5'" . DC    D 4 1  ? -0.58303  10.82123  33.83142  1.000 341.50000 ? 1   DC    D "O5'" 1 
ATOM   721 C  "C5'" . DC    D 4 1  ? 0.33160   11.91160  33.95830  1.000 347.67000 ? 1   DC    D "C5'" 1 
ATOM   722 C  "C4'" . DC    D 4 1  ? 1.76003   11.44934  33.72445  1.000 347.79000 ? 1   DC    D "C4'" 1 
ATOM   723 O  "O4'" . DC    D 4 1  ? 1.93837   10.12470  34.31912  1.000 331.61000 ? 1   DC    D "O4'" 1 
ATOM   724 C  "C3'" . DC    D 4 1  ? 2.15965   11.29821  32.24183  1.000 287.88000 ? 1   DC    D "C3'" 1 
ATOM   725 O  "O3'" . DC    D 4 1  ? 3.51727   11.79525  31.99631  1.000 288.00000 ? 1   DC    D "O3'" 1 
ATOM   726 C  "C2'" . DC    D 4 1  ? 2.07474   9.79351   32.04406  1.000 300.35000 ? 1   DC    D "C2'" 1 
ATOM   727 C  "C1'" . DC    D 4 1  ? 2.61125   9.32853   33.38033  1.000 334.18000 ? 1   DC    D "C1'" 1 
ATOM   728 N  N1    . DC    D 4 1  ? 2.40097   7.87770   33.64013  1.000 300.54000 ? 1   DC    D N1    1 
ATOM   729 C  C2    . DC    D 4 1  ? 3.49643   7.08045   33.99563  1.000 272.65000 ? 1   DC    D C2    1 
ATOM   730 O  O2    . DC    D 4 1  ? 4.60707   7.60877   34.12949  1.000 255.85000 ? 1   DC    D O2    1 
ATOM   731 N  N3    . DC    D 4 1  ? 3.30667   5.75600   34.20237  1.000 246.86000 ? 1   DC    D N3    1 
ATOM   732 C  C4    . DC    D 4 1  ? 2.09399   5.22691   34.04394  1.000 248.95000 ? 1   DC    D C4    1 
ATOM   733 N  N4    . DC    D 4 1  ? 1.95258   3.91608   34.25381  1.000 269.82000 ? 1   DC    D N4    1 
ATOM   734 C  C5    . DC    D 4 1  ? 0.96942   6.01873   33.66183  1.000 265.51000 ? 1   DC    D C5    1 
ATOM   735 C  C6    . DC    D 4 1  ? 1.16836   7.32580   33.46562  1.000 278.84000 ? 1   DC    D C6    1 
ATOM   736 P  P     . DT    D 4 2  ? 4.52476   10.96243  31.04342  1.000 251.23000 ? 2   DT    D P     1 
ATOM   737 O  OP1   . DT    D 4 2  ? 3.83405   10.63840  29.77259  1.000 267.40000 ? 2   DT    D OP1   1 
ATOM   738 O  OP2   . DT    D 4 2  ? 5.13719   9.92422   31.90091  1.000 238.65000 ? 2   DT    D OP2   1 
ATOM   739 O  "O5'" . DT    D 4 2  ? 5.72830   11.95391  30.67604  1.000 311.57000 ? 2   DT    D "O5'" 1 
ATOM   740 C  "C5'" . DT    D 4 2  ? 6.41323   11.80771  29.40325  1.000 279.74000 ? 2   DT    D "C5'" 1 
ATOM   741 C  "C4'" . DT    D 4 2  ? 7.47511   10.70034  29.43056  1.000 251.59000 ? 2   DT    D "C4'" 1 
ATOM   742 O  "O4'" . DT    D 4 2  ? 7.04011   9.61121   30.26892  1.000 208.28000 ? 2   DT    D "O4'" 1 
ATOM   743 C  "C3'" . DT    D 4 2  ? 7.77202   10.06874  28.07310  1.000 267.42000 ? 2   DT    D "C3'" 1 
ATOM   744 O  "O3'" . DT    D 4 2  ? 8.90874   10.70356  27.44244  1.000 284.26000 ? 2   DT    D "O3'" 1 
ATOM   745 C  "C2'" . DT    D 4 2  ? 8.03870   8.58866   28.37520  1.000 249.17000 ? 2   DT    D "C2'" 1 
ATOM   746 C  "C1'" . DT    D 4 2  ? 7.58316   8.38989   29.81786  1.000 235.21000 ? 2   DT    D "C1'" 1 
ATOM   747 N  N1    . DT    D 4 2  ? 6.54084   7.32063   29.96478  1.000 248.21000 ? 2   DT    D N1    1 
ATOM   748 C  C2    . DT    D 4 2  ? 6.92533   6.01987   30.24019  1.000 251.14000 ? 2   DT    D C2    1 
ATOM   749 O  O2    . DT    D 4 2  ? 8.08613   5.67770   30.37514  1.000 226.85000 ? 2   DT    D O2    1 
ATOM   750 N  N3    . DT    D 4 2  ? 5.88293   5.12969   30.35026  1.000 241.08000 ? 2   DT    D N3    1 
ATOM   751 C  C4    . DT    D 4 2  ? 4.53536   5.40464   30.21594  1.000 214.00000 ? 2   DT    D C4    1 
ATOM   752 O  O4    . DT    D 4 2  ? 3.67274   4.54118   30.33103  1.000 183.06000 ? 2   DT    D O4    1 
ATOM   753 C  C5    . DT    D 4 2  ? 4.20829   6.78252   29.92903  1.000 206.47000 ? 2   DT    D C5    1 
ATOM   754 C  C7    . DT    D 4 2  ? 2.77705   7.19826   29.75976  1.000 198.41000 ? 2   DT    D C7    1 
ATOM   755 C  C6    . DT    D 4 2  ? 5.21418   7.66008   29.81779  1.000 217.88000 ? 2   DT    D C6    1 
ATOM   756 P  P     . DG    D 4 3  ? 10.42336  10.37816  27.89320  1.000 259.60000 ? 3   DG    D P     1 
ATOM   757 O  OP1   . DG    D 4 3  ? 10.49865  10.27793  29.36693  1.000 267.01000 ? 3   DG    D OP1   1 
ATOM   758 O  OP2   . DG    D 4 3  ? 11.28049  11.35825  27.19362  1.000 294.36000 ? 3   DG    D OP2   1 
ATOM   759 O  "O5'" . DG    D 4 3  ? 10.74544  8.93935   27.26529  1.000 180.76000 ? 3   DG    D "O5'" 1 
ATOM   760 C  "C5'" . DG    D 4 3  ? 11.48159  7.98835   28.03288  1.000 224.18000 ? 3   DG    D "C5'" 1 
ATOM   761 C  "C4'" . DG    D 4 3  ? 11.27076  6.57922   27.50958  1.000 201.23000 ? 3   DG    D "C4'" 1 
ATOM   762 O  "O4'" . DG    D 4 3  ? 9.95399   6.07804   27.89662  1.000 195.78000 ? 3   DG    D "O4'" 1 
ATOM   763 C  "C3'" . DG    D 4 3  ? 11.32943  6.43385   25.97795  1.000 213.25000 ? 3   DG    D "C3'" 1 
ATOM   764 O  "O3'" . DG    D 4 3  ? 11.99519  5.23826   25.65097  1.000 188.93000 ? 3   DG    D "O3'" 1 
ATOM   765 C  "C2'" . DG    D 4 3  ? 9.85900   6.30576   25.61953  1.000 255.77000 ? 3   DG    D "C2'" 1 
ATOM   766 C  "C1'" . DG    D 4 3  ? 9.44452   5.42040   26.76893  1.000 191.91000 ? 3   DG    D "C1'" 1 
ATOM   767 N  N9    . DG    D 4 3  ? 8.00612   5.18172   26.87611  1.000 181.44000 ? 3   DG    D N9    1 
ATOM   768 C  C8    . DG    D 4 3  ? 6.98870   6.07155   26.65473  1.000 187.94000 ? 3   DG    D C8    1 
ATOM   769 N  N7    . DG    D 4 3  ? 5.80485   5.54121   26.79257  1.000 184.86000 ? 3   DG    D N7    1 
ATOM   770 C  C5    . DG    D 4 3  ? 6.06031   4.21467   27.10147  1.000 194.24000 ? 3   DG    D C5    1 
ATOM   771 C  C6    . DG    D 4 3  ? 5.18065   3.14438   27.36158  1.000 206.05000 ? 3   DG    D C6    1 
ATOM   772 O  O6    . DG    D 4 3  ? 3.94319   3.15872   27.36965  1.000 205.17000 ? 3   DG    D O6    1 
ATOM   773 N  N1    . DG    D 4 3  ? 5.86205   1.96039   27.63159  1.000 217.54000 ? 3   DG    D N1    1 
ATOM   774 C  C2    . DG    D 4 3  ? 7.23100   1.82776   27.64989  1.000 210.92000 ? 3   DG    D C2    1 
ATOM   775 N  N2    . DG    D 4 3  ? 7.71506   0.61089   27.93181  1.000 244.90000 ? 3   DG    D N2    1 
ATOM   776 N  N3    . DG    D 4 3  ? 8.06397   2.82064   27.41017  1.000 168.68000 ? 3   DG    D N3    1 
ATOM   777 C  C4    . DG    D 4 3  ? 7.41948   3.97716   27.14595  1.000 171.88000 ? 3   DG    D C4    1 
ATOM   778 P  P     . DA    D 4 4  ? 13.53698  5.23973   25.21287  1.000 198.48000 ? 4   DA    D P     1 
ATOM   779 O  OP1   . DA    D 4 4  ? 14.29610  5.93422   26.27526  1.000 184.35000 ? 4   DA    D OP1   1 
ATOM   780 O  OP2   . DA    D 4 4  ? 13.61489  5.73783   23.82085  1.000 198.18000 ? 4   DA    D OP2   1 
ATOM   781 O  "O5'" . DA    D 4 4  ? 13.90817  3.68171   25.21755  1.000 202.67000 ? 4   DA    D "O5'" 1 
ATOM   782 C  "C5'" . DA    D 4 4  ? 13.57398  2.87915   26.35312  1.000 182.19000 ? 4   DA    D "C5'" 1 
ATOM   783 C  "C4'" . DA    D 4 4  ? 12.90151  1.57618   25.93861  1.000 209.74000 ? 4   DA    D "C4'" 1 
ATOM   784 O  "O4'" . DA    D 4 4  ? 11.45455  1.70966   26.01023  1.000 199.94000 ? 4   DA    D "O4'" 1 
ATOM   785 C  "C3'" . DA    D 4 4  ? 13.21281  1.09411   24.52027  1.000 170.87000 ? 4   DA    D "C3'" 1 
ATOM   786 O  "O3'" . DA    D 4 4  ? 13.47264  -0.30135  24.54391  1.000 176.62000 ? 4   DA    D "O3'" 1 
ATOM   787 C  "C2'" . DA    D 4 4  ? 11.92557  1.41123   23.76187  1.000 156.69000 ? 4   DA    D "C2'" 1 
ATOM   788 C  "C1'" . DA    D 4 4  ? 10.88592  1.17729   24.83700  1.000 163.35000 ? 4   DA    D "C1'" 1 
ATOM   789 N  N9    . DA    D 4 4  ? 9.62581   1.86378   24.58264  1.000 173.78000 ? 4   DA    D N9    1 
ATOM   790 C  C8    . DA    D 4 4  ? 9.45949   3.17953   24.25185  1.000 177.11000 ? 4   DA    D C8    1 
ATOM   791 N  N7    . DA    D 4 4  ? 8.20668   3.52987   24.08636  1.000 138.85000 ? 4   DA    D N7    1 
ATOM   792 C  C5    . DA    D 4 4  ? 7.50200   2.36213   24.32288  1.000 150.66000 ? 4   DA    D C5    1 
ATOM   793 C  C6    . DA    D 4 4  ? 6.12606   2.06873   24.30460  1.000 155.57000 ? 4   DA    D C6    1 
ATOM   794 N  N6    . DA    D 4 4  ? 5.19058   2.97734   24.02338  1.000 156.19000 ? 4   DA    D N6    1 
ATOM   795 N  N1    . DA    D 4 4  ? 5.75177   0.80214   24.58838  1.000 197.71000 ? 4   DA    D N1    1 
ATOM   796 C  C2    . DA    D 4 4  ? 6.69710   -0.10234  24.86821  1.000 206.99000 ? 4   DA    D C2    1 
ATOM   797 N  N3    . DA    D 4 4  ? 8.02088   0.05646   24.91691  1.000 180.09000 ? 4   DA    D N3    1 
ATOM   798 C  C4    . DA    D 4 4  ? 8.36063   1.32455   24.63028  1.000 173.74000 ? 4   DA    D C4    1 
ATOM   799 P  P     . DT    D 4 5  ? 14.02028  -1.06894  23.24093  1.000 215.48000 ? 5   DT    D P     1 
ATOM   800 O  OP1   . DT    D 4 5  ? 15.39624  -1.51197  23.54718  1.000 209.90000 ? 5   DT    D OP1   1 
ATOM   801 O  OP2   . DT    D 4 5  ? 13.78959  -0.24490  22.03429  1.000 240.53000 ? 5   DT    D OP2   1 
ATOM   802 O  "O5'" . DT    D 4 5  ? 13.06218  -2.34157  23.14934  1.000 197.35000 ? 5   DT    D "O5'" 1 
ATOM   803 C  "C5'" . DT    D 4 5  ? 11.69458  -2.19255  23.46765  1.000 182.89000 ? 5   DT    D "C5'" 1 
ATOM   804 C  "C4'" . DT    D 4 5  ? 10.95869  -3.50961  23.36686  1.000 192.73000 ? 5   DT    D "C4'" 1 
ATOM   805 O  "O4'" . DT    D 4 5  ? 9.53853   -3.24557  23.34885  1.000 189.29000 ? 5   DT    D "O4'" 1 
ATOM   806 C  "C3'" . DT    D 4 5  ? 11.22223  -4.30337  22.09963  1.000 191.60000 ? 5   DT    D "C3'" 1 
ATOM   807 O  "O3'" . DT    D 4 5  ? 10.93625  -5.69393  22.33454  1.000 196.00000 ? 5   DT    D "O3'" 1 
ATOM   808 C  "C2'" . DT    D 4 5  ? 10.23900  -3.66761  21.11589  1.000 150.02000 ? 5   DT    D "C2'" 1 
ATOM   809 C  "C1'" . DT    D 4 5  ? 9.05563   -3.30007  22.01897  1.000 184.78000 ? 5   DT    D "C1'" 1 
ATOM   810 N  N1    . DT    D 4 5  ? 8.42479   -1.98253  21.68535  1.000 177.05000 ? 5   DT    D N1    1 
ATOM   811 C  C2    . DT    D 4 5  ? 7.05689   -1.90758  21.57683  1.000 173.57000 ? 5   DT    D C2    1 
ATOM   812 O  O2    . DT    D 4 5  ? 6.32617   -2.86307  21.74295  1.000 184.56000 ? 5   DT    D O2    1 
ATOM   813 N  N3    . DT    D 4 5  ? 6.56890   -0.66631  21.27053  1.000 166.75000 ? 5   DT    D N3    1 
ATOM   814 C  C4    . DT    D 4 5  ? 7.30046   0.48532   21.06148  1.000 163.02000 ? 5   DT    D C4    1 
ATOM   815 O  O4    . DT    D 4 5  ? 6.76972   1.55658   20.78894  1.000 169.02000 ? 5   DT    D O4    1 
ATOM   816 C  C5    . DT    D 4 5  ? 8.73195   0.33834   21.19076  1.000 175.20000 ? 5   DT    D C5    1 
ATOM   817 C  C7    . DT    D 4 5  ? 9.62980   1.52015   20.98635  1.000 162.46000 ? 5   DT    D C7    1 
ATOM   818 C  C6    . DT    D 4 5  ? 9.21861   -0.87474  21.49081  1.000 175.41000 ? 5   DT    D C6    1 
ATOM   819 P  P     . DG    D 4 6  ? 10.96566  -6.76753  21.13506  1.000 214.67000 ? 6   DG    D P     1 
ATOM   820 O  OP1   . DG    D 4 6  ? 11.41827  -8.06365  21.69038  1.000 187.84000 ? 6   DG    D OP1   1 
ATOM   821 O  OP2   . DG    D 4 6  ? 11.70311  -6.17988  19.99684  1.000 195.87000 ? 6   DG    D OP2   1 
ATOM   822 O  "O5'" . DG    D 4 6  ? 9.42340   -6.93027  20.74031  1.000 180.35000 ? 6   DG    D "O5'" 1 
ATOM   823 C  "C5'" . DG    D 4 6  ? 8.51107   -7.46799  21.69323  1.000 218.32000 ? 6   DG    D "C5'" 1 
ATOM   824 C  "C4'" . DG    D 4 6  ? 7.07755   -7.38783  21.19513  1.000 186.27000 ? 6   DG    D "C4'" 1 
ATOM   825 O  "O4'" . DG    D 4 6  ? 6.72838   -6.00216  20.93882  1.000 170.67000 ? 6   DG    D "O4'" 1 
ATOM   826 C  "C3'" . DG    D 4 6  ? 6.78711   -8.15730  19.90497  1.000 164.22000 ? 6   DG    D "C3'" 1 
ATOM   827 O  "O3'" . DG    D 4 6  ? 5.56882   -8.89933  20.04037  1.000 172.44000 ? 6   DG    D "O3'" 1 
ATOM   828 C  "C2'" . DG    D 4 6  ? 6.66849   -7.05157  18.85401  1.000 149.76000 ? 6   DG    D "C2'" 1 
ATOM   829 C  "C1'" . DG    D 4 6  ? 6.12059   -5.89344  19.67630  1.000 168.75000 ? 6   DG    D "C1'" 1 
ATOM   830 N  N9    . DG    D 4 6  ? 6.44791   -4.58308  19.11849  1.000 175.84000 ? 6   DG    D N9    1 
ATOM   831 C  C8    . DG    D 4 6  ? 7.69124   -4.12262  18.76626  1.000 207.22000 ? 6   DG    D C8    1 
ATOM   832 N  N7    . DG    D 4 6  ? 7.68084   -2.90948  18.28902  1.000 228.74000 ? 6   DG    D N7    1 
ATOM   833 C  C5    . DG    D 4 6  ? 6.34495   -2.53803  18.33375  1.000 176.18000 ? 6   DG    D C5    1 
ATOM   834 C  C6    . DG    D 4 6  ? 5.72216   -1.32592  17.94706  1.000 171.02000 ? 6   DG    D C6    1 
ATOM   835 O  O6    . DG    D 4 6  ? 6.24968   -0.30917  17.47492  1.000 200.53000 ? 6   DG    D O6    1 
ATOM   836 N  N1    . DG    D 4 6  ? 4.34762   -1.36244  18.15873  1.000 175.17000 ? 6   DG    D N1    1 
ATOM   837 C  C2    . DG    D 4 6  ? 3.66311   -2.43813  18.67562  1.000 185.40000 ? 6   DG    D C2    1 
ATOM   838 N  N2    . DG    D 4 6  ? 2.33615   -2.29679  18.80630  1.000 247.77000 ? 6   DG    D N2    1 
ATOM   839 N  N3    . DG    D 4 6  ? 4.23642   -3.57850  19.04003  1.000 160.74000 ? 6   DG    D N3    1 
ATOM   840 C  C4    . DG    D 4 6  ? 5.57211   -3.55754  18.84199  1.000 163.01000 ? 6   DG    D C4    1 
ATOM   841 P  P     . DT    D 4 7  ? 5.18818   -10.06188 18.99881  1.000 198.46000 ? 7   DT    D P     1 
ATOM   842 O  OP1   . DT    D 4 7  ? 4.80862   -11.26629 19.77120  1.000 207.10000 ? 7   DT    D OP1   1 
ATOM   843 O  OP2   . DT    D 4 7  ? 6.28299   -10.17741 18.01134  1.000 257.30000 ? 7   DT    D OP2   1 
ATOM   844 O  "O5'" . DT    D 4 7  ? 3.89622   -9.48757  18.24723  1.000 148.23000 ? 7   DT    D "O5'" 1 
ATOM   845 C  "C5'" . DT    D 4 7  ? 4.04204   -8.58178  17.15968  1.000 161.77000 ? 7   DT    D "C5'" 1 
ATOM   846 C  "C4'" . DT    D 4 7  ? 2.77756   -7.76754  16.96456  1.000 149.29000 ? 7   DT    D "C4'" 1 
ATOM   847 O  "O4'" . DT    D 4 7  ? 2.98750   -6.42166  17.45483  1.000 149.21000 ? 7   DT    D "O4'" 1 
ATOM   848 C  "C3'" . DT    D 4 7  ? 2.35461   -7.57255  15.52322  1.000 138.60000 ? 7   DT    D "C3'" 1 
ATOM   849 O  "O3'" . DT    D 4 7  ? 1.62950   -8.69783  15.06656  1.000 124.42000 ? 7   DT    D "O3'" 1 
ATOM   850 C  "C2'" . DT    D 4 7  ? 1.46749   -6.34070  15.64031  1.000 142.59000 ? 7   DT    D "C2'" 1 
ATOM   851 C  "C1'" . DT    D 4 7  ? 2.24096   -5.50812  16.66220  1.000 160.66000 ? 7   DT    D "C1'" 1 
ATOM   852 N  N1    . DT    D 4 7  ? 3.17904   -4.53203  16.03351  1.000 157.78000 ? 7   DT    D N1    1 
ATOM   853 C  C2    . DT    D 4 7  ? 2.68152   -3.35310  15.53823  1.000 185.12000 ? 7   DT    D C2    1 
ATOM   854 O  O2    . DT    D 4 7  ? 1.50667   -3.04840  15.59911  1.000 309.28000 ? 7   DT    D O2    1 
ATOM   855 N  N3    . DT    D 4 7  ? 3.61392   -2.52014  14.98498  1.000 160.35000 ? 7   DT    D N3    1 
ATOM   856 C  C4    . DT    D 4 7  ? 4.96949   -2.75248  14.86287  1.000 152.82000 ? 7   DT    D C4    1 
ATOM   857 O  O4    . DT    D 4 7  ? 5.73156   -1.94440  14.33804  1.000 244.82000 ? 7   DT    D O4    1 
ATOM   858 C  C5    . DT    D 4 7  ? 5.42850   -4.01524  15.39007  1.000 142.95000 ? 7   DT    D C5    1 
ATOM   859 C  C7    . DT    D 4 7  ? 6.88102   -4.37786  15.31320  1.000 179.29000 ? 7   DT    D C7    1 
ATOM   860 C  C6    . DT    D 4 7  ? 4.52035   -4.83564  15.94394  1.000 138.13000 ? 7   DT    D C6    1 
HETATM 861 AU AU    . AU    E 5 .  ? 3.32245   0.47221   1.14494   1.000 205.58000 ? 101 AU    A AU    1 
HETATM 862 AU AU    . AU    F 5 .  ? 0.93751   -2.02420  1.47636   0.500 187.24000 ? 101 AU    B AU    1 
# 
